data_4MRF
# 
_entry.id   4MRF 
# 
_audit_conform.dict_name       mmcif_pdbx.dic 
_audit_conform.dict_version    5.399 
_audit_conform.dict_location   http://mmcif.pdb.org/dictionaries/ascii/mmcif_pdbx.dic 
# 
loop_
_database_2.database_id 
_database_2.database_code 
_database_2.pdbx_database_accession 
_database_2.pdbx_DOI 
PDB   4MRF         pdb_00004mrf 10.2210/pdb4mrf/pdb 
RCSB  RCSB082272   ?            ?                   
WWPDB D_1000082272 ?            ?                   
# 
loop_
_pdbx_audit_revision_history.ordinal 
_pdbx_audit_revision_history.data_content_type 
_pdbx_audit_revision_history.major_revision 
_pdbx_audit_revision_history.minor_revision 
_pdbx_audit_revision_history.revision_date 
1 'Structure model' 1 0 2014-04-16 
2 'Structure model' 1 1 2018-04-18 
3 'Structure model' 1 2 2023-09-20 
4 'Structure model' 1 3 2024-11-27 
# 
_pdbx_audit_revision_details.ordinal             1 
_pdbx_audit_revision_details.revision_ordinal    1 
_pdbx_audit_revision_details.data_content_type   'Structure model' 
_pdbx_audit_revision_details.provider            repository 
_pdbx_audit_revision_details.type                'Initial release' 
_pdbx_audit_revision_details.description         ? 
_pdbx_audit_revision_details.details             ? 
# 
loop_
_pdbx_audit_revision_group.ordinal 
_pdbx_audit_revision_group.revision_ordinal 
_pdbx_audit_revision_group.data_content_type 
_pdbx_audit_revision_group.group 
1 2 'Structure model' 'Data collection'        
2 3 'Structure model' 'Data collection'        
3 3 'Structure model' 'Database references'    
4 3 'Structure model' 'Derived calculations'   
5 3 'Structure model' 'Refinement description' 
6 4 'Structure model' 'Structure summary'      
# 
loop_
_pdbx_audit_revision_category.ordinal 
_pdbx_audit_revision_category.revision_ordinal 
_pdbx_audit_revision_category.data_content_type 
_pdbx_audit_revision_category.category 
1 2 'Structure model' diffrn_detector               
2 3 'Structure model' chem_comp_atom                
3 3 'Structure model' chem_comp_bond                
4 3 'Structure model' database_2                    
5 3 'Structure model' pdbx_initial_refinement_model 
6 3 'Structure model' struct_ref_seq_dif            
7 3 'Structure model' struct_site                   
8 4 'Structure model' pdbx_entry_details            
9 4 'Structure model' pdbx_modification_feature     
# 
loop_
_pdbx_audit_revision_item.ordinal 
_pdbx_audit_revision_item.revision_ordinal 
_pdbx_audit_revision_item.data_content_type 
_pdbx_audit_revision_item.item 
1 2 'Structure model' '_diffrn_detector.detector'           
2 3 'Structure model' '_database_2.pdbx_DOI'                
3 3 'Structure model' '_database_2.pdbx_database_accession' 
4 3 'Structure model' '_struct_ref_seq_dif.details'         
5 3 'Structure model' '_struct_site.pdbx_auth_asym_id'      
6 3 'Structure model' '_struct_site.pdbx_auth_comp_id'      
7 3 'Structure model' '_struct_site.pdbx_auth_seq_id'       
# 
_pdbx_database_status.entry_id                        4MRF 
_pdbx_database_status.status_code                     REL 
_pdbx_database_status.deposit_site                    RCSB 
_pdbx_database_status.process_site                    RCSB 
_pdbx_database_status.recvd_initial_deposition_date   2013-09-17 
_pdbx_database_status.status_code_sf                  REL 
_pdbx_database_status.status_code_mr                  ? 
_pdbx_database_status.SG_entry                        ? 
_pdbx_database_status.status_code_cs                  ? 
_pdbx_database_status.methods_development_category    ? 
_pdbx_database_status.pdb_format_compatible           Y 
_pdbx_database_status.status_code_nmr_data            ? 
# 
loop_
_pdbx_database_related.db_name 
_pdbx_database_related.db_id 
_pdbx_database_related.details 
_pdbx_database_related.content_type 
PDB 4MRD . unspecified 
PDB 4MRE . unspecified 
PDB 4MRG . unspecified 
PDB 4MRH . unspecified 
PDB 4NP2 . unspecified 
PDB 4NP3 . unspecified 
# 
loop_
_audit_author.name 
_audit_author.pdbx_ordinal 
'Liu, L.K.'  1 
'Finzel, B.' 2 
# 
loop_
_citation.id 
_citation.title 
_citation.journal_abbrev 
_citation.journal_volume 
_citation.page_first 
_citation.page_last 
_citation.year 
_citation.journal_id_ASTM 
_citation.country 
_citation.journal_id_ISSN 
_citation.journal_id_CSD 
_citation.book_publisher 
_citation.pdbx_database_id_PubMed 
_citation.pdbx_database_id_DOI 
primary 
;Fragment-Based Identification of an Inducible Binding Site on Cell Surface Receptor CD44 for the Design of Protein-Carbohydrate Interaction Inhibitors.
;
J.Med.Chem.          57 2714 2725 2014 JMCMAR US 0022-2623 0151 ? 24606063 10.1021/jm5000276 
1       'Structures of the Cd44-hyaluronan complex provide insight into a fundamental carbohydrate-protein interaction.' 
Nat.Struct.Mol.Biol. 14 234  239  2007 ?      US 1545-9993 ?    ? 17293874 10.1038/nsmb1201  
# 
loop_
_citation_author.citation_id 
_citation_author.name 
_citation_author.ordinal 
_citation_author.identifier_ORCID 
primary 'Liu, L.K.'      1 ? 
primary 'Finzel, B.C.'   2 ? 
1       'Banerji, S.'    3 ? 
1       'Wright, A.J.'   4 ? 
1       'Noble, M.'      5 ? 
1       'Mahoney, D.J.'  6 ? 
1       'Campbell, I.D.' 7 ? 
1       'Day, A.J.'      8 ? 
1       'Jackson, D.G.'  9 ? 
# 
loop_
_entity.id 
_entity.type 
_entity.src_method 
_entity.pdbx_description 
_entity.formula_weight 
_entity.pdbx_number_of_molecules 
_entity.pdbx_ec 
_entity.pdbx_mutation 
_entity.pdbx_fragment 
_entity.details 
1 polymer     man 'CD44 antigen'                 16724.604 1  ? ? 'HYALURONAN BINDING DOMAIN, RESIDUES 23-171' ? 
2 non-polymer syn 'DIMETHYL SULFOXIDE'           78.133    1  ? ? ?                                            ? 
3 non-polymer syn GLYCEROL                       92.094    1  ? ? ?                                            ? 
4 non-polymer syn 1,2,3,4-tetrahydroisoquinoline 133.190   1  ? ? ?                                            ? 
5 non-polymer syn 'SULFATE ION'                  96.063    1  ? ? ?                                            ? 
6 water       nat water                          18.015    60 ? ? ?                                            ? 
# 
_entity_name_com.entity_id   1 
_entity_name_com.name        
;Extracellular matrix receptor III, ECMR-III, GP90 lymphocyte homing/adhesion receptor, HUTCH-I, Hermes antigen, Hyaluronate receptor, Lymphocyte antigen 24, Ly-24, Phagocytic glycoprotein 1, PGP-1, Phagocytic glycoprotein I, PGP-I
;
# 
_entity_poly.entity_id                      1 
_entity_poly.type                           'polypeptide(L)' 
_entity_poly.nstd_linkage                   no 
_entity_poly.nstd_monomer                   no 
_entity_poly.pdbx_seq_one_letter_code       
;NQIDLNVTCRYAGVFHVEKNGRYSISRTEAADLCQAFNSTLPTMDQMKLALSKGFETCRYGFIEGNVVIPRIHPNAICAA
NHTGVYILVTSNTSHYDTYCFNASAPPEEDCTSVTDLPNSFDGPVTITIVNRDGTRYSKKGEYRTHQEDI
;
_entity_poly.pdbx_seq_one_letter_code_can   
;NQIDLNVTCRYAGVFHVEKNGRYSISRTEAADLCQAFNSTLPTMDQMKLALSKGFETCRYGFIEGNVVIPRIHPNAICAA
NHTGVYILVTSNTSHYDTYCFNASAPPEEDCTSVTDLPNSFDGPVTITIVNRDGTRYSKKGEYRTHQEDI
;
_entity_poly.pdbx_strand_id                 A 
_entity_poly.pdbx_target_identifier         ? 
# 
loop_
_pdbx_entity_nonpoly.entity_id 
_pdbx_entity_nonpoly.name 
_pdbx_entity_nonpoly.comp_id 
2 'DIMETHYL SULFOXIDE'           DMS 
3 GLYCEROL                       GOL 
4 1,2,3,4-tetrahydroisoquinoline 2CK 
5 'SULFATE ION'                  SO4 
6 water                          HOH 
# 
loop_
_entity_poly_seq.entity_id 
_entity_poly_seq.num 
_entity_poly_seq.mon_id 
_entity_poly_seq.hetero 
1 1   ASN n 
1 2   GLN n 
1 3   ILE n 
1 4   ASP n 
1 5   LEU n 
1 6   ASN n 
1 7   VAL n 
1 8   THR n 
1 9   CYS n 
1 10  ARG n 
1 11  TYR n 
1 12  ALA n 
1 13  GLY n 
1 14  VAL n 
1 15  PHE n 
1 16  HIS n 
1 17  VAL n 
1 18  GLU n 
1 19  LYS n 
1 20  ASN n 
1 21  GLY n 
1 22  ARG n 
1 23  TYR n 
1 24  SER n 
1 25  ILE n 
1 26  SER n 
1 27  ARG n 
1 28  THR n 
1 29  GLU n 
1 30  ALA n 
1 31  ALA n 
1 32  ASP n 
1 33  LEU n 
1 34  CYS n 
1 35  GLN n 
1 36  ALA n 
1 37  PHE n 
1 38  ASN n 
1 39  SER n 
1 40  THR n 
1 41  LEU n 
1 42  PRO n 
1 43  THR n 
1 44  MET n 
1 45  ASP n 
1 46  GLN n 
1 47  MET n 
1 48  LYS n 
1 49  LEU n 
1 50  ALA n 
1 51  LEU n 
1 52  SER n 
1 53  LYS n 
1 54  GLY n 
1 55  PHE n 
1 56  GLU n 
1 57  THR n 
1 58  CYS n 
1 59  ARG n 
1 60  TYR n 
1 61  GLY n 
1 62  PHE n 
1 63  ILE n 
1 64  GLU n 
1 65  GLY n 
1 66  ASN n 
1 67  VAL n 
1 68  VAL n 
1 69  ILE n 
1 70  PRO n 
1 71  ARG n 
1 72  ILE n 
1 73  HIS n 
1 74  PRO n 
1 75  ASN n 
1 76  ALA n 
1 77  ILE n 
1 78  CYS n 
1 79  ALA n 
1 80  ALA n 
1 81  ASN n 
1 82  HIS n 
1 83  THR n 
1 84  GLY n 
1 85  VAL n 
1 86  TYR n 
1 87  ILE n 
1 88  LEU n 
1 89  VAL n 
1 90  THR n 
1 91  SER n 
1 92  ASN n 
1 93  THR n 
1 94  SER n 
1 95  HIS n 
1 96  TYR n 
1 97  ASP n 
1 98  THR n 
1 99  TYR n 
1 100 CYS n 
1 101 PHE n 
1 102 ASN n 
1 103 ALA n 
1 104 SER n 
1 105 ALA n 
1 106 PRO n 
1 107 PRO n 
1 108 GLU n 
1 109 GLU n 
1 110 ASP n 
1 111 CYS n 
1 112 THR n 
1 113 SER n 
1 114 VAL n 
1 115 THR n 
1 116 ASP n 
1 117 LEU n 
1 118 PRO n 
1 119 ASN n 
1 120 SER n 
1 121 PHE n 
1 122 ASP n 
1 123 GLY n 
1 124 PRO n 
1 125 VAL n 
1 126 THR n 
1 127 ILE n 
1 128 THR n 
1 129 ILE n 
1 130 VAL n 
1 131 ASN n 
1 132 ARG n 
1 133 ASP n 
1 134 GLY n 
1 135 THR n 
1 136 ARG n 
1 137 TYR n 
1 138 SER n 
1 139 LYS n 
1 140 LYS n 
1 141 GLY n 
1 142 GLU n 
1 143 TYR n 
1 144 ARG n 
1 145 THR n 
1 146 HIS n 
1 147 GLN n 
1 148 GLU n 
1 149 ASP n 
1 150 ILE n 
# 
_entity_src_gen.entity_id                          1 
_entity_src_gen.pdbx_src_id                        1 
_entity_src_gen.pdbx_alt_source_flag               sample 
_entity_src_gen.pdbx_seq_type                      ? 
_entity_src_gen.pdbx_beg_seq_num                   ? 
_entity_src_gen.pdbx_end_seq_num                   ? 
_entity_src_gen.gene_src_common_name               mouse 
_entity_src_gen.gene_src_genus                     ? 
_entity_src_gen.pdbx_gene_src_gene                 'Cd44, Cd44 Ly-24, Ly-24' 
_entity_src_gen.gene_src_species                   ? 
_entity_src_gen.gene_src_strain                    ? 
_entity_src_gen.gene_src_tissue                    ? 
_entity_src_gen.gene_src_tissue_fraction           ? 
_entity_src_gen.gene_src_details                   ? 
_entity_src_gen.pdbx_gene_src_fragment             ? 
_entity_src_gen.pdbx_gene_src_scientific_name      'Mus musculus' 
_entity_src_gen.pdbx_gene_src_ncbi_taxonomy_id     10090 
_entity_src_gen.pdbx_gene_src_variant              ? 
_entity_src_gen.pdbx_gene_src_cell_line            ? 
_entity_src_gen.pdbx_gene_src_atcc                 ? 
_entity_src_gen.pdbx_gene_src_organ                ? 
_entity_src_gen.pdbx_gene_src_organelle            ? 
_entity_src_gen.pdbx_gene_src_cell                 ? 
_entity_src_gen.pdbx_gene_src_cellular_location    ? 
_entity_src_gen.host_org_common_name               ? 
_entity_src_gen.pdbx_host_org_scientific_name      'Escherichia coli' 
_entity_src_gen.pdbx_host_org_ncbi_taxonomy_id     469008 
_entity_src_gen.host_org_genus                     ? 
_entity_src_gen.pdbx_host_org_gene                 ? 
_entity_src_gen.pdbx_host_org_organ                ? 
_entity_src_gen.host_org_species                   ? 
_entity_src_gen.pdbx_host_org_tissue               ? 
_entity_src_gen.pdbx_host_org_tissue_fraction      ? 
_entity_src_gen.pdbx_host_org_strain               'BL21(DE3)' 
_entity_src_gen.pdbx_host_org_variant              ? 
_entity_src_gen.pdbx_host_org_cell_line            ? 
_entity_src_gen.pdbx_host_org_atcc                 ? 
_entity_src_gen.pdbx_host_org_culture_collection   ? 
_entity_src_gen.pdbx_host_org_cell                 ? 
_entity_src_gen.pdbx_host_org_organelle            ? 
_entity_src_gen.pdbx_host_org_cellular_location    ? 
_entity_src_gen.pdbx_host_org_vector_type          plasmid 
_entity_src_gen.pdbx_host_org_vector               ? 
_entity_src_gen.host_org_details                   ? 
_entity_src_gen.expression_system_id               ? 
_entity_src_gen.plasmid_name                       pMCSG7 
_entity_src_gen.plasmid_details                    ? 
_entity_src_gen.pdbx_description                   ? 
# 
loop_
_chem_comp.id 
_chem_comp.type 
_chem_comp.mon_nstd_flag 
_chem_comp.name 
_chem_comp.pdbx_synonyms 
_chem_comp.formula 
_chem_comp.formula_weight 
2CK non-polymer         . 1,2,3,4-tetrahydroisoquinoline ?                               'C9 H11 N'       133.190 
ALA 'L-peptide linking' y ALANINE                        ?                               'C3 H7 N O2'     89.093  
ARG 'L-peptide linking' y ARGININE                       ?                               'C6 H15 N4 O2 1' 175.209 
ASN 'L-peptide linking' y ASPARAGINE                     ?                               'C4 H8 N2 O3'    132.118 
ASP 'L-peptide linking' y 'ASPARTIC ACID'                ?                               'C4 H7 N O4'     133.103 
CYS 'L-peptide linking' y CYSTEINE                       ?                               'C3 H7 N O2 S'   121.158 
DMS non-polymer         . 'DIMETHYL SULFOXIDE'           ?                               'C2 H6 O S'      78.133  
GLN 'L-peptide linking' y GLUTAMINE                      ?                               'C5 H10 N2 O3'   146.144 
GLU 'L-peptide linking' y 'GLUTAMIC ACID'                ?                               'C5 H9 N O4'     147.129 
GLY 'peptide linking'   y GLYCINE                        ?                               'C2 H5 N O2'     75.067  
GOL non-polymer         . GLYCEROL                       'GLYCERIN; PROPANE-1,2,3-TRIOL' 'C3 H8 O3'       92.094  
HIS 'L-peptide linking' y HISTIDINE                      ?                               'C6 H10 N3 O2 1' 156.162 
HOH non-polymer         . WATER                          ?                               'H2 O'           18.015  
ILE 'L-peptide linking' y ISOLEUCINE                     ?                               'C6 H13 N O2'    131.173 
LEU 'L-peptide linking' y LEUCINE                        ?                               'C6 H13 N O2'    131.173 
LYS 'L-peptide linking' y LYSINE                         ?                               'C6 H15 N2 O2 1' 147.195 
MET 'L-peptide linking' y METHIONINE                     ?                               'C5 H11 N O2 S'  149.211 
PHE 'L-peptide linking' y PHENYLALANINE                  ?                               'C9 H11 N O2'    165.189 
PRO 'L-peptide linking' y PROLINE                        ?                               'C5 H9 N O2'     115.130 
SER 'L-peptide linking' y SERINE                         ?                               'C3 H7 N O3'     105.093 
SO4 non-polymer         . 'SULFATE ION'                  ?                               'O4 S -2'        96.063  
THR 'L-peptide linking' y THREONINE                      ?                               'C4 H9 N O3'     119.119 
TYR 'L-peptide linking' y TYROSINE                       ?                               'C9 H11 N O3'    181.189 
VAL 'L-peptide linking' y VALINE                         ?                               'C5 H11 N O2'    117.146 
# 
loop_
_pdbx_poly_seq_scheme.asym_id 
_pdbx_poly_seq_scheme.entity_id 
_pdbx_poly_seq_scheme.seq_id 
_pdbx_poly_seq_scheme.mon_id 
_pdbx_poly_seq_scheme.ndb_seq_num 
_pdbx_poly_seq_scheme.pdb_seq_num 
_pdbx_poly_seq_scheme.auth_seq_num 
_pdbx_poly_seq_scheme.pdb_mon_id 
_pdbx_poly_seq_scheme.auth_mon_id 
_pdbx_poly_seq_scheme.pdb_strand_id 
_pdbx_poly_seq_scheme.pdb_ins_code 
_pdbx_poly_seq_scheme.hetero 
A 1 1   ASN 1   24  24  ASN ASN A . n 
A 1 2   GLN 2   25  25  GLN GLN A . n 
A 1 3   ILE 3   26  26  ILE ILE A . n 
A 1 4   ASP 4   27  27  ASP ASP A . n 
A 1 5   LEU 5   28  28  LEU LEU A . n 
A 1 6   ASN 6   29  29  ASN ASN A . n 
A 1 7   VAL 7   30  30  VAL VAL A . n 
A 1 8   THR 8   31  31  THR THR A . n 
A 1 9   CYS 9   32  32  CYS CYS A . n 
A 1 10  ARG 10  33  33  ARG ARG A . n 
A 1 11  TYR 11  34  34  TYR TYR A . n 
A 1 12  ALA 12  35  35  ALA ALA A . n 
A 1 13  GLY 13  36  36  GLY GLY A . n 
A 1 14  VAL 14  37  37  VAL VAL A . n 
A 1 15  PHE 15  38  38  PHE PHE A . n 
A 1 16  HIS 16  39  39  HIS HIS A . n 
A 1 17  VAL 17  40  40  VAL VAL A . n 
A 1 18  GLU 18  41  41  GLU GLU A . n 
A 1 19  LYS 19  42  42  LYS LYS A . n 
A 1 20  ASN 20  43  43  ASN ASN A . n 
A 1 21  GLY 21  44  44  GLY GLY A . n 
A 1 22  ARG 22  45  45  ARG ARG A . n 
A 1 23  TYR 23  46  46  TYR TYR A . n 
A 1 24  SER 24  47  47  SER SER A . n 
A 1 25  ILE 25  48  48  ILE ILE A . n 
A 1 26  SER 26  49  49  SER SER A . n 
A 1 27  ARG 27  50  50  ARG ARG A . n 
A 1 28  THR 28  51  51  THR THR A . n 
A 1 29  GLU 29  52  52  GLU GLU A . n 
A 1 30  ALA 30  53  53  ALA ALA A . n 
A 1 31  ALA 31  54  54  ALA ALA A . n 
A 1 32  ASP 32  55  55  ASP ASP A . n 
A 1 33  LEU 33  56  56  LEU LEU A . n 
A 1 34  CYS 34  57  57  CYS CYS A . n 
A 1 35  GLN 35  58  58  GLN GLN A . n 
A 1 36  ALA 36  59  59  ALA ALA A . n 
A 1 37  PHE 37  60  60  PHE PHE A . n 
A 1 38  ASN 38  61  61  ASN ASN A . n 
A 1 39  SER 39  62  62  SER SER A . n 
A 1 40  THR 40  63  63  THR THR A . n 
A 1 41  LEU 41  64  64  LEU LEU A . n 
A 1 42  PRO 42  65  65  PRO PRO A . n 
A 1 43  THR 43  66  66  THR THR A . n 
A 1 44  MET 44  67  67  MET MET A . n 
A 1 45  ASP 45  68  68  ASP ASP A . n 
A 1 46  GLN 46  69  69  GLN GLN A . n 
A 1 47  MET 47  70  70  MET MET A . n 
A 1 48  LYS 48  71  71  LYS LYS A . n 
A 1 49  LEU 49  72  72  LEU LEU A . n 
A 1 50  ALA 50  73  73  ALA ALA A . n 
A 1 51  LEU 51  74  74  LEU LEU A . n 
A 1 52  SER 52  75  75  SER SER A . n 
A 1 53  LYS 53  76  76  LYS LYS A . n 
A 1 54  GLY 54  77  77  GLY GLY A . n 
A 1 55  PHE 55  78  78  PHE PHE A . n 
A 1 56  GLU 56  79  79  GLU GLU A . n 
A 1 57  THR 57  80  80  THR THR A . n 
A 1 58  CYS 58  81  81  CYS CYS A . n 
A 1 59  ARG 59  82  82  ARG ARG A . n 
A 1 60  TYR 60  83  83  TYR TYR A . n 
A 1 61  GLY 61  84  84  GLY GLY A . n 
A 1 62  PHE 62  85  85  PHE PHE A . n 
A 1 63  ILE 63  86  86  ILE ILE A . n 
A 1 64  GLU 64  87  87  GLU GLU A . n 
A 1 65  GLY 65  88  88  GLY GLY A . n 
A 1 66  ASN 66  89  89  ASN ASN A . n 
A 1 67  VAL 67  90  90  VAL VAL A . n 
A 1 68  VAL 68  91  91  VAL VAL A . n 
A 1 69  ILE 69  92  92  ILE ILE A . n 
A 1 70  PRO 70  93  93  PRO PRO A . n 
A 1 71  ARG 71  94  94  ARG ARG A . n 
A 1 72  ILE 72  95  95  ILE ILE A . n 
A 1 73  HIS 73  96  96  HIS HIS A . n 
A 1 74  PRO 74  97  97  PRO PRO A . n 
A 1 75  ASN 75  98  98  ASN ASN A . n 
A 1 76  ALA 76  99  99  ALA ALA A . n 
A 1 77  ILE 77  100 100 ILE ILE A . n 
A 1 78  CYS 78  101 101 CYS CYS A . n 
A 1 79  ALA 79  102 102 ALA ALA A . n 
A 1 80  ALA 80  103 103 ALA ALA A . n 
A 1 81  ASN 81  104 104 ASN ASN A . n 
A 1 82  HIS 82  105 105 HIS HIS A . n 
A 1 83  THR 83  106 106 THR THR A . n 
A 1 84  GLY 84  107 107 GLY GLY A . n 
A 1 85  VAL 85  108 108 VAL VAL A . n 
A 1 86  TYR 86  109 109 TYR TYR A . n 
A 1 87  ILE 87  110 110 ILE ILE A . n 
A 1 88  LEU 88  111 111 LEU LEU A . n 
A 1 89  VAL 89  112 112 VAL VAL A . n 
A 1 90  THR 90  113 113 THR THR A . n 
A 1 91  SER 91  114 114 SER SER A . n 
A 1 92  ASN 92  115 115 ASN ASN A . n 
A 1 93  THR 93  116 116 THR THR A . n 
A 1 94  SER 94  117 117 SER SER A . n 
A 1 95  HIS 95  118 118 HIS HIS A . n 
A 1 96  TYR 96  119 119 TYR TYR A . n 
A 1 97  ASP 97  120 120 ASP ASP A . n 
A 1 98  THR 98  121 121 THR THR A . n 
A 1 99  TYR 99  122 122 TYR TYR A . n 
A 1 100 CYS 100 123 123 CYS CYS A . n 
A 1 101 PHE 101 124 124 PHE PHE A . n 
A 1 102 ASN 102 125 125 ASN ASN A . n 
A 1 103 ALA 103 126 126 ALA ALA A . n 
A 1 104 SER 104 127 127 SER SER A . n 
A 1 105 ALA 105 128 128 ALA ALA A . n 
A 1 106 PRO 106 129 129 PRO PRO A . n 
A 1 107 PRO 107 130 130 PRO PRO A . n 
A 1 108 GLU 108 131 131 GLU GLU A . n 
A 1 109 GLU 109 132 132 GLU GLU A . n 
A 1 110 ASP 110 133 133 ASP ASP A . n 
A 1 111 CYS 111 134 134 CYS CYS A . n 
A 1 112 THR 112 135 135 THR THR A . n 
A 1 113 SER 113 136 136 SER SER A . n 
A 1 114 VAL 114 137 137 VAL VAL A . n 
A 1 115 THR 115 138 138 THR THR A . n 
A 1 116 ASP 116 139 139 ASP ASP A . n 
A 1 117 LEU 117 140 140 LEU LEU A . n 
A 1 118 PRO 118 141 141 PRO PRO A . n 
A 1 119 ASN 119 142 142 ASN ASN A . n 
A 1 120 SER 120 143 143 SER SER A . n 
A 1 121 PHE 121 144 144 PHE PHE A . n 
A 1 122 ASP 122 145 145 ASP ASP A . n 
A 1 123 GLY 123 146 146 GLY GLY A . n 
A 1 124 PRO 124 147 147 PRO PRO A . n 
A 1 125 VAL 125 148 148 VAL VAL A . n 
A 1 126 THR 126 149 149 THR THR A . n 
A 1 127 ILE 127 150 150 ILE ILE A . n 
A 1 128 THR 128 151 151 THR THR A . n 
A 1 129 ILE 129 152 152 ILE ILE A . n 
A 1 130 VAL 130 153 153 VAL VAL A . n 
A 1 131 ASN 131 154 154 ASN ASN A . n 
A 1 132 ARG 132 155 155 ARG ARG A . n 
A 1 133 ASP 133 156 156 ASP ASP A . n 
A 1 134 GLY 134 157 157 GLY GLY A . n 
A 1 135 THR 135 158 158 THR THR A . n 
A 1 136 ARG 136 159 159 ARG ARG A . n 
A 1 137 TYR 137 160 160 TYR TYR A . n 
A 1 138 SER 138 161 161 SER SER A . n 
A 1 139 LYS 139 162 162 LYS LYS A . n 
A 1 140 LYS 140 163 163 LYS LYS A . n 
A 1 141 GLY 141 164 164 GLY GLY A . n 
A 1 142 GLU 142 165 165 GLU GLU A . n 
A 1 143 TYR 143 166 166 TYR TYR A . n 
A 1 144 ARG 144 167 167 ARG ARG A . n 
A 1 145 THR 145 168 168 THR THR A . n 
A 1 146 HIS 146 169 169 HIS HIS A . n 
A 1 147 GLN 147 170 170 GLN GLN A . n 
A 1 148 GLU 148 171 171 GLU GLU A . n 
A 1 149 ASP 149 172 172 ASP ASP A . n 
A 1 150 ILE 150 173 173 ILE ILE A . n 
# 
loop_
_pdbx_nonpoly_scheme.asym_id 
_pdbx_nonpoly_scheme.entity_id 
_pdbx_nonpoly_scheme.mon_id 
_pdbx_nonpoly_scheme.ndb_seq_num 
_pdbx_nonpoly_scheme.pdb_seq_num 
_pdbx_nonpoly_scheme.auth_seq_num 
_pdbx_nonpoly_scheme.pdb_mon_id 
_pdbx_nonpoly_scheme.auth_mon_id 
_pdbx_nonpoly_scheme.pdb_strand_id 
_pdbx_nonpoly_scheme.pdb_ins_code 
B 2 DMS 1  201 1  DMS DMS A . 
C 3 GOL 1  202 1  GOL GOL A . 
D 4 2CK 1  203 1  2CK DRG A . 
E 5 SO4 1  204 2  SO4 SO4 A . 
F 6 HOH 1  301 1  HOH HOH A . 
F 6 HOH 2  302 2  HOH HOH A . 
F 6 HOH 3  303 3  HOH HOH A . 
F 6 HOH 4  304 4  HOH HOH A . 
F 6 HOH 5  305 5  HOH HOH A . 
F 6 HOH 6  306 6  HOH HOH A . 
F 6 HOH 7  307 7  HOH HOH A . 
F 6 HOH 8  308 8  HOH HOH A . 
F 6 HOH 9  309 9  HOH HOH A . 
F 6 HOH 10 310 10 HOH HOH A . 
F 6 HOH 11 311 11 HOH HOH A . 
F 6 HOH 12 312 12 HOH HOH A . 
F 6 HOH 13 313 13 HOH HOH A . 
F 6 HOH 14 314 14 HOH HOH A . 
F 6 HOH 15 315 15 HOH HOH A . 
F 6 HOH 16 316 16 HOH HOH A . 
F 6 HOH 17 317 17 HOH HOH A . 
F 6 HOH 18 318 18 HOH HOH A . 
F 6 HOH 19 319 19 HOH HOH A . 
F 6 HOH 20 320 20 HOH HOH A . 
F 6 HOH 21 321 21 HOH HOH A . 
F 6 HOH 22 322 22 HOH HOH A . 
F 6 HOH 23 323 23 HOH HOH A . 
F 6 HOH 24 324 24 HOH HOH A . 
F 6 HOH 25 325 25 HOH HOH A . 
F 6 HOH 26 326 26 HOH HOH A . 
F 6 HOH 27 327 27 HOH HOH A . 
F 6 HOH 28 328 28 HOH HOH A . 
F 6 HOH 29 329 29 HOH HOH A . 
F 6 HOH 30 330 30 HOH HOH A . 
F 6 HOH 31 331 31 HOH HOH A . 
F 6 HOH 32 332 32 HOH HOH A . 
F 6 HOH 33 333 33 HOH HOH A . 
F 6 HOH 34 334 34 HOH HOH A . 
F 6 HOH 35 335 35 HOH HOH A . 
F 6 HOH 36 336 36 HOH HOH A . 
F 6 HOH 37 337 37 HOH HOH A . 
F 6 HOH 38 338 38 HOH HOH A . 
F 6 HOH 39 339 39 HOH HOH A . 
F 6 HOH 40 340 40 HOH HOH A . 
F 6 HOH 41 341 41 HOH HOH A . 
F 6 HOH 42 342 42 HOH HOH A . 
F 6 HOH 43 343 43 HOH HOH A . 
F 6 HOH 44 344 44 HOH HOH A . 
F 6 HOH 45 345 45 HOH HOH A . 
F 6 HOH 46 346 46 HOH HOH A . 
F 6 HOH 47 347 47 HOH HOH A . 
F 6 HOH 48 348 48 HOH HOH A . 
F 6 HOH 49 349 49 HOH HOH A . 
F 6 HOH 50 350 50 HOH HOH A . 
F 6 HOH 51 351 51 HOH HOH A . 
F 6 HOH 52 352 52 HOH HOH A . 
F 6 HOH 53 353 53 HOH HOH A . 
F 6 HOH 54 354 54 HOH HOH A . 
F 6 HOH 55 355 55 HOH HOH A . 
F 6 HOH 56 356 56 HOH HOH A . 
F 6 HOH 57 357 57 HOH HOH A . 
F 6 HOH 58 358 58 HOH HOH A . 
F 6 HOH 59 359 59 HOH HOH A . 
F 6 HOH 60 360 60 HOH HOH A . 
# 
loop_
_software.pdbx_ordinal 
_software.name 
_software.version 
_software.date 
_software.type 
_software.contact_author 
_software.contact_author_email 
_software.classification 
_software.location 
_software.language 
_software.citation_id 
1 SCALA       3.3.16 2010/01/06                 other   'Phil R. Evans'      pre@mrc-lmb.cam.ac.uk       'data scaling'    
http://www.ccp4.ac.uk/dist/html/scala.html   Fortran_77 ? 
2 PHASER      2.1.4  'Wed Jun 16 18:01:28 2010' program 'Randy J. Read'      cimr-phaser@lists.cam.ac.uk phasing           
http://www-structmed.cimr.cam.ac.uk/phaser/  ?          ? 
3 REFMAC      .      ?                          program 'Garib N. Murshudov' garib@ysbl.york.ac.uk       refinement        
http://www.ccp4.ac.uk/dist/html/refmac5.html Fortran_77 ? 
4 PDB_EXTRACT 3.11   'April 22, 2011'           package PDB                  deposit@deposit.rcsb.org    'data extraction' 
http://sw-tools.pdb.org/apps/PDB_EXTRACT/    C++        ? 
5 JDirector   .      ?                          ?       ?                    ?                           'data collection' ? ? ? 
6 XDS         .      ?                          ?       ?                    ?                           'data reduction'  ? ? ? 
# 
_cell.length_a           30.805 
_cell.length_b           81.626 
_cell.length_c           32.358 
_cell.angle_alpha        90.000 
_cell.angle_beta         118.280 
_cell.angle_gamma        90.000 
_cell.entry_id           4MRF 
_cell.pdbx_unique_axis   ? 
_cell.Z_PDB              2 
_cell.length_a_esd       ? 
_cell.length_b_esd       ? 
_cell.length_c_esd       ? 
_cell.angle_alpha_esd    ? 
_cell.angle_beta_esd     ? 
_cell.angle_gamma_esd    ? 
# 
_symmetry.space_group_name_H-M             'P 1 21 1' 
_symmetry.entry_id                         4MRF 
_symmetry.Int_Tables_number                4 
_symmetry.pdbx_full_space_group_name_H-M   ? 
_symmetry.cell_setting                     ? 
_symmetry.space_group_name_Hall            ? 
# 
_exptl.crystals_number   1 
_exptl.entry_id          4MRF 
_exptl.method            'X-RAY DIFFRACTION' 
# 
_exptl_crystal.id                    1 
_exptl_crystal.density_Matthews      2.14 
_exptl_crystal.density_meas          ? 
_exptl_crystal.density_percent_sol   42.58 
_exptl_crystal.description           ? 
_exptl_crystal.F_000                 ? 
_exptl_crystal.preparation           ? 
# 
_exptl_crystal_grow.crystal_id      1 
_exptl_crystal_grow.method          'VAPOR DIFFUSION, HANGING DROP' 
_exptl_crystal_grow.pH              6.5 
_exptl_crystal_grow.temp            298 
_exptl_crystal_grow.pdbx_details    
'30% PEG MME 5000, 100 mM MES, 200 mM (NH4)2SO4, pH 6.5, VAPOR DIFFUSION, HANGING DROP, temperature 298K' 
_exptl_crystal_grow.temp_details    ? 
_exptl_crystal_grow.pdbx_pH_range   ? 
# 
_diffrn.id                     1 
_diffrn.ambient_temp           100 
_diffrn.ambient_temp_details   ? 
_diffrn.crystal_id             1 
# 
_diffrn_detector.diffrn_id              1 
_diffrn_detector.detector               PIXEL 
_diffrn_detector.type                   'DECTRIS PILATUS 6M' 
_diffrn_detector.pdbx_collection_date   2012-11-17 
_diffrn_detector.details                ? 
# 
_diffrn_radiation.diffrn_id                        1 
_diffrn_radiation.pdbx_diffrn_protocol             'SINGLE WAVELENGTH' 
_diffrn_radiation.monochromator                    'Si(111)' 
_diffrn_radiation.wavelength_id                    1 
_diffrn_radiation.pdbx_monochromatic_or_laue_m_l   M 
_diffrn_radiation.pdbx_scattering_type             x-ray 
# 
_diffrn_radiation_wavelength.id           1 
_diffrn_radiation_wavelength.wavelength   1.000 
_diffrn_radiation_wavelength.wt           1.0 
# 
_diffrn_source.diffrn_id                   1 
_diffrn_source.source                      SYNCHROTRON 
_diffrn_source.type                        'APS BEAMLINE 17-ID' 
_diffrn_source.pdbx_wavelength_list        1.000 
_diffrn_source.pdbx_wavelength             ? 
_diffrn_source.pdbx_synchrotron_site       APS 
_diffrn_source.pdbx_synchrotron_beamline   17-ID 
# 
_reflns.entry_id                     4MRF 
_reflns.d_resolution_high            1.55 
_reflns.d_resolution_low             40.8 
_reflns.number_all                   20312 
_reflns.number_obs                   20192 
_reflns.pdbx_netI_over_sigmaI        22.1 
_reflns.pdbx_Rsym_value              0.042 
_reflns.pdbx_redundancy              3.2 
_reflns.percent_possible_obs         98.8 
_reflns.observed_criterion_sigma_F   ? 
_reflns.observed_criterion_sigma_I   ? 
_reflns.pdbx_Rmerge_I_obs            0.031 
_reflns.B_iso_Wilson_estimate        21.5 
_reflns.R_free_details               ? 
_reflns.limit_h_max                  ? 
_reflns.limit_h_min                  ? 
_reflns.limit_k_max                  ? 
_reflns.limit_k_min                  ? 
_reflns.limit_l_max                  ? 
_reflns.limit_l_min                  ? 
_reflns.observed_criterion_F_max     ? 
_reflns.observed_criterion_F_min     ? 
_reflns.pdbx_chi_squared             ? 
_reflns.pdbx_scaling_rejects         ? 
_reflns.pdbx_ordinal                 1 
_reflns.pdbx_diffrn_id               1 
# 
loop_
_reflns_shell.d_res_high 
_reflns_shell.d_res_low 
_reflns_shell.number_measured_obs 
_reflns_shell.number_measured_all 
_reflns_shell.number_unique_obs 
_reflns_shell.Rmerge_I_obs 
_reflns_shell.meanI_over_sigI_obs 
_reflns_shell.pdbx_Rsym_value 
_reflns_shell.pdbx_chi_squared 
_reflns_shell.pdbx_redundancy 
_reflns_shell.percent_possible_obs 
_reflns_shell.number_unique_all 
_reflns_shell.percent_possible_all 
_reflns_shell.pdbx_ordinal 
_reflns_shell.pdbx_diffrn_id 
1.550 1.630  ? 7199 ? 0.085 8.800  0.085 ? 2.500 ? 2840 95.500 1  1 
1.630 1.730  ? 9253 ? 0.074 9.800  0.074 ? 3.300 ? 2783 99.900 2  1 
1.730 1.850  ? 8586 ? 0.062 11.500 0.062 ? 3.300 ? 2629 99.600 3  1 
1.850 2.000  ? 8266 ? 0.045 15.500 0.045 ? 3.300 ? 2483 99.500 4  1 
2.000 2.190  ? 7226 ? 0.040 17.200 0.040 ? 3.200 ? 2252 99.500 5  1 
2.190 2.450  ? 6577 ? 0.033 20.300 0.033 ? 3.200 ? 2024 99.400 6  1 
2.450 2.830  ? 5895 ? 0.029 22.800 0.029 ? 3.200 ? 1816 99.000 7  1 
2.830 3.470  ? 4990 ? 0.026 24.000 0.026 ? 3.300 ? 1513 98.900 8  1 
3.470 4.900  ? 3730 ? 0.024 25.000 0.024 ? 3.100 ? 1187 98.600 9  1 
4.900 40.813 ? 2156 ? 0.024 25.800 0.024 ? 3.200 ? 665  98.800 10 1 
# 
_refine.entry_id                                 4MRF 
_refine.ls_d_res_high                            1.5500 
_refine.ls_d_res_low                             40.8 
_refine.pdbx_ls_sigma_F                          ? 
_refine.pdbx_data_cutoff_high_absF               ? 
_refine.pdbx_data_cutoff_low_absF                ? 
_refine.ls_percent_reflns_obs                    98.7500 
_refine.ls_number_reflns_obs                     20133 
_refine.ls_number_reflns_all                     ? 
_refine.pdbx_ls_cross_valid_method               THROUGHOUT 
_refine.pdbx_R_Free_selection_details            RANDOM 
_refine.details                                  
'HYDROGENS HAVE BEEN ADDED IN THE RIDING POSITIONS U VALUES      : REFINED INDIVIDUALLY' 
_refine.ls_R_factor_all                          ? 
_refine.ls_R_factor_obs                          0.1819 
_refine.ls_R_factor_R_work                       0.1801 
_refine.ls_wR_factor_R_work                      0.1864 
_refine.ls_R_factor_R_free                       0.2150 
_refine.ls_wR_factor_R_free                      0.2215 
_refine.ls_percent_reflns_R_free                 5.1000 
_refine.ls_number_reflns_R_free                  1028 
_refine.ls_R_factor_R_free_error                 ? 
_refine.B_iso_mean                               13.8573 
_refine.solvent_model_param_bsol                 ? 
_refine.solvent_model_param_ksol                 ? 
_refine.pdbx_isotropic_thermal_model             ? 
_refine.aniso_B[1][1]                            -0.6700 
_refine.aniso_B[2][2]                            0.4600 
_refine.aniso_B[3][3]                            -0.3000 
_refine.aniso_B[1][2]                            0.0000 
_refine.aniso_B[1][3]                            -0.5500 
_refine.aniso_B[2][3]                            0.0000 
_refine.correlation_coeff_Fo_to_Fc               0.9520 
_refine.correlation_coeff_Fo_to_Fc_free          0.9210 
_refine.overall_SU_R_Cruickshank_DPI             0.0886 
_refine.overall_SU_R_free                        0.0898 
_refine.pdbx_overall_ESU_R                       0.0890 
_refine.pdbx_overall_ESU_R_Free                  0.0900 
_refine.overall_SU_ML                            0.0520 
_refine.overall_SU_B                             1.3850 
_refine.solvent_model_details                    MASK 
_refine.pdbx_solvent_vdw_probe_radii             1.4000 
_refine.pdbx_solvent_ion_probe_radii             0.8000 
_refine.pdbx_solvent_shrinkage_radii             0.8000 
_refine.ls_number_parameters                     ? 
_refine.ls_number_restraints                     ? 
_refine.pdbx_starting_model                      'pdb entry 2JCP' 
_refine.pdbx_method_to_determine_struct          'MOLECULAR REPLACEMENT' 
_refine.pdbx_stereochemistry_target_values       'MAXIMUM LIKELIHOOD' 
_refine.pdbx_stereochem_target_val_spec_case     ? 
_refine.overall_FOM_work_R_set                   0.8846 
_refine.B_iso_max                                46.710 
_refine.B_iso_min                                2.770 
_refine.pdbx_overall_phase_error                 ? 
_refine.occupancy_max                            1.000 
_refine.occupancy_min                            0.500 
_refine.pdbx_ls_sigma_I                          ? 
_refine.ls_redundancy_reflns_obs                 ? 
_refine.ls_R_factor_R_free_error_details         ? 
_refine.pdbx_data_cutoff_high_rms_absF           ? 
_refine.overall_FOM_free_R_set                   ? 
_refine.pdbx_diffrn_id                           1 
_refine.pdbx_refine_id                           'X-RAY DIFFRACTION' 
_refine.pdbx_TLS_residual_ADP_flag               ? 
_refine.pdbx_overall_SU_R_free_Cruickshank_DPI   ? 
_refine.pdbx_overall_SU_R_Blow_DPI               ? 
_refine.pdbx_overall_SU_R_free_Blow_DPI          ? 
# 
_refine_hist.pdbx_refine_id                   'X-RAY DIFFRACTION' 
_refine_hist.cycle_id                         LAST 
_refine_hist.pdbx_number_atoms_protein        1171 
_refine_hist.pdbx_number_atoms_nucleic_acid   0 
_refine_hist.pdbx_number_atoms_ligand         25 
_refine_hist.number_atoms_solvent             60 
_refine_hist.number_atoms_total               1256 
_refine_hist.d_res_high                       1.5500 
_refine_hist.d_res_low                        40.8 
# 
loop_
_refine_ls_restr.type 
_refine_ls_restr.number 
_refine_ls_restr.dev_ideal 
_refine_ls_restr.dev_ideal_target 
_refine_ls_restr.weight 
_refine_ls_restr.pdbx_restraint_function 
_refine_ls_restr.pdbx_refine_id 
r_bond_refined_d       1304 0.016  0.021  ? ? 'X-RAY DIFFRACTION' 
r_angle_refined_deg    1786 1.523  1.952  ? ? 'X-RAY DIFFRACTION' 
r_dihedral_angle_1_deg 167  7.020  5.000  ? ? 'X-RAY DIFFRACTION' 
r_dihedral_angle_2_deg 63   36.266 23.810 ? ? 'X-RAY DIFFRACTION' 
r_dihedral_angle_3_deg 203  11.870 15.000 ? ? 'X-RAY DIFFRACTION' 
r_dihedral_angle_4_deg 10   17.972 15.000 ? ? 'X-RAY DIFFRACTION' 
r_chiral_restr         196  0.109  0.200  ? ? 'X-RAY DIFFRACTION' 
r_gen_planes_refined   1026 0.008  0.021  ? ? 'X-RAY DIFFRACTION' 
r_mcbond_it            802  1.014  1.500  ? ? 'X-RAY DIFFRACTION' 
r_mcangle_it           1320 1.727  2.000  ? ? 'X-RAY DIFFRACTION' 
r_scbond_it            502  2.711  3.000  ? ? 'X-RAY DIFFRACTION' 
r_scangle_it           466  4.373  4.500  ? ? 'X-RAY DIFFRACTION' 
# 
_refine_ls_shell.d_res_high                       1.5500 
_refine_ls_shell.d_res_low                        1.5900 
_refine_ls_shell.pdbx_total_number_of_bins_used   20 
_refine_ls_shell.percent_reflns_obs               92.0600 
_refine_ls_shell.number_reflns_R_work             1252 
_refine_ls_shell.R_factor_all                     ? 
_refine_ls_shell.R_factor_R_work                  0.1790 
_refine_ls_shell.R_factor_R_free                  0.2160 
_refine_ls_shell.percent_reflns_R_free            ? 
_refine_ls_shell.number_reflns_R_free             59 
_refine_ls_shell.R_factor_R_free_error            ? 
_refine_ls_shell.number_reflns_all                1311 
_refine_ls_shell.number_reflns_obs                1252 
_refine_ls_shell.redundancy_reflns_obs            ? 
_refine_ls_shell.pdbx_refine_id                   'X-RAY DIFFRACTION' 
# 
_struct.entry_id                  4MRF 
_struct.title                     'Crystal structure of the murine cd44 hyaluronan binding domain complex with a small molecule' 
_struct.pdbx_model_details        ? 
_struct.pdbx_CASP_flag            ? 
_struct.pdbx_model_type_details   ? 
# 
_struct_keywords.entry_id        4MRF 
_struct_keywords.text            'Link module, Cell receptor, Hyaluronan binding, Cell surface, Cell adhesion-inhibitor complex' 
_struct_keywords.pdbx_keywords   'Cell adhesion/inhibitor' 
# 
loop_
_struct_asym.id 
_struct_asym.pdbx_blank_PDB_chainid_flag 
_struct_asym.pdbx_modified 
_struct_asym.entity_id 
_struct_asym.details 
A N N 1 ? 
B N N 2 ? 
C N N 3 ? 
D N N 4 ? 
E N N 5 ? 
F N N 6 ? 
# 
_struct_ref.id                         1 
_struct_ref.db_name                    UNP 
_struct_ref.db_code                    CD44_MOUSE 
_struct_ref.pdbx_db_accession          P15379 
_struct_ref.entity_id                  1 
_struct_ref.pdbx_seq_one_letter_code   
;QIDLNVTCRYAGVFHVEKNGRYSISRTEAADLCQAFNSTLPTMDQMKLALSKGFETCRYGFIEGNVVIPRIHPNAICAAN
HTGVYILVTSNTSHYDTYCFNASAPPEEDCTSVTDLPNSFDGPVTITIVNRDGTRYSKKGEYRTHQEDI
;
_struct_ref.pdbx_align_begin           23 
_struct_ref.pdbx_db_isoform            ? 
# 
_struct_ref_seq.align_id                      1 
_struct_ref_seq.ref_id                        1 
_struct_ref_seq.pdbx_PDB_id_code              4MRF 
_struct_ref_seq.pdbx_strand_id                A 
_struct_ref_seq.seq_align_beg                 2 
_struct_ref_seq.pdbx_seq_align_beg_ins_code   ? 
_struct_ref_seq.seq_align_end                 150 
_struct_ref_seq.pdbx_seq_align_end_ins_code   ? 
_struct_ref_seq.pdbx_db_accession             P15379 
_struct_ref_seq.db_align_beg                  23 
_struct_ref_seq.pdbx_db_align_beg_ins_code    ? 
_struct_ref_seq.db_align_end                  171 
_struct_ref_seq.pdbx_db_align_end_ins_code    ? 
_struct_ref_seq.pdbx_auth_seq_align_beg       25 
_struct_ref_seq.pdbx_auth_seq_align_end       173 
# 
_struct_ref_seq_dif.align_id                     1 
_struct_ref_seq_dif.pdbx_pdb_id_code             4MRF 
_struct_ref_seq_dif.mon_id                       ASN 
_struct_ref_seq_dif.pdbx_pdb_strand_id           A 
_struct_ref_seq_dif.seq_num                      1 
_struct_ref_seq_dif.pdbx_pdb_ins_code            ? 
_struct_ref_seq_dif.pdbx_seq_db_name             UNP 
_struct_ref_seq_dif.pdbx_seq_db_accession_code   P15379 
_struct_ref_seq_dif.db_mon_id                    ? 
_struct_ref_seq_dif.pdbx_seq_db_seq_num          ? 
_struct_ref_seq_dif.details                      'expression tag' 
_struct_ref_seq_dif.pdbx_auth_seq_num            24 
_struct_ref_seq_dif.pdbx_ordinal                 1 
# 
_pdbx_struct_assembly.id                   1 
_pdbx_struct_assembly.details              author_and_software_defined_assembly 
_pdbx_struct_assembly.method_details       PISA 
_pdbx_struct_assembly.oligomeric_details   monomeric 
_pdbx_struct_assembly.oligomeric_count     1 
# 
_pdbx_struct_assembly_gen.assembly_id       1 
_pdbx_struct_assembly_gen.oper_expression   1 
_pdbx_struct_assembly_gen.asym_id_list      A,B,C,D,E,F 
# 
_pdbx_struct_oper_list.id                   1 
_pdbx_struct_oper_list.type                 'identity operation' 
_pdbx_struct_oper_list.name                 1_555 
_pdbx_struct_oper_list.symmetry_operation   x,y,z 
_pdbx_struct_oper_list.matrix[1][1]         1.0000000000 
_pdbx_struct_oper_list.matrix[1][2]         0.0000000000 
_pdbx_struct_oper_list.matrix[1][3]         0.0000000000 
_pdbx_struct_oper_list.vector[1]            0.0000000000 
_pdbx_struct_oper_list.matrix[2][1]         0.0000000000 
_pdbx_struct_oper_list.matrix[2][2]         1.0000000000 
_pdbx_struct_oper_list.matrix[2][3]         0.0000000000 
_pdbx_struct_oper_list.vector[2]            0.0000000000 
_pdbx_struct_oper_list.matrix[3][1]         0.0000000000 
_pdbx_struct_oper_list.matrix[3][2]         0.0000000000 
_pdbx_struct_oper_list.matrix[3][3]         1.0000000000 
_pdbx_struct_oper_list.vector[3]            0.0000000000 
# 
_struct_biol.id        1 
_struct_biol.details   ? 
# 
loop_
_struct_conf.conf_type_id 
_struct_conf.id 
_struct_conf.pdbx_PDB_helix_id 
_struct_conf.beg_label_comp_id 
_struct_conf.beg_label_asym_id 
_struct_conf.beg_label_seq_id 
_struct_conf.pdbx_beg_PDB_ins_code 
_struct_conf.end_label_comp_id 
_struct_conf.end_label_asym_id 
_struct_conf.end_label_seq_id 
_struct_conf.pdbx_end_PDB_ins_code 
_struct_conf.beg_auth_comp_id 
_struct_conf.beg_auth_asym_id 
_struct_conf.beg_auth_seq_id 
_struct_conf.end_auth_comp_id 
_struct_conf.end_auth_asym_id 
_struct_conf.end_auth_seq_id 
_struct_conf.pdbx_PDB_helix_class 
_struct_conf.details 
_struct_conf.pdbx_PDB_helix_length 
HELX_P HELX_P1 1 SER A 26  ? PHE A 37  ? SER A 49  PHE A 60  1 ? 12 
HELX_P HELX_P2 2 THR A 43  ? LYS A 53  ? THR A 66  LYS A 76  1 ? 11 
HELX_P HELX_P3 3 CYS A 78  ? HIS A 82  ? CYS A 101 HIS A 105 5 ? 5  
HELX_P HELX_P4 4 HIS A 146 ? ILE A 150 ? HIS A 169 ILE A 173 5 ? 5  
# 
_struct_conf_type.id          HELX_P 
_struct_conf_type.criteria    ? 
_struct_conf_type.reference   ? 
# 
loop_
_struct_conn.id 
_struct_conn.conn_type_id 
_struct_conn.pdbx_leaving_atom_flag 
_struct_conn.pdbx_PDB_id 
_struct_conn.ptnr1_label_asym_id 
_struct_conn.ptnr1_label_comp_id 
_struct_conn.ptnr1_label_seq_id 
_struct_conn.ptnr1_label_atom_id 
_struct_conn.pdbx_ptnr1_label_alt_id 
_struct_conn.pdbx_ptnr1_PDB_ins_code 
_struct_conn.pdbx_ptnr1_standard_comp_id 
_struct_conn.ptnr1_symmetry 
_struct_conn.ptnr2_label_asym_id 
_struct_conn.ptnr2_label_comp_id 
_struct_conn.ptnr2_label_seq_id 
_struct_conn.ptnr2_label_atom_id 
_struct_conn.pdbx_ptnr2_label_alt_id 
_struct_conn.pdbx_ptnr2_PDB_ins_code 
_struct_conn.ptnr1_auth_asym_id 
_struct_conn.ptnr1_auth_comp_id 
_struct_conn.ptnr1_auth_seq_id 
_struct_conn.ptnr2_auth_asym_id 
_struct_conn.ptnr2_auth_comp_id 
_struct_conn.ptnr2_auth_seq_id 
_struct_conn.ptnr2_symmetry 
_struct_conn.pdbx_ptnr3_label_atom_id 
_struct_conn.pdbx_ptnr3_label_seq_id 
_struct_conn.pdbx_ptnr3_label_comp_id 
_struct_conn.pdbx_ptnr3_label_asym_id 
_struct_conn.pdbx_ptnr3_label_alt_id 
_struct_conn.pdbx_ptnr3_PDB_ins_code 
_struct_conn.details 
_struct_conn.pdbx_dist_value 
_struct_conn.pdbx_value_order 
_struct_conn.pdbx_role 
disulf1 disulf ? ? A CYS 9  SG ? ? ? 1_555 A CYS 111 SG ? ? A CYS 32 A CYS 134 1_555 ? ? ? ? ? ? ? 2.067 ? ? 
disulf2 disulf ? ? A CYS 34 SG ? ? ? 1_555 A CYS 100 SG ? ? A CYS 57 A CYS 123 1_555 ? ? ? ? ? ? ? 2.123 ? ? 
disulf3 disulf ? ? A CYS 58 SG ? ? ? 1_555 A CYS 78  SG ? ? A CYS 81 A CYS 101 1_555 ? ? ? ? ? ? ? 2.060 ? ? 
# 
_struct_conn_type.id          disulf 
_struct_conn_type.criteria    ? 
_struct_conn_type.reference   ? 
# 
loop_
_pdbx_modification_feature.ordinal 
_pdbx_modification_feature.label_comp_id 
_pdbx_modification_feature.label_asym_id 
_pdbx_modification_feature.label_seq_id 
_pdbx_modification_feature.label_alt_id 
_pdbx_modification_feature.modified_residue_label_comp_id 
_pdbx_modification_feature.modified_residue_label_asym_id 
_pdbx_modification_feature.modified_residue_label_seq_id 
_pdbx_modification_feature.modified_residue_label_alt_id 
_pdbx_modification_feature.auth_comp_id 
_pdbx_modification_feature.auth_asym_id 
_pdbx_modification_feature.auth_seq_id 
_pdbx_modification_feature.PDB_ins_code 
_pdbx_modification_feature.symmetry 
_pdbx_modification_feature.modified_residue_auth_comp_id 
_pdbx_modification_feature.modified_residue_auth_asym_id 
_pdbx_modification_feature.modified_residue_auth_seq_id 
_pdbx_modification_feature.modified_residue_PDB_ins_code 
_pdbx_modification_feature.modified_residue_symmetry 
_pdbx_modification_feature.comp_id_linking_atom 
_pdbx_modification_feature.modified_residue_id_linking_atom 
_pdbx_modification_feature.modified_residue_id 
_pdbx_modification_feature.ref_pcm_id 
_pdbx_modification_feature.ref_comp_id 
_pdbx_modification_feature.type 
_pdbx_modification_feature.category 
1 CYS A 9  ? CYS A 111 ? CYS A 32 ? 1_555 CYS A 134 ? 1_555 SG SG . . . None 'Disulfide bridge' 
2 CYS A 34 ? CYS A 100 ? CYS A 57 ? 1_555 CYS A 123 ? 1_555 SG SG . . . None 'Disulfide bridge' 
3 CYS A 58 ? CYS A 78  ? CYS A 81 ? 1_555 CYS A 101 ? 1_555 SG SG . . . None 'Disulfide bridge' 
# 
loop_
_struct_sheet.id 
_struct_sheet.type 
_struct_sheet.number_strands 
_struct_sheet.details 
A ? 8 ? 
B ? 2 ? 
# 
loop_
_struct_sheet_order.sheet_id 
_struct_sheet_order.range_id_1 
_struct_sheet_order.range_id_2 
_struct_sheet_order.offset 
_struct_sheet_order.sense 
A 1 2 ? anti-parallel 
A 2 3 ? anti-parallel 
A 3 4 ? parallel      
A 4 5 ? anti-parallel 
A 5 6 ? anti-parallel 
A 6 7 ? parallel      
A 7 8 ? anti-parallel 
B 1 2 ? anti-parallel 
# 
loop_
_struct_sheet_range.sheet_id 
_struct_sheet_range.id 
_struct_sheet_range.beg_label_comp_id 
_struct_sheet_range.beg_label_asym_id 
_struct_sheet_range.beg_label_seq_id 
_struct_sheet_range.pdbx_beg_PDB_ins_code 
_struct_sheet_range.end_label_comp_id 
_struct_sheet_range.end_label_asym_id 
_struct_sheet_range.end_label_seq_id 
_struct_sheet_range.pdbx_end_PDB_ins_code 
_struct_sheet_range.beg_auth_comp_id 
_struct_sheet_range.beg_auth_asym_id 
_struct_sheet_range.beg_auth_seq_id 
_struct_sheet_range.end_auth_comp_id 
_struct_sheet_range.end_auth_asym_id 
_struct_sheet_range.end_auth_seq_id 
A 1 GLY A 84  ? ILE A 87  ? GLY A 107 ILE A 110 
A 2 VAL A 67  ? ARG A 71  ? VAL A 90  ARG A 94  
A 3 GLY A 61  ? PHE A 62  ? GLY A 84  PHE A 85  
A 4 ASP A 97  ? PHE A 101 ? ASP A 120 PHE A 124 
A 5 VAL A 14  ? LYS A 19  ? VAL A 37  LYS A 42  
A 6 GLN A 2   ? VAL A 7   ? GLN A 25  VAL A 30  
A 7 PHE A 121 ? ASN A 131 ? PHE A 144 ASN A 154 
A 8 ARG A 136 ? GLU A 142 ? ARG A 159 GLU A 165 
B 1 ARG A 10  ? TYR A 11  ? ARG A 33  TYR A 34  
B 2 GLU A 109 ? ASP A 110 ? GLU A 132 ASP A 133 
# 
loop_
_pdbx_struct_sheet_hbond.sheet_id 
_pdbx_struct_sheet_hbond.range_id_1 
_pdbx_struct_sheet_hbond.range_id_2 
_pdbx_struct_sheet_hbond.range_1_label_atom_id 
_pdbx_struct_sheet_hbond.range_1_label_comp_id 
_pdbx_struct_sheet_hbond.range_1_label_asym_id 
_pdbx_struct_sheet_hbond.range_1_label_seq_id 
_pdbx_struct_sheet_hbond.range_1_PDB_ins_code 
_pdbx_struct_sheet_hbond.range_1_auth_atom_id 
_pdbx_struct_sheet_hbond.range_1_auth_comp_id 
_pdbx_struct_sheet_hbond.range_1_auth_asym_id 
_pdbx_struct_sheet_hbond.range_1_auth_seq_id 
_pdbx_struct_sheet_hbond.range_2_label_atom_id 
_pdbx_struct_sheet_hbond.range_2_label_comp_id 
_pdbx_struct_sheet_hbond.range_2_label_asym_id 
_pdbx_struct_sheet_hbond.range_2_label_seq_id 
_pdbx_struct_sheet_hbond.range_2_PDB_ins_code 
_pdbx_struct_sheet_hbond.range_2_auth_atom_id 
_pdbx_struct_sheet_hbond.range_2_auth_comp_id 
_pdbx_struct_sheet_hbond.range_2_auth_asym_id 
_pdbx_struct_sheet_hbond.range_2_auth_seq_id 
A 1 2 O GLY A 84  ? O GLY A 107 N ARG A 71  ? N ARG A 94  
A 2 3 O VAL A 68  ? O VAL A 91  N GLY A 61  ? N GLY A 84  
A 3 4 N PHE A 62  ? N PHE A 85  O TYR A 99  ? O TYR A 122 
A 4 5 O THR A 98  ? O THR A 121 N VAL A 17  ? N VAL A 40  
A 5 6 O GLU A 18  ? O GLU A 41  N ASN A 6   ? N ASN A 29  
A 6 7 N LEU A 5   ? N LEU A 28  O THR A 128 ? O THR A 151 
A 7 8 N ILE A 127 ? N ILE A 150 O LYS A 139 ? O LYS A 162 
B 1 2 N ARG A 10  ? N ARG A 33  O ASP A 110 ? O ASP A 133 
# 
loop_
_struct_site.id 
_struct_site.pdbx_evidence_code 
_struct_site.pdbx_auth_asym_id 
_struct_site.pdbx_auth_comp_id 
_struct_site.pdbx_auth_seq_id 
_struct_site.pdbx_auth_ins_code 
_struct_site.pdbx_num_residues 
_struct_site.details 
AC1 Software A DMS 201 ? 8 'BINDING SITE FOR RESIDUE DMS A 201' 
AC2 Software A GOL 202 ? 9 'BINDING SITE FOR RESIDUE GOL A 202' 
AC3 Software A 2CK 203 ? 7 'BINDING SITE FOR RESIDUE 2CK A 203' 
AC4 Software A SO4 204 ? 6 'BINDING SITE FOR RESIDUE SO4 A 204' 
# 
loop_
_struct_site_gen.id 
_struct_site_gen.site_id 
_struct_site_gen.pdbx_num_res 
_struct_site_gen.label_comp_id 
_struct_site_gen.label_asym_id 
_struct_site_gen.label_seq_id 
_struct_site_gen.pdbx_auth_ins_code 
_struct_site_gen.auth_comp_id 
_struct_site_gen.auth_asym_id 
_struct_site_gen.auth_seq_id 
_struct_site_gen.label_atom_id 
_struct_site_gen.label_alt_id 
_struct_site_gen.symmetry 
_struct_site_gen.details 
1  AC1 8 CYS A 9   ? CYS A 32  . ? 1_555 ? 
2  AC1 8 ASN A 66  ? ASN A 89  . ? 1_554 ? 
3  AC1 8 CYS A 111 ? CYS A 134 . ? 1_555 ? 
4  AC1 8 SER A 113 ? SER A 136 . ? 1_555 ? 
5  AC1 8 ARG A 132 ? ARG A 155 . ? 1_555 ? 
6  AC1 8 ASP A 133 ? ASP A 156 . ? 1_555 ? 
7  AC1 8 HOH F .   ? HOH A 321 . ? 1_555 ? 
8  AC1 8 HOH F .   ? HOH A 336 . ? 1_554 ? 
9  AC2 9 TYR A 23  ? TYR A 46  . ? 1_555 ? 
10 AC2 9 CYS A 58  ? CYS A 81  . ? 1_555 ? 
11 AC2 9 TYR A 60  ? TYR A 83  . ? 1_555 ? 
12 AC2 9 ILE A 69  ? ILE A 92  . ? 1_555 ? 
13 AC2 9 ILE A 77  ? ILE A 100 . ? 1_555 ? 
14 AC2 9 CYS A 78  ? CYS A 101 . ? 1_555 ? 
15 AC2 9 ALA A 79  ? ALA A 102 . ? 1_555 ? 
16 AC2 9 GLU A 108 ? GLU A 131 . ? 1_656 ? 
17 AC2 9 HOH F .   ? HOH A 359 . ? 1_656 ? 
18 AC3 7 ASN A 6   ? ASN A 29  . ? 1_555 ? 
19 AC3 7 VAL A 7   ? VAL A 30  . ? 1_555 ? 
20 AC3 7 GLU A 18  ? GLU A 41  . ? 1_555 ? 
21 AC3 7 ASP A 45  ? ASP A 68  . ? 1_655 ? 
22 AC3 7 VAL A 130 ? VAL A 153 . ? 1_555 ? 
23 AC3 7 ASN A 131 ? ASN A 154 . ? 1_555 ? 
24 AC3 7 ARG A 132 ? ARG A 155 . ? 1_555 ? 
25 AC4 6 ARG A 10  ? ARG A 33  . ? 1_555 ? 
26 AC4 6 PHE A 15  ? PHE A 38  . ? 1_555 ? 
27 AC4 6 PHE A 37  ? PHE A 60  . ? 1_555 ? 
28 AC4 6 SER A 39  ? SER A 62  . ? 1_555 ? 
29 AC4 6 ASN A 102 ? ASN A 125 . ? 1_555 ? 
30 AC4 6 VAL A 114 ? VAL A 137 . ? 1_555 ? 
# 
_pdbx_entry_details.entry_id                   4MRF 
_pdbx_entry_details.compound_details           ? 
_pdbx_entry_details.source_details             ? 
_pdbx_entry_details.nonpolymer_details         ? 
_pdbx_entry_details.sequence_details           ? 
_pdbx_entry_details.has_ligand_of_interest     ? 
_pdbx_entry_details.has_protein_modification   Y 
# 
loop_
_pdbx_validate_rmsd_angle.id 
_pdbx_validate_rmsd_angle.PDB_model_num 
_pdbx_validate_rmsd_angle.auth_atom_id_1 
_pdbx_validate_rmsd_angle.auth_asym_id_1 
_pdbx_validate_rmsd_angle.auth_comp_id_1 
_pdbx_validate_rmsd_angle.auth_seq_id_1 
_pdbx_validate_rmsd_angle.PDB_ins_code_1 
_pdbx_validate_rmsd_angle.label_alt_id_1 
_pdbx_validate_rmsd_angle.auth_atom_id_2 
_pdbx_validate_rmsd_angle.auth_asym_id_2 
_pdbx_validate_rmsd_angle.auth_comp_id_2 
_pdbx_validate_rmsd_angle.auth_seq_id_2 
_pdbx_validate_rmsd_angle.PDB_ins_code_2 
_pdbx_validate_rmsd_angle.label_alt_id_2 
_pdbx_validate_rmsd_angle.auth_atom_id_3 
_pdbx_validate_rmsd_angle.auth_asym_id_3 
_pdbx_validate_rmsd_angle.auth_comp_id_3 
_pdbx_validate_rmsd_angle.auth_seq_id_3 
_pdbx_validate_rmsd_angle.PDB_ins_code_3 
_pdbx_validate_rmsd_angle.label_alt_id_3 
_pdbx_validate_rmsd_angle.angle_value 
_pdbx_validate_rmsd_angle.angle_target_value 
_pdbx_validate_rmsd_angle.angle_deviation 
_pdbx_validate_rmsd_angle.angle_standard_deviation 
_pdbx_validate_rmsd_angle.linker_flag 
1 1 NE A ARG 50  ? A CZ A ARG 50  ? A NH1 A ARG 50  ? A 123.69 120.30 3.39  0.50 N 
2 1 NE A ARG 50  ? A CZ A ARG 50  ? A NH2 A ARG 50  ? A 116.47 120.30 -3.83 0.50 N 
3 1 NE A ARG 159 ? ? CZ A ARG 159 ? ? NH1 A ARG 159 ? ? 123.56 120.30 3.26  0.50 N 
4 1 NE A ARG 159 ? ? CZ A ARG 159 ? ? NH2 A ARG 159 ? ? 114.06 120.30 -6.24 0.50 N 
# 
loop_
_pdbx_validate_torsion.id 
_pdbx_validate_torsion.PDB_model_num 
_pdbx_validate_torsion.auth_comp_id 
_pdbx_validate_torsion.auth_asym_id 
_pdbx_validate_torsion.auth_seq_id 
_pdbx_validate_torsion.PDB_ins_code 
_pdbx_validate_torsion.label_alt_id 
_pdbx_validate_torsion.phi 
_pdbx_validate_torsion.psi 
1 1 SER A 47  ? ? -155.25 15.24   
2 1 GLU A 131 ? ? -119.43 -133.99 
3 1 LEU A 140 ? ? -119.07 78.99   
# 
_pdbx_phasing_MR.entry_id                     4MRF 
_pdbx_phasing_MR.method_rotation              ? 
_pdbx_phasing_MR.method_translation           ? 
_pdbx_phasing_MR.model_details                'Phaser MODE: MR_AUTO' 
_pdbx_phasing_MR.R_factor                     32.190 
_pdbx_phasing_MR.R_rigid_body                 ? 
_pdbx_phasing_MR.correlation_coeff_Fo_to_Fc   ? 
_pdbx_phasing_MR.correlation_coeff_Io_to_Ic   ? 
_pdbx_phasing_MR.d_res_high_rotation          2.500 
_pdbx_phasing_MR.d_res_low_rotation           40.810 
_pdbx_phasing_MR.d_res_high_translation       2.500 
_pdbx_phasing_MR.d_res_low_translation        40.810 
_pdbx_phasing_MR.packing                      ? 
_pdbx_phasing_MR.reflns_percent_rotation      ? 
_pdbx_phasing_MR.reflns_percent_translation   ? 
_pdbx_phasing_MR.sigma_F_rotation             ? 
_pdbx_phasing_MR.sigma_F_translation          ? 
_pdbx_phasing_MR.sigma_I_rotation             ? 
_pdbx_phasing_MR.sigma_I_translation          ? 
# 
_phasing.method   MR 
# 
loop_
_chem_comp_atom.comp_id 
_chem_comp_atom.atom_id 
_chem_comp_atom.type_symbol 
_chem_comp_atom.pdbx_aromatic_flag 
_chem_comp_atom.pdbx_stereo_config 
_chem_comp_atom.pdbx_ordinal 
2CK CAE  C N N 1   
2CK CAF  C N N 2   
2CK CAI  C Y N 3   
2CK CAC  C Y N 4   
2CK CAA  C Y N 5   
2CK CAB  C Y N 6   
2CK CAD  C Y N 7   
2CK CAJ  C Y N 8   
2CK CAG  C N N 9   
2CK NAH  N N N 10  
2CK H1   H N N 11  
2CK H2   H N N 12  
2CK H3   H N N 13  
2CK H4   H N N 14  
2CK H5   H N N 15  
2CK H6   H N N 16  
2CK H7   H N N 17  
2CK H8   H N N 18  
2CK H9   H N N 19  
2CK H10  H N N 20  
2CK H11  H N N 21  
ALA N    N N N 22  
ALA CA   C N S 23  
ALA C    C N N 24  
ALA O    O N N 25  
ALA CB   C N N 26  
ALA OXT  O N N 27  
ALA H    H N N 28  
ALA H2   H N N 29  
ALA HA   H N N 30  
ALA HB1  H N N 31  
ALA HB2  H N N 32  
ALA HB3  H N N 33  
ALA HXT  H N N 34  
ARG N    N N N 35  
ARG CA   C N S 36  
ARG C    C N N 37  
ARG O    O N N 38  
ARG CB   C N N 39  
ARG CG   C N N 40  
ARG CD   C N N 41  
ARG NE   N N N 42  
ARG CZ   C N N 43  
ARG NH1  N N N 44  
ARG NH2  N N N 45  
ARG OXT  O N N 46  
ARG H    H N N 47  
ARG H2   H N N 48  
ARG HA   H N N 49  
ARG HB2  H N N 50  
ARG HB3  H N N 51  
ARG HG2  H N N 52  
ARG HG3  H N N 53  
ARG HD2  H N N 54  
ARG HD3  H N N 55  
ARG HE   H N N 56  
ARG HH11 H N N 57  
ARG HH12 H N N 58  
ARG HH21 H N N 59  
ARG HH22 H N N 60  
ARG HXT  H N N 61  
ASN N    N N N 62  
ASN CA   C N S 63  
ASN C    C N N 64  
ASN O    O N N 65  
ASN CB   C N N 66  
ASN CG   C N N 67  
ASN OD1  O N N 68  
ASN ND2  N N N 69  
ASN OXT  O N N 70  
ASN H    H N N 71  
ASN H2   H N N 72  
ASN HA   H N N 73  
ASN HB2  H N N 74  
ASN HB3  H N N 75  
ASN HD21 H N N 76  
ASN HD22 H N N 77  
ASN HXT  H N N 78  
ASP N    N N N 79  
ASP CA   C N S 80  
ASP C    C N N 81  
ASP O    O N N 82  
ASP CB   C N N 83  
ASP CG   C N N 84  
ASP OD1  O N N 85  
ASP OD2  O N N 86  
ASP OXT  O N N 87  
ASP H    H N N 88  
ASP H2   H N N 89  
ASP HA   H N N 90  
ASP HB2  H N N 91  
ASP HB3  H N N 92  
ASP HD2  H N N 93  
ASP HXT  H N N 94  
CYS N    N N N 95  
CYS CA   C N R 96  
CYS C    C N N 97  
CYS O    O N N 98  
CYS CB   C N N 99  
CYS SG   S N N 100 
CYS OXT  O N N 101 
CYS H    H N N 102 
CYS H2   H N N 103 
CYS HA   H N N 104 
CYS HB2  H N N 105 
CYS HB3  H N N 106 
CYS HG   H N N 107 
CYS HXT  H N N 108 
DMS S    S N N 109 
DMS O    O N N 110 
DMS C1   C N N 111 
DMS C2   C N N 112 
DMS H11  H N N 113 
DMS H12  H N N 114 
DMS H13  H N N 115 
DMS H21  H N N 116 
DMS H22  H N N 117 
DMS H23  H N N 118 
GLN N    N N N 119 
GLN CA   C N S 120 
GLN C    C N N 121 
GLN O    O N N 122 
GLN CB   C N N 123 
GLN CG   C N N 124 
GLN CD   C N N 125 
GLN OE1  O N N 126 
GLN NE2  N N N 127 
GLN OXT  O N N 128 
GLN H    H N N 129 
GLN H2   H N N 130 
GLN HA   H N N 131 
GLN HB2  H N N 132 
GLN HB3  H N N 133 
GLN HG2  H N N 134 
GLN HG3  H N N 135 
GLN HE21 H N N 136 
GLN HE22 H N N 137 
GLN HXT  H N N 138 
GLU N    N N N 139 
GLU CA   C N S 140 
GLU C    C N N 141 
GLU O    O N N 142 
GLU CB   C N N 143 
GLU CG   C N N 144 
GLU CD   C N N 145 
GLU OE1  O N N 146 
GLU OE2  O N N 147 
GLU OXT  O N N 148 
GLU H    H N N 149 
GLU H2   H N N 150 
GLU HA   H N N 151 
GLU HB2  H N N 152 
GLU HB3  H N N 153 
GLU HG2  H N N 154 
GLU HG3  H N N 155 
GLU HE2  H N N 156 
GLU HXT  H N N 157 
GLY N    N N N 158 
GLY CA   C N N 159 
GLY C    C N N 160 
GLY O    O N N 161 
GLY OXT  O N N 162 
GLY H    H N N 163 
GLY H2   H N N 164 
GLY HA2  H N N 165 
GLY HA3  H N N 166 
GLY HXT  H N N 167 
GOL C1   C N N 168 
GOL O1   O N N 169 
GOL C2   C N N 170 
GOL O2   O N N 171 
GOL C3   C N N 172 
GOL O3   O N N 173 
GOL H11  H N N 174 
GOL H12  H N N 175 
GOL HO1  H N N 176 
GOL H2   H N N 177 
GOL HO2  H N N 178 
GOL H31  H N N 179 
GOL H32  H N N 180 
GOL HO3  H N N 181 
HIS N    N N N 182 
HIS CA   C N S 183 
HIS C    C N N 184 
HIS O    O N N 185 
HIS CB   C N N 186 
HIS CG   C Y N 187 
HIS ND1  N Y N 188 
HIS CD2  C Y N 189 
HIS CE1  C Y N 190 
HIS NE2  N Y N 191 
HIS OXT  O N N 192 
HIS H    H N N 193 
HIS H2   H N N 194 
HIS HA   H N N 195 
HIS HB2  H N N 196 
HIS HB3  H N N 197 
HIS HD1  H N N 198 
HIS HD2  H N N 199 
HIS HE1  H N N 200 
HIS HE2  H N N 201 
HIS HXT  H N N 202 
HOH O    O N N 203 
HOH H1   H N N 204 
HOH H2   H N N 205 
ILE N    N N N 206 
ILE CA   C N S 207 
ILE C    C N N 208 
ILE O    O N N 209 
ILE CB   C N S 210 
ILE CG1  C N N 211 
ILE CG2  C N N 212 
ILE CD1  C N N 213 
ILE OXT  O N N 214 
ILE H    H N N 215 
ILE H2   H N N 216 
ILE HA   H N N 217 
ILE HB   H N N 218 
ILE HG12 H N N 219 
ILE HG13 H N N 220 
ILE HG21 H N N 221 
ILE HG22 H N N 222 
ILE HG23 H N N 223 
ILE HD11 H N N 224 
ILE HD12 H N N 225 
ILE HD13 H N N 226 
ILE HXT  H N N 227 
LEU N    N N N 228 
LEU CA   C N S 229 
LEU C    C N N 230 
LEU O    O N N 231 
LEU CB   C N N 232 
LEU CG   C N N 233 
LEU CD1  C N N 234 
LEU CD2  C N N 235 
LEU OXT  O N N 236 
LEU H    H N N 237 
LEU H2   H N N 238 
LEU HA   H N N 239 
LEU HB2  H N N 240 
LEU HB3  H N N 241 
LEU HG   H N N 242 
LEU HD11 H N N 243 
LEU HD12 H N N 244 
LEU HD13 H N N 245 
LEU HD21 H N N 246 
LEU HD22 H N N 247 
LEU HD23 H N N 248 
LEU HXT  H N N 249 
LYS N    N N N 250 
LYS CA   C N S 251 
LYS C    C N N 252 
LYS O    O N N 253 
LYS CB   C N N 254 
LYS CG   C N N 255 
LYS CD   C N N 256 
LYS CE   C N N 257 
LYS NZ   N N N 258 
LYS OXT  O N N 259 
LYS H    H N N 260 
LYS H2   H N N 261 
LYS HA   H N N 262 
LYS HB2  H N N 263 
LYS HB3  H N N 264 
LYS HG2  H N N 265 
LYS HG3  H N N 266 
LYS HD2  H N N 267 
LYS HD3  H N N 268 
LYS HE2  H N N 269 
LYS HE3  H N N 270 
LYS HZ1  H N N 271 
LYS HZ2  H N N 272 
LYS HZ3  H N N 273 
LYS HXT  H N N 274 
MET N    N N N 275 
MET CA   C N S 276 
MET C    C N N 277 
MET O    O N N 278 
MET CB   C N N 279 
MET CG   C N N 280 
MET SD   S N N 281 
MET CE   C N N 282 
MET OXT  O N N 283 
MET H    H N N 284 
MET H2   H N N 285 
MET HA   H N N 286 
MET HB2  H N N 287 
MET HB3  H N N 288 
MET HG2  H N N 289 
MET HG3  H N N 290 
MET HE1  H N N 291 
MET HE2  H N N 292 
MET HE3  H N N 293 
MET HXT  H N N 294 
PHE N    N N N 295 
PHE CA   C N S 296 
PHE C    C N N 297 
PHE O    O N N 298 
PHE CB   C N N 299 
PHE CG   C Y N 300 
PHE CD1  C Y N 301 
PHE CD2  C Y N 302 
PHE CE1  C Y N 303 
PHE CE2  C Y N 304 
PHE CZ   C Y N 305 
PHE OXT  O N N 306 
PHE H    H N N 307 
PHE H2   H N N 308 
PHE HA   H N N 309 
PHE HB2  H N N 310 
PHE HB3  H N N 311 
PHE HD1  H N N 312 
PHE HD2  H N N 313 
PHE HE1  H N N 314 
PHE HE2  H N N 315 
PHE HZ   H N N 316 
PHE HXT  H N N 317 
PRO N    N N N 318 
PRO CA   C N S 319 
PRO C    C N N 320 
PRO O    O N N 321 
PRO CB   C N N 322 
PRO CG   C N N 323 
PRO CD   C N N 324 
PRO OXT  O N N 325 
PRO H    H N N 326 
PRO HA   H N N 327 
PRO HB2  H N N 328 
PRO HB3  H N N 329 
PRO HG2  H N N 330 
PRO HG3  H N N 331 
PRO HD2  H N N 332 
PRO HD3  H N N 333 
PRO HXT  H N N 334 
SER N    N N N 335 
SER CA   C N S 336 
SER C    C N N 337 
SER O    O N N 338 
SER CB   C N N 339 
SER OG   O N N 340 
SER OXT  O N N 341 
SER H    H N N 342 
SER H2   H N N 343 
SER HA   H N N 344 
SER HB2  H N N 345 
SER HB3  H N N 346 
SER HG   H N N 347 
SER HXT  H N N 348 
SO4 S    S N N 349 
SO4 O1   O N N 350 
SO4 O2   O N N 351 
SO4 O3   O N N 352 
SO4 O4   O N N 353 
THR N    N N N 354 
THR CA   C N S 355 
THR C    C N N 356 
THR O    O N N 357 
THR CB   C N R 358 
THR OG1  O N N 359 
THR CG2  C N N 360 
THR OXT  O N N 361 
THR H    H N N 362 
THR H2   H N N 363 
THR HA   H N N 364 
THR HB   H N N 365 
THR HG1  H N N 366 
THR HG21 H N N 367 
THR HG22 H N N 368 
THR HG23 H N N 369 
THR HXT  H N N 370 
TYR N    N N N 371 
TYR CA   C N S 372 
TYR C    C N N 373 
TYR O    O N N 374 
TYR CB   C N N 375 
TYR CG   C Y N 376 
TYR CD1  C Y N 377 
TYR CD2  C Y N 378 
TYR CE1  C Y N 379 
TYR CE2  C Y N 380 
TYR CZ   C Y N 381 
TYR OH   O N N 382 
TYR OXT  O N N 383 
TYR H    H N N 384 
TYR H2   H N N 385 
TYR HA   H N N 386 
TYR HB2  H N N 387 
TYR HB3  H N N 388 
TYR HD1  H N N 389 
TYR HD2  H N N 390 
TYR HE1  H N N 391 
TYR HE2  H N N 392 
TYR HH   H N N 393 
TYR HXT  H N N 394 
VAL N    N N N 395 
VAL CA   C N S 396 
VAL C    C N N 397 
VAL O    O N N 398 
VAL CB   C N N 399 
VAL CG1  C N N 400 
VAL CG2  C N N 401 
VAL OXT  O N N 402 
VAL H    H N N 403 
VAL H2   H N N 404 
VAL HA   H N N 405 
VAL HB   H N N 406 
VAL HG11 H N N 407 
VAL HG12 H N N 408 
VAL HG13 H N N 409 
VAL HG21 H N N 410 
VAL HG22 H N N 411 
VAL HG23 H N N 412 
VAL HXT  H N N 413 
# 
loop_
_chem_comp_bond.comp_id 
_chem_comp_bond.atom_id_1 
_chem_comp_bond.atom_id_2 
_chem_comp_bond.value_order 
_chem_comp_bond.pdbx_aromatic_flag 
_chem_comp_bond.pdbx_stereo_config 
_chem_comp_bond.pdbx_ordinal 
2CK CAA CAB  doub Y N 1   
2CK CAA CAC  sing Y N 2   
2CK CAB CAD  sing Y N 3   
2CK CAC CAI  doub Y N 4   
2CK CAD CAJ  doub Y N 5   
2CK CAI CAJ  sing Y N 6   
2CK CAI CAF  sing N N 7   
2CK CAJ CAG  sing N N 8   
2CK CAF CAE  sing N N 9   
2CK CAG NAH  sing N N 10  
2CK CAE NAH  sing N N 11  
2CK CAE H1   sing N N 12  
2CK CAE H2   sing N N 13  
2CK CAF H3   sing N N 14  
2CK CAF H4   sing N N 15  
2CK CAC H5   sing N N 16  
2CK CAA H6   sing N N 17  
2CK CAB H7   sing N N 18  
2CK CAD H8   sing N N 19  
2CK CAG H9   sing N N 20  
2CK CAG H10  sing N N 21  
2CK NAH H11  sing N N 22  
ALA N   CA   sing N N 23  
ALA N   H    sing N N 24  
ALA N   H2   sing N N 25  
ALA CA  C    sing N N 26  
ALA CA  CB   sing N N 27  
ALA CA  HA   sing N N 28  
ALA C   O    doub N N 29  
ALA C   OXT  sing N N 30  
ALA CB  HB1  sing N N 31  
ALA CB  HB2  sing N N 32  
ALA CB  HB3  sing N N 33  
ALA OXT HXT  sing N N 34  
ARG N   CA   sing N N 35  
ARG N   H    sing N N 36  
ARG N   H2   sing N N 37  
ARG CA  C    sing N N 38  
ARG CA  CB   sing N N 39  
ARG CA  HA   sing N N 40  
ARG C   O    doub N N 41  
ARG C   OXT  sing N N 42  
ARG CB  CG   sing N N 43  
ARG CB  HB2  sing N N 44  
ARG CB  HB3  sing N N 45  
ARG CG  CD   sing N N 46  
ARG CG  HG2  sing N N 47  
ARG CG  HG3  sing N N 48  
ARG CD  NE   sing N N 49  
ARG CD  HD2  sing N N 50  
ARG CD  HD3  sing N N 51  
ARG NE  CZ   sing N N 52  
ARG NE  HE   sing N N 53  
ARG CZ  NH1  sing N N 54  
ARG CZ  NH2  doub N N 55  
ARG NH1 HH11 sing N N 56  
ARG NH1 HH12 sing N N 57  
ARG NH2 HH21 sing N N 58  
ARG NH2 HH22 sing N N 59  
ARG OXT HXT  sing N N 60  
ASN N   CA   sing N N 61  
ASN N   H    sing N N 62  
ASN N   H2   sing N N 63  
ASN CA  C    sing N N 64  
ASN CA  CB   sing N N 65  
ASN CA  HA   sing N N 66  
ASN C   O    doub N N 67  
ASN C   OXT  sing N N 68  
ASN CB  CG   sing N N 69  
ASN CB  HB2  sing N N 70  
ASN CB  HB3  sing N N 71  
ASN CG  OD1  doub N N 72  
ASN CG  ND2  sing N N 73  
ASN ND2 HD21 sing N N 74  
ASN ND2 HD22 sing N N 75  
ASN OXT HXT  sing N N 76  
ASP N   CA   sing N N 77  
ASP N   H    sing N N 78  
ASP N   H2   sing N N 79  
ASP CA  C    sing N N 80  
ASP CA  CB   sing N N 81  
ASP CA  HA   sing N N 82  
ASP C   O    doub N N 83  
ASP C   OXT  sing N N 84  
ASP CB  CG   sing N N 85  
ASP CB  HB2  sing N N 86  
ASP CB  HB3  sing N N 87  
ASP CG  OD1  doub N N 88  
ASP CG  OD2  sing N N 89  
ASP OD2 HD2  sing N N 90  
ASP OXT HXT  sing N N 91  
CYS N   CA   sing N N 92  
CYS N   H    sing N N 93  
CYS N   H2   sing N N 94  
CYS CA  C    sing N N 95  
CYS CA  CB   sing N N 96  
CYS CA  HA   sing N N 97  
CYS C   O    doub N N 98  
CYS C   OXT  sing N N 99  
CYS CB  SG   sing N N 100 
CYS CB  HB2  sing N N 101 
CYS CB  HB3  sing N N 102 
CYS SG  HG   sing N N 103 
CYS OXT HXT  sing N N 104 
DMS S   O    doub N N 105 
DMS S   C1   sing N N 106 
DMS S   C2   sing N N 107 
DMS C1  H11  sing N N 108 
DMS C1  H12  sing N N 109 
DMS C1  H13  sing N N 110 
DMS C2  H21  sing N N 111 
DMS C2  H22  sing N N 112 
DMS C2  H23  sing N N 113 
GLN N   CA   sing N N 114 
GLN N   H    sing N N 115 
GLN N   H2   sing N N 116 
GLN CA  C    sing N N 117 
GLN CA  CB   sing N N 118 
GLN CA  HA   sing N N 119 
GLN C   O    doub N N 120 
GLN C   OXT  sing N N 121 
GLN CB  CG   sing N N 122 
GLN CB  HB2  sing N N 123 
GLN CB  HB3  sing N N 124 
GLN CG  CD   sing N N 125 
GLN CG  HG2  sing N N 126 
GLN CG  HG3  sing N N 127 
GLN CD  OE1  doub N N 128 
GLN CD  NE2  sing N N 129 
GLN NE2 HE21 sing N N 130 
GLN NE2 HE22 sing N N 131 
GLN OXT HXT  sing N N 132 
GLU N   CA   sing N N 133 
GLU N   H    sing N N 134 
GLU N   H2   sing N N 135 
GLU CA  C    sing N N 136 
GLU CA  CB   sing N N 137 
GLU CA  HA   sing N N 138 
GLU C   O    doub N N 139 
GLU C   OXT  sing N N 140 
GLU CB  CG   sing N N 141 
GLU CB  HB2  sing N N 142 
GLU CB  HB3  sing N N 143 
GLU CG  CD   sing N N 144 
GLU CG  HG2  sing N N 145 
GLU CG  HG3  sing N N 146 
GLU CD  OE1  doub N N 147 
GLU CD  OE2  sing N N 148 
GLU OE2 HE2  sing N N 149 
GLU OXT HXT  sing N N 150 
GLY N   CA   sing N N 151 
GLY N   H    sing N N 152 
GLY N   H2   sing N N 153 
GLY CA  C    sing N N 154 
GLY CA  HA2  sing N N 155 
GLY CA  HA3  sing N N 156 
GLY C   O    doub N N 157 
GLY C   OXT  sing N N 158 
GLY OXT HXT  sing N N 159 
GOL C1  O1   sing N N 160 
GOL C1  C2   sing N N 161 
GOL C1  H11  sing N N 162 
GOL C1  H12  sing N N 163 
GOL O1  HO1  sing N N 164 
GOL C2  O2   sing N N 165 
GOL C2  C3   sing N N 166 
GOL C2  H2   sing N N 167 
GOL O2  HO2  sing N N 168 
GOL C3  O3   sing N N 169 
GOL C3  H31  sing N N 170 
GOL C3  H32  sing N N 171 
GOL O3  HO3  sing N N 172 
HIS N   CA   sing N N 173 
HIS N   H    sing N N 174 
HIS N   H2   sing N N 175 
HIS CA  C    sing N N 176 
HIS CA  CB   sing N N 177 
HIS CA  HA   sing N N 178 
HIS C   O    doub N N 179 
HIS C   OXT  sing N N 180 
HIS CB  CG   sing N N 181 
HIS CB  HB2  sing N N 182 
HIS CB  HB3  sing N N 183 
HIS CG  ND1  sing Y N 184 
HIS CG  CD2  doub Y N 185 
HIS ND1 CE1  doub Y N 186 
HIS ND1 HD1  sing N N 187 
HIS CD2 NE2  sing Y N 188 
HIS CD2 HD2  sing N N 189 
HIS CE1 NE2  sing Y N 190 
HIS CE1 HE1  sing N N 191 
HIS NE2 HE2  sing N N 192 
HIS OXT HXT  sing N N 193 
HOH O   H1   sing N N 194 
HOH O   H2   sing N N 195 
ILE N   CA   sing N N 196 
ILE N   H    sing N N 197 
ILE N   H2   sing N N 198 
ILE CA  C    sing N N 199 
ILE CA  CB   sing N N 200 
ILE CA  HA   sing N N 201 
ILE C   O    doub N N 202 
ILE C   OXT  sing N N 203 
ILE CB  CG1  sing N N 204 
ILE CB  CG2  sing N N 205 
ILE CB  HB   sing N N 206 
ILE CG1 CD1  sing N N 207 
ILE CG1 HG12 sing N N 208 
ILE CG1 HG13 sing N N 209 
ILE CG2 HG21 sing N N 210 
ILE CG2 HG22 sing N N 211 
ILE CG2 HG23 sing N N 212 
ILE CD1 HD11 sing N N 213 
ILE CD1 HD12 sing N N 214 
ILE CD1 HD13 sing N N 215 
ILE OXT HXT  sing N N 216 
LEU N   CA   sing N N 217 
LEU N   H    sing N N 218 
LEU N   H2   sing N N 219 
LEU CA  C    sing N N 220 
LEU CA  CB   sing N N 221 
LEU CA  HA   sing N N 222 
LEU C   O    doub N N 223 
LEU C   OXT  sing N N 224 
LEU CB  CG   sing N N 225 
LEU CB  HB2  sing N N 226 
LEU CB  HB3  sing N N 227 
LEU CG  CD1  sing N N 228 
LEU CG  CD2  sing N N 229 
LEU CG  HG   sing N N 230 
LEU CD1 HD11 sing N N 231 
LEU CD1 HD12 sing N N 232 
LEU CD1 HD13 sing N N 233 
LEU CD2 HD21 sing N N 234 
LEU CD2 HD22 sing N N 235 
LEU CD2 HD23 sing N N 236 
LEU OXT HXT  sing N N 237 
LYS N   CA   sing N N 238 
LYS N   H    sing N N 239 
LYS N   H2   sing N N 240 
LYS CA  C    sing N N 241 
LYS CA  CB   sing N N 242 
LYS CA  HA   sing N N 243 
LYS C   O    doub N N 244 
LYS C   OXT  sing N N 245 
LYS CB  CG   sing N N 246 
LYS CB  HB2  sing N N 247 
LYS CB  HB3  sing N N 248 
LYS CG  CD   sing N N 249 
LYS CG  HG2  sing N N 250 
LYS CG  HG3  sing N N 251 
LYS CD  CE   sing N N 252 
LYS CD  HD2  sing N N 253 
LYS CD  HD3  sing N N 254 
LYS CE  NZ   sing N N 255 
LYS CE  HE2  sing N N 256 
LYS CE  HE3  sing N N 257 
LYS NZ  HZ1  sing N N 258 
LYS NZ  HZ2  sing N N 259 
LYS NZ  HZ3  sing N N 260 
LYS OXT HXT  sing N N 261 
MET N   CA   sing N N 262 
MET N   H    sing N N 263 
MET N   H2   sing N N 264 
MET CA  C    sing N N 265 
MET CA  CB   sing N N 266 
MET CA  HA   sing N N 267 
MET C   O    doub N N 268 
MET C   OXT  sing N N 269 
MET CB  CG   sing N N 270 
MET CB  HB2  sing N N 271 
MET CB  HB3  sing N N 272 
MET CG  SD   sing N N 273 
MET CG  HG2  sing N N 274 
MET CG  HG3  sing N N 275 
MET SD  CE   sing N N 276 
MET CE  HE1  sing N N 277 
MET CE  HE2  sing N N 278 
MET CE  HE3  sing N N 279 
MET OXT HXT  sing N N 280 
PHE N   CA   sing N N 281 
PHE N   H    sing N N 282 
PHE N   H2   sing N N 283 
PHE CA  C    sing N N 284 
PHE CA  CB   sing N N 285 
PHE CA  HA   sing N N 286 
PHE C   O    doub N N 287 
PHE C   OXT  sing N N 288 
PHE CB  CG   sing N N 289 
PHE CB  HB2  sing N N 290 
PHE CB  HB3  sing N N 291 
PHE CG  CD1  doub Y N 292 
PHE CG  CD2  sing Y N 293 
PHE CD1 CE1  sing Y N 294 
PHE CD1 HD1  sing N N 295 
PHE CD2 CE2  doub Y N 296 
PHE CD2 HD2  sing N N 297 
PHE CE1 CZ   doub Y N 298 
PHE CE1 HE1  sing N N 299 
PHE CE2 CZ   sing Y N 300 
PHE CE2 HE2  sing N N 301 
PHE CZ  HZ   sing N N 302 
PHE OXT HXT  sing N N 303 
PRO N   CA   sing N N 304 
PRO N   CD   sing N N 305 
PRO N   H    sing N N 306 
PRO CA  C    sing N N 307 
PRO CA  CB   sing N N 308 
PRO CA  HA   sing N N 309 
PRO C   O    doub N N 310 
PRO C   OXT  sing N N 311 
PRO CB  CG   sing N N 312 
PRO CB  HB2  sing N N 313 
PRO CB  HB3  sing N N 314 
PRO CG  CD   sing N N 315 
PRO CG  HG2  sing N N 316 
PRO CG  HG3  sing N N 317 
PRO CD  HD2  sing N N 318 
PRO CD  HD3  sing N N 319 
PRO OXT HXT  sing N N 320 
SER N   CA   sing N N 321 
SER N   H    sing N N 322 
SER N   H2   sing N N 323 
SER CA  C    sing N N 324 
SER CA  CB   sing N N 325 
SER CA  HA   sing N N 326 
SER C   O    doub N N 327 
SER C   OXT  sing N N 328 
SER CB  OG   sing N N 329 
SER CB  HB2  sing N N 330 
SER CB  HB3  sing N N 331 
SER OG  HG   sing N N 332 
SER OXT HXT  sing N N 333 
SO4 S   O1   doub N N 334 
SO4 S   O2   doub N N 335 
SO4 S   O3   sing N N 336 
SO4 S   O4   sing N N 337 
THR N   CA   sing N N 338 
THR N   H    sing N N 339 
THR N   H2   sing N N 340 
THR CA  C    sing N N 341 
THR CA  CB   sing N N 342 
THR CA  HA   sing N N 343 
THR C   O    doub N N 344 
THR C   OXT  sing N N 345 
THR CB  OG1  sing N N 346 
THR CB  CG2  sing N N 347 
THR CB  HB   sing N N 348 
THR OG1 HG1  sing N N 349 
THR CG2 HG21 sing N N 350 
THR CG2 HG22 sing N N 351 
THR CG2 HG23 sing N N 352 
THR OXT HXT  sing N N 353 
TYR N   CA   sing N N 354 
TYR N   H    sing N N 355 
TYR N   H2   sing N N 356 
TYR CA  C    sing N N 357 
TYR CA  CB   sing N N 358 
TYR CA  HA   sing N N 359 
TYR C   O    doub N N 360 
TYR C   OXT  sing N N 361 
TYR CB  CG   sing N N 362 
TYR CB  HB2  sing N N 363 
TYR CB  HB3  sing N N 364 
TYR CG  CD1  doub Y N 365 
TYR CG  CD2  sing Y N 366 
TYR CD1 CE1  sing Y N 367 
TYR CD1 HD1  sing N N 368 
TYR CD2 CE2  doub Y N 369 
TYR CD2 HD2  sing N N 370 
TYR CE1 CZ   doub Y N 371 
TYR CE1 HE1  sing N N 372 
TYR CE2 CZ   sing Y N 373 
TYR CE2 HE2  sing N N 374 
TYR CZ  OH   sing N N 375 
TYR OH  HH   sing N N 376 
TYR OXT HXT  sing N N 377 
VAL N   CA   sing N N 378 
VAL N   H    sing N N 379 
VAL N   H2   sing N N 380 
VAL CA  C    sing N N 381 
VAL CA  CB   sing N N 382 
VAL CA  HA   sing N N 383 
VAL C   O    doub N N 384 
VAL C   OXT  sing N N 385 
VAL CB  CG1  sing N N 386 
VAL CB  CG2  sing N N 387 
VAL CB  HB   sing N N 388 
VAL CG1 HG11 sing N N 389 
VAL CG1 HG12 sing N N 390 
VAL CG1 HG13 sing N N 391 
VAL CG2 HG21 sing N N 392 
VAL CG2 HG22 sing N N 393 
VAL CG2 HG23 sing N N 394 
VAL OXT HXT  sing N N 395 
# 
_pdbx_initial_refinement_model.id               1 
_pdbx_initial_refinement_model.entity_id_list   ? 
_pdbx_initial_refinement_model.type             'experimental model' 
_pdbx_initial_refinement_model.source_name      PDB 
_pdbx_initial_refinement_model.accession_code   2JCP 
_pdbx_initial_refinement_model.details          'pdb entry 2JCP' 
# 
_atom_sites.entry_id                    4MRF 
_atom_sites.fract_transf_matrix[1][1]   0.00555278 
_atom_sites.fract_transf_matrix[1][2]   -0.03606156 
_atom_sites.fract_transf_matrix[1][3]   -0.00523433 
_atom_sites.fract_transf_matrix[2][1]   -0.00459455 
_atom_sites.fract_transf_matrix[2][2]   0.00093537 
_atom_sites.fract_transf_matrix[2][3]   -0.01131822 
_atom_sites.fract_transf_matrix[3][1]   0.03077167 
_atom_sites.fract_transf_matrix[3][2]   -0.01031593 
_atom_sites.fract_transf_matrix[3][3]   -0.01334407 
_atom_sites.fract_transf_vector[1]      0.095842 
_atom_sites.fract_transf_vector[2]      -0.006451 
_atom_sites.fract_transf_vector[3]      0.074794 
# 
loop_
_atom_type.symbol 
C 
N 
O 
S 
# 
loop_
_atom_site.group_PDB 
_atom_site.id 
_atom_site.type_symbol 
_atom_site.label_atom_id 
_atom_site.label_alt_id 
_atom_site.label_comp_id 
_atom_site.label_asym_id 
_atom_site.label_entity_id 
_atom_site.label_seq_id 
_atom_site.pdbx_PDB_ins_code 
_atom_site.Cartn_x 
_atom_site.Cartn_y 
_atom_site.Cartn_z 
_atom_site.occupancy 
_atom_site.B_iso_or_equiv 
_atom_site.pdbx_formal_charge 
_atom_site.auth_seq_id 
_atom_site.auth_comp_id 
_atom_site.auth_asym_id 
_atom_site.auth_atom_id 
_atom_site.pdbx_PDB_model_num 
ATOM   1    N N   . ASN A 1 1   ? -7.998  -14.838 -14.028 1.00 27.97 ? 24  ASN A N   1 
ATOM   2    C CA  . ASN A 1 1   ? -7.615  -13.413 -14.258 1.00 27.47 ? 24  ASN A CA  1 
ATOM   3    C C   . ASN A 1 1   ? -8.071  -12.614 -13.036 1.00 25.64 ? 24  ASN A C   1 
ATOM   4    O O   . ASN A 1 1   ? -9.075  -11.901 -13.103 1.00 24.58 ? 24  ASN A O   1 
ATOM   5    C CB  . ASN A 1 1   ? -8.294  -12.893 -15.532 1.00 28.24 ? 24  ASN A CB  1 
ATOM   6    C CG  . ASN A 1 1   ? -7.399  -11.976 -16.370 1.00 29.84 ? 24  ASN A CG  1 
ATOM   7    O OD1 . ASN A 1 1   ? -6.424  -11.410 -15.885 1.00 34.65 ? 24  ASN A OD1 1 
ATOM   8    N ND2 . ASN A 1 1   ? -7.744  -11.830 -17.647 1.00 32.10 ? 24  ASN A ND2 1 
ATOM   9    N N   . GLN A 1 2   ? -7.349  -12.791 -11.921 1.00 23.99 ? 25  GLN A N   1 
ATOM   10   C CA  . GLN A 1 2   ? -7.741  -12.256 -10.612 1.00 22.41 ? 25  GLN A CA  1 
ATOM   11   C C   . GLN A 1 2   ? -6.557  -11.654 -9.861  1.00 20.30 ? 25  GLN A C   1 
ATOM   12   O O   . GLN A 1 2   ? -5.431  -12.156 -9.940  1.00 20.24 ? 25  GLN A O   1 
ATOM   13   C CB  . GLN A 1 2   ? -8.387  -13.344 -9.744  1.00 23.48 ? 25  GLN A CB  1 
ATOM   14   C CG  . GLN A 1 2   ? -9.393  -12.791 -8.746  1.00 27.45 ? 25  GLN A CG  1 
ATOM   15   C CD  . GLN A 1 2   ? -10.737 -13.484 -8.812  1.00 34.35 ? 25  GLN A CD  1 
ATOM   16   O OE1 . GLN A 1 2   ? -10.988 -14.319 -9.696  1.00 38.62 ? 25  GLN A OE1 1 
ATOM   17   N NE2 . GLN A 1 2   ? -11.621 -13.137 -7.882  1.00 35.03 ? 25  GLN A NE2 1 
ATOM   18   N N   . ILE A 1 3   ? -6.825  -10.564 -9.143  1.00 16.38 ? 26  ILE A N   1 
ATOM   19   C CA  . ILE A 1 3   ? -5.826  -9.901  -8.281  1.00 14.78 ? 26  ILE A CA  1 
ATOM   20   C C   . ILE A 1 3   ? -6.514  -9.513  -6.991  1.00 13.59 ? 26  ILE A C   1 
ATOM   21   O O   . ILE A 1 3   ? -7.581  -8.871  -7.026  1.00 13.97 ? 26  ILE A O   1 
ATOM   22   C CB  . ILE A 1 3   ? -5.283  -8.627  -8.972  1.00 13.91 ? 26  ILE A CB  1 
ATOM   23   C CG1 . ILE A 1 3   ? -4.460  -8.993  -10.222 1.00 14.88 ? 26  ILE A CG1 1 
ATOM   24   C CG2 . ILE A 1 3   ? -4.423  -7.797  -8.006  1.00 15.58 ? 26  ILE A CG2 1 
ATOM   25   C CD1 . ILE A 1 3   ? -3.936  -7.834  -11.016 1.00 18.64 ? 26  ILE A CD1 1 
ATOM   26   N N   . ASP A 1 4   ? -5.937  -9.931  -5.866  1.00 12.76 ? 27  ASP A N   1 
ATOM   27   C CA  . ASP A 1 4   ? -6.351  -9.470  -4.539  1.00 13.06 ? 27  ASP A CA  1 
ATOM   28   C C   . ASP A 1 4   ? -5.426  -8.373  -4.081  1.00 11.49 ? 27  ASP A C   1 
ATOM   29   O O   . ASP A 1 4   ? -4.221  -8.486  -4.177  1.00 12.11 ? 27  ASP A O   1 
ATOM   30   C CB  . ASP A 1 4   ? -6.466  -10.610 -3.547  1.00 15.22 ? 27  ASP A CB  1 
ATOM   31   C CG  . ASP A 1 4   ? -7.744  -11.432 -3.820  1.00 19.23 ? 27  ASP A CG  1 
ATOM   32   O OD1 . ASP A 1 4   ? -8.097  -11.591 -5.014  1.00 26.63 ? 27  ASP A OD1 1 
ATOM   33   O OD2 . ASP A 1 4   ? -8.404  -11.842 -2.879  1.00 24.76 ? 27  ASP A OD2 1 
ATOM   34   N N   . LEU A 1 5   ? -6.047  -7.326  -3.548  1.00 9.74  ? 28  LEU A N   1 
ATOM   35   C CA  . LEU A 1 5   ? -5.298  -6.182  -2.975  1.00 8.12  ? 28  LEU A CA  1 
ATOM   36   C C   . LEU A 1 5   ? -5.674  -6.072  -1.522  1.00 8.78  ? 28  LEU A C   1 
ATOM   37   O O   . LEU A 1 5   ? -6.785  -5.639  -1.177  1.00 9.09  ? 28  LEU A O   1 
ATOM   38   C CB  . LEU A 1 5   ? -5.665  -4.888  -3.695  1.00 8.96  ? 28  LEU A CB  1 
ATOM   39   C CG  . LEU A 1 5   ? -5.393  -4.856  -5.189  1.00 8.50  ? 28  LEU A CG  1 
ATOM   40   C CD1 . LEU A 1 5   ? -5.956  -3.606  -5.869  1.00 11.82 ? 28  LEU A CD1 1 
ATOM   41   C CD2 . LEU A 1 5   ? -3.896  -5.052  -5.473  1.00 10.15 ? 28  LEU A CD2 1 
ATOM   42   N N   . ASN A 1 6   ? -4.747  -6.438  -0.641  1.00 6.38  ? 29  ASN A N   1 
ATOM   43   C CA  . ASN A 1 6   ? -4.979  -6.348  0.813   1.00 7.72  ? 29  ASN A CA  1 
ATOM   44   C C   . ASN A 1 6   ? -4.640  -4.953  1.261   1.00 7.69  ? 29  ASN A C   1 
ATOM   45   O O   . ASN A 1 6   ? -3.526  -4.508  1.018   1.00 9.45  ? 29  ASN A O   1 
ATOM   46   C CB  . ASN A 1 6   ? -4.066  -7.344  1.549   1.00 8.70  ? 29  ASN A CB  1 
ATOM   47   C CG  . ASN A 1 6   ? -4.350  -8.770  1.173   1.00 11.93 ? 29  ASN A CG  1 
ATOM   48   O OD1 . ASN A 1 6   ? -5.454  -9.119  0.770   1.00 13.10 ? 29  ASN A OD1 1 
ATOM   49   N ND2 . ASN A 1 6   ? -3.333  -9.621  1.301   1.00 15.20 ? 29  ASN A ND2 1 
ATOM   50   N N   A VAL A 1 7   ? -5.579  -4.253  1.869   0.50 6.85  ? 30  VAL A N   1 
ATOM   51   N N   B VAL A 1 7   ? -5.579  -4.265  1.912   0.50 7.33  ? 30  VAL A N   1 
ATOM   52   C CA  A VAL A 1 7   ? -5.332  -2.875  2.241   0.50 6.85  ? 30  VAL A CA  1 
ATOM   53   C CA  B VAL A 1 7   ? -5.485  -2.821  2.209   0.50 7.81  ? 30  VAL A CA  1 
ATOM   54   C C   A VAL A 1 7   ? -5.469  -2.730  3.751   0.50 7.92  ? 30  VAL A C   1 
ATOM   55   C C   B VAL A 1 7   ? -5.646  -2.564  3.714   0.50 8.36  ? 30  VAL A C   1 
ATOM   56   O O   A VAL A 1 7   ? -6.151  -3.500  4.438   0.50 8.03  ? 30  VAL A O   1 
ATOM   57   O O   B VAL A 1 7   ? -6.556  -3.093  4.374   0.50 8.88  ? 30  VAL A O   1 
ATOM   58   C CB  A VAL A 1 7   ? -6.257  -1.907  1.500   0.50 6.52  ? 30  VAL A CB  1 
ATOM   59   C CB  B VAL A 1 7   ? -6.606  -2.046  1.475   0.50 7.81  ? 30  VAL A CB  1 
ATOM   60   C CG1 A VAL A 1 7   ? -5.978  -1.975  -0.013  0.50 7.69  ? 30  VAL A CG1 1 
ATOM   61   C CG1 B VAL A 1 7   ? -6.492  -0.552  1.696   0.50 8.85  ? 30  VAL A CG1 1 
ATOM   62   C CG2 A VAL A 1 7   ? -7.740  -2.189  1.835   0.50 6.08  ? 30  VAL A CG2 1 
ATOM   63   C CG2 B VAL A 1 7   ? -6.635  -2.377  -0.015  0.50 9.32  ? 30  VAL A CG2 1 
ATOM   64   N N   . THR A 1 8   ? -4.752  -1.749  4.269   1.00 6.79  ? 31  THR A N   1 
ATOM   65   C CA  . THR A 1 8   ? -4.794  -1.443  5.682   1.00 7.66  ? 31  THR A CA  1 
ATOM   66   C C   . THR A 1 8   ? -5.651  -0.223  5.987   1.00 7.67  ? 31  THR A C   1 
ATOM   67   O O   . THR A 1 8   ? -6.079  0.519   5.121   1.00 7.96  ? 31  THR A O   1 
ATOM   68   C CB  . THR A 1 8   ? -3.385  -1.164  6.260   1.00 7.42  ? 31  THR A CB  1 
ATOM   69   O OG1 . THR A 1 8   ? -2.847  0.033   5.672   1.00 7.77  ? 31  THR A OG1 1 
ATOM   70   C CG2 . THR A 1 8   ? -2.416  -2.343  6.020   1.00 8.27  ? 31  THR A CG2 1 
ATOM   71   N N   . CYS A 1 9   ? -5.806  -0.014  7.285   1.00 7.70  ? 32  CYS A N   1 
ATOM   72   C CA  . CYS A 1 9   ? -6.228  1.304   7.816   1.00 7.55  ? 32  CYS A CA  1 
ATOM   73   C C   . CYS A 1 9   ? -5.377  2.409   7.207   1.00 8.13  ? 32  CYS A C   1 
ATOM   74   O O   . CYS A 1 9   ? -4.198  2.191   6.871   1.00 8.06  ? 32  CYS A O   1 
ATOM   75   C CB  . CYS A 1 9   ? -6.005  1.361   9.319   1.00 8.83  ? 32  CYS A CB  1 
ATOM   76   S SG  . CYS A 1 9   ? -6.996  0.149   10.245  1.00 13.06 ? 32  CYS A SG  1 
ATOM   77   N N   . ARG A 1 10  ? -5.990  3.577   7.067   1.00 6.65  ? 33  ARG A N   1 
ATOM   78   C CA  . ARG A 1 10  ? -5.239  4.792   6.681   1.00 7.20  ? 33  ARG A CA  1 
ATOM   79   C C   . ARG A 1 10  ? -4.826  5.556   7.903   1.00 7.77  ? 33  ARG A C   1 
ATOM   80   O O   . ARG A 1 10  ? -5.582  5.675   8.889   1.00 8.76  ? 33  ARG A O   1 
ATOM   81   C CB  . ARG A 1 10  ? -6.059  5.701   5.779   1.00 6.70  ? 33  ARG A CB  1 
ATOM   82   C CG  . ARG A 1 10  ? -6.118  5.298   4.290   1.00 6.25  ? 33  ARG A CG  1 
ATOM   83   C CD  . ARG A 1 10  ? -6.842  3.988   4.055   1.00 5.08  ? 33  ARG A CD  1 
ATOM   84   N NE  . ARG A 1 10  ? -8.253  4.130   4.419   1.00 5.85  ? 33  ARG A NE  1 
ATOM   85   C CZ  . ARG A 1 10  ? -9.018  3.161   4.899   1.00 9.39  ? 33  ARG A CZ  1 
ATOM   86   N NH1 . ARG A 1 10  ? -10.278 3.463   5.201   1.00 9.29  ? 33  ARG A NH1 1 
ATOM   87   N NH2 . ARG A 1 10  ? -8.570  1.930   5.075   1.00 10.13 ? 33  ARG A NH2 1 
ATOM   88   N N   . TYR A 1 11  ? -3.625  6.087   7.844   1.00 5.59  ? 34  TYR A N   1 
ATOM   89   C CA  . TYR A 1 11  ? -3.074  6.966   8.887   1.00 6.88  ? 34  TYR A CA  1 
ATOM   90   C C   . TYR A 1 11  ? -2.596  8.265   8.274   1.00 6.22  ? 34  TYR A C   1 
ATOM   91   O O   . TYR A 1 11  ? -1.653  8.249   7.531   1.00 6.73  ? 34  TYR A O   1 
ATOM   92   C CB  . TYR A 1 11  ? -1.931  6.267   9.637   1.00 6.56  ? 34  TYR A CB  1 
ATOM   93   C CG  . TYR A 1 11  ? -2.408  5.103   10.426  1.00 10.20 ? 34  TYR A CG  1 
ATOM   94   C CD1 . TYR A 1 11  ? -2.728  5.258   11.783  1.00 11.34 ? 34  TYR A CD1 1 
ATOM   95   C CD2 . TYR A 1 11  ? -2.566  3.866   9.824   1.00 11.35 ? 34  TYR A CD2 1 
ATOM   96   C CE1 . TYR A 1 11  ? -3.164  4.151   12.509  1.00 12.44 ? 34  TYR A CE1 1 
ATOM   97   C CE2 . TYR A 1 11  ? -3.019  2.777   10.544  1.00 12.31 ? 34  TYR A CE2 1 
ATOM   98   C CZ  . TYR A 1 11  ? -3.316  2.944   11.867  1.00 12.69 ? 34  TYR A CZ  1 
ATOM   99   O OH  . TYR A 1 11  ? -3.783  1.854   12.585  1.00 19.74 ? 34  TYR A OH  1 
ATOM   100  N N   . ALA A 1 12  ? -3.276  9.383   8.552   1.00 6.38  ? 35  ALA A N   1 
ATOM   101  C CA  . ALA A 1 12  ? -2.989  10.603  7.853   1.00 5.81  ? 35  ALA A CA  1 
ATOM   102  C C   . ALA A 1 12  ? -2.930  10.375  6.336   1.00 6.05  ? 35  ALA A C   1 
ATOM   103  O O   . ALA A 1 12  ? -2.050  10.885  5.649   1.00 6.33  ? 35  ALA A O   1 
ATOM   104  C CB  . ALA A 1 12  ? -1.671  11.289  8.390   1.00 7.06  ? 35  ALA A CB  1 
ATOM   105  N N   . GLY A 1 13  ? -3.852  9.566   5.846   1.00 5.84  ? 36  GLY A N   1 
ATOM   106  C CA  . GLY A 1 13  ? -3.981  9.292   4.401   1.00 5.25  ? 36  GLY A CA  1 
ATOM   107  C C   . GLY A 1 13  ? -3.071  8.197   3.848   1.00 5.42  ? 36  GLY A C   1 
ATOM   108  O O   . GLY A 1 13  ? -3.230  7.809   2.697   1.00 7.21  ? 36  GLY A O   1 
ATOM   109  N N   . VAL A 1 14  ? -2.129  7.723   4.647   1.00 6.29  ? 37  VAL A N   1 
ATOM   110  C CA  . VAL A 1 14  ? -1.178  6.725   4.146   1.00 5.97  ? 37  VAL A CA  1 
ATOM   111  C C   . VAL A 1 14  ? -1.664  5.311   4.517   1.00 6.62  ? 37  VAL A C   1 
ATOM   112  O O   . VAL A 1 14  ? -2.068  5.052   5.659   1.00 6.45  ? 37  VAL A O   1 
ATOM   113  C CB  . VAL A 1 14  ? 0.173   6.973   4.779   1.00 5.74  ? 37  VAL A CB  1 
ATOM   114  C CG1 . VAL A 1 14  ? 1.233   5.912   4.330   1.00 5.07  ? 37  VAL A CG1 1 
ATOM   115  C CG2 . VAL A 1 14  ? 0.664   8.403   4.402   1.00 5.09  ? 37  VAL A CG2 1 
ATOM   116  N N   . PHE A 1 15  ? -1.587  4.389   3.549   1.00 5.99  ? 38  PHE A N   1 
ATOM   117  C CA  . PHE A 1 15  ? -1.982  2.985   3.800   1.00 5.86  ? 38  PHE A CA  1 
ATOM   118  C C   . PHE A 1 15  ? -1.026  2.062   3.056   1.00 5.99  ? 38  PHE A C   1 
ATOM   119  O O   . PHE A 1 15  ? -0.287  2.498   2.192   1.00 5.75  ? 38  PHE A O   1 
ATOM   120  C CB  . PHE A 1 15  ? -3.465  2.688   3.423   1.00 7.04  ? 38  PHE A CB  1 
ATOM   121  C CG  . PHE A 1 15  ? -3.839  2.993   1.980   1.00 8.06  ? 38  PHE A CG  1 
ATOM   122  C CD1 . PHE A 1 15  ? -4.084  1.950   1.054   1.00 9.75  ? 38  PHE A CD1 1 
ATOM   123  C CD2 . PHE A 1 15  ? -3.944  4.306   1.525   1.00 6.43  ? 38  PHE A CD2 1 
ATOM   124  C CE1 . PHE A 1 15  ? -4.465  2.233   -0.255  1.00 9.79  ? 38  PHE A CE1 1 
ATOM   125  C CE2 . PHE A 1 15  ? -4.318  4.588   0.212   1.00 7.64  ? 38  PHE A CE2 1 
ATOM   126  C CZ  . PHE A 1 15  ? -4.561  3.551   -0.676  1.00 9.59  ? 38  PHE A CZ  1 
ATOM   127  N N   . HIS A 1 16  ? -1.081  0.790   3.421   1.00 6.26  ? 39  HIS A N   1 
ATOM   128  C CA  . HIS A 1 16  ? -0.256  -0.266  2.870   1.00 6.02  ? 39  HIS A CA  1 
ATOM   129  C C   . HIS A 1 16  ? -1.142  -1.159  1.994   1.00 6.99  ? 39  HIS A C   1 
ATOM   130  O O   . HIS A 1 16  ? -2.282  -1.464  2.349   1.00 6.88  ? 39  HIS A O   1 
ATOM   131  C CB  . HIS A 1 16  ? 0.402   -1.020  4.054   1.00 7.54  ? 39  HIS A CB  1 
ATOM   132  C CG  . HIS A 1 16  ? 1.039   -2.329  3.691   1.00 7.13  ? 39  HIS A CG  1 
ATOM   133  N ND1 . HIS A 1 16  ? 0.675   -3.520  4.281   1.00 13.15 ? 39  HIS A ND1 1 
ATOM   134  C CD2 . HIS A 1 16  ? 2.071   -2.624  2.858   1.00 8.24  ? 39  HIS A CD2 1 
ATOM   135  C CE1 . HIS A 1 16  ? 1.414   -4.500  3.782   1.00 11.07 ? 39  HIS A CE1 1 
ATOM   136  N NE2 . HIS A 1 16  ? 2.279   -3.979  2.928   1.00 9.12  ? 39  HIS A NE2 1 
ATOM   137  N N   . VAL A 1 17  ? -0.603  -1.516  0.824   1.00 5.54  ? 40  VAL A N   1 
ATOM   138  C CA  . VAL A 1 17  ? -1.266  -2.443  -0.103  1.00 7.09  ? 40  VAL A CA  1 
ATOM   139  C C   . VAL A 1 17  ? -0.317  -3.617  -0.409  1.00 6.98  ? 40  VAL A C   1 
ATOM   140  O O   . VAL A 1 17  ? 0.833   -3.424  -0.847  1.00 7.91  ? 40  VAL A O   1 
ATOM   141  C CB  . VAL A 1 17  ? -1.660  -1.764  -1.412  1.00 7.42  ? 40  VAL A CB  1 
ATOM   142  C CG1 . VAL A 1 17  ? -2.501  -2.721  -2.297  1.00 7.98  ? 40  VAL A CG1 1 
ATOM   143  C CG2 . VAL A 1 17  ? -2.473  -0.521  -1.127  1.00 8.15  ? 40  VAL A CG2 1 
ATOM   144  N N   A GLU A 1 18  ? -0.830  -4.831  -0.223  0.50 7.47  ? 41  GLU A N   1 
ATOM   145  N N   B GLU A 1 18  ? -0.828  -4.829  -0.187  0.50 7.76  ? 41  GLU A N   1 
ATOM   146  C CA  A GLU A 1 18  ? -0.102  -6.063  -0.583  0.50 8.18  ? 41  GLU A CA  1 
ATOM   147  C CA  B GLU A 1 18  ? -0.159  -6.072  -0.610  0.50 8.65  ? 41  GLU A CA  1 
ATOM   148  C C   A GLU A 1 18  ? -0.869  -6.762  -1.708  0.50 9.27  ? 41  GLU A C   1 
ATOM   149  C C   B GLU A 1 18  ? -0.919  -6.633  -1.795  0.50 9.45  ? 41  GLU A C   1 
ATOM   150  O O   A GLU A 1 18  ? -2.060  -7.059  -1.540  0.50 9.89  ? 41  GLU A O   1 
ATOM   151  O O   B GLU A 1 18  ? -2.142  -6.767  -1.739  0.50 10.21 ? 41  GLU A O   1 
ATOM   152  C CB  A GLU A 1 18  ? 0.038   -6.971  0.642   0.50 8.67  ? 41  GLU A CB  1 
ATOM   153  C CB  B GLU A 1 18  ? -0.207  -7.127  0.482   0.50 9.62  ? 41  GLU A CB  1 
ATOM   154  C CG  A GLU A 1 18  ? 0.599   -8.359  0.366   0.50 12.13 ? 41  GLU A CG  1 
ATOM   155  C CG  B GLU A 1 18  ? 0.457   -6.757  1.759   0.50 13.18 ? 41  GLU A CG  1 
ATOM   156  C CD  A GLU A 1 18  ? 0.372   -9.305  1.555   0.50 14.44 ? 41  GLU A CD  1 
ATOM   157  C CD  B GLU A 1 18  ? 0.230   -7.808  2.823   0.50 17.23 ? 41  GLU A CD  1 
ATOM   158  O OE1 A GLU A 1 18  ? 1.348   -9.970  1.970   0.50 15.71 ? 41  GLU A OE1 1 
ATOM   159  O OE1 B GLU A 1 18  ? -0.675  -8.659  2.609   0.50 18.28 ? 41  GLU A OE1 1 
ATOM   160  O OE2 A GLU A 1 18  ? -0.776  -9.374  2.084   0.50 14.45 ? 41  GLU A OE2 1 
ATOM   161  O OE2 B GLU A 1 18  ? 0.925   -7.767  3.867   0.50 18.20 ? 41  GLU A OE2 1 
ATOM   162  N N   . LYS A 1 19  ? -0.195  -7.010  -2.834  1.00 9.20  ? 42  LYS A N   1 
ATOM   163  C CA  . LYS A 1 19  ? -0.827  -7.659  -4.003  1.00 10.72 ? 42  LYS A CA  1 
ATOM   164  C C   . LYS A 1 19  ? -0.727  -9.174  -3.800  1.00 11.63 ? 42  LYS A C   1 
ATOM   165  O O   . LYS A 1 19  ? 0.387   -9.714  -3.698  1.00 12.77 ? 42  LYS A O   1 
ATOM   166  C CB  . LYS A 1 19  ? -0.153  -7.218  -5.306  1.00 8.91  ? 42  LYS A CB  1 
ATOM   167  C CG  . LYS A 1 19  ? -0.808  -7.850  -6.539  1.00 13.54 ? 42  LYS A CG  1 
ATOM   168  C CD  . LYS A 1 19  ? -0.017  -7.521  -7.762  1.00 15.17 ? 42  LYS A CD  1 
ATOM   169  C CE  . LYS A 1 19  ? -0.661  -8.116  -9.021  1.00 18.07 ? 42  LYS A CE  1 
ATOM   170  N NZ  . LYS A 1 19  ? 0.228   -7.949  -10.221 1.00 20.92 ? 42  LYS A NZ  1 
ATOM   171  N N   . ASN A 1 20  ? -1.873  -9.864  -3.743  1.00 13.00 ? 43  ASN A N   1 
ATOM   172  C CA  . ASN A 1 20  ? -1.921  -11.330 -3.644  1.00 16.86 ? 43  ASN A CA  1 
ATOM   173  C C   . ASN A 1 20  ? -1.151  -11.882 -2.455  1.00 18.33 ? 43  ASN A C   1 
ATOM   174  O O   . ASN A 1 20  ? -0.698  -13.023 -2.494  1.00 21.17 ? 43  ASN A O   1 
ATOM   175  C CB  . ASN A 1 20  ? -1.421  -11.973 -4.950  1.00 16.03 ? 43  ASN A CB  1 
ATOM   176  C CG  . ASN A 1 20  ? -2.348  -11.700 -6.126  1.00 17.52 ? 43  ASN A CG  1 
ATOM   177  O OD1 . ASN A 1 20  ? -3.572  -11.613 -5.955  1.00 16.17 ? 43  ASN A OD1 1 
ATOM   178  N ND2 . ASN A 1 20  ? -1.771  -11.578 -7.319  1.00 17.21 ? 43  ASN A ND2 1 
ATOM   179  N N   . GLY A 1 21  ? -0.990  -11.067 -1.417  1.00 19.74 ? 44  GLY A N   1 
ATOM   180  C CA  . GLY A 1 21  ? -0.438  -11.554 -0.158  1.00 20.57 ? 44  GLY A CA  1 
ATOM   181  C C   . GLY A 1 21  ? 1.035   -11.931 -0.225  1.00 20.72 ? 44  GLY A C   1 
ATOM   182  O O   . GLY A 1 21  ? 1.538   -12.613 0.676   1.00 22.42 ? 44  GLY A O   1 
ATOM   183  N N   . ARG A 1 22  ? 1.737   -11.467 -1.257  1.00 19.30 ? 45  ARG A N   1 
ATOM   184  C CA  . ARG A 1 22  ? 3.159   -11.750 -1.383  1.00 18.31 ? 45  ARG A CA  1 
ATOM   185  C C   . ARG A 1 22  ? 3.871   -10.558 -2.006  1.00 16.22 ? 45  ARG A C   1 
ATOM   186  O O   . ARG A 1 22  ? 3.233   -9.788  -2.738  1.00 14.08 ? 45  ARG A O   1 
ATOM   187  C CB  . ARG A 1 22  ? 3.372   -12.998 -2.258  1.00 20.02 ? 45  ARG A CB  1 
ATOM   188  C CG  . ARG A 1 22  ? 2.967   -12.866 -3.741  1.00 22.99 ? 45  ARG A CG  1 
ATOM   189  C CD  . ARG A 1 22  ? 3.271   -14.170 -4.509  1.00 30.27 ? 45  ARG A CD  1 
ATOM   190  N NE  . ARG A 1 22  ? 2.770   -14.147 -5.891  1.00 35.52 ? 45  ARG A NE  1 
ATOM   191  C CZ  . ARG A 1 22  ? 3.494   -13.796 -6.963  1.00 37.84 ? 45  ARG A CZ  1 
ATOM   192  N NH1 . ARG A 1 22  ? 4.759   -13.411 -6.836  1.00 39.20 ? 45  ARG A NH1 1 
ATOM   193  N NH2 . ARG A 1 22  ? 2.952   -13.815 -8.177  1.00 37.93 ? 45  ARG A NH2 1 
ATOM   194  N N   . TYR A 1 23  ? 5.179   -10.424 -1.741  1.00 12.09 ? 46  TYR A N   1 
ATOM   195  C CA  . TYR A 1 23  ? 5.940   -9.309  -2.337  1.00 12.26 ? 46  TYR A CA  1 
ATOM   196  C C   . TYR A 1 23  ? 5.948   -9.465  -3.856  1.00 12.62 ? 46  TYR A C   1 
ATOM   197  O O   . TYR A 1 23  ? 6.567   -10.416 -4.415  1.00 14.54 ? 46  TYR A O   1 
ATOM   198  C CB  . TYR A 1 23  ? 7.388   -9.304  -1.858  1.00 10.03 ? 46  TYR A CB  1 
ATOM   199  C CG  . TYR A 1 23  ? 7.599   -8.821  -0.449  1.00 10.29 ? 46  TYR A CG  1 
ATOM   200  C CD1 . TYR A 1 23  ? 7.098   -7.589  -0.014  1.00 8.39  ? 46  TYR A CD1 1 
ATOM   201  C CD2 . TYR A 1 23  ? 8.295   -9.601  0.447   1.00 11.35 ? 46  TYR A CD2 1 
ATOM   202  C CE1 . TYR A 1 23  ? 7.332   -7.158  1.285   1.00 7.15  ? 46  TYR A CE1 1 
ATOM   203  C CE2 . TYR A 1 23  ? 8.544   -9.177  1.755   1.00 7.72  ? 46  TYR A CE2 1 
ATOM   204  C CZ  . TYR A 1 23  ? 8.053   -7.932  2.178   1.00 8.24  ? 46  TYR A CZ  1 
ATOM   205  O OH  . TYR A 1 23  ? 8.300   -7.535  3.485   1.00 10.66 ? 46  TYR A OH  1 
ATOM   206  N N   . SER A 1 24  ? 5.255   -8.579  -4.554  1.00 10.69 ? 47  SER A N   1 
ATOM   207  C CA  . SER A 1 24  ? 5.029   -8.821  -5.990  1.00 10.46 ? 47  SER A CA  1 
ATOM   208  C C   . SER A 1 24  ? 4.774   -7.607  -6.840  1.00 11.15 ? 47  SER A C   1 
ATOM   209  O O   . SER A 1 24  ? 4.354   -7.713  -8.004  1.00 11.00 ? 47  SER A O   1 
ATOM   210  C CB  . SER A 1 24  ? 3.900   -9.841  -6.166  1.00 10.70 ? 47  SER A CB  1 
ATOM   211  O OG  . SER A 1 24  ? 2.688   -9.262  -5.709  1.00 13.31 ? 47  SER A OG  1 
ATOM   212  N N   . ILE A 1 25  ? 5.083   -6.435  -6.295  1.00 10.32 ? 48  ILE A N   1 
ATOM   213  C CA  . ILE A 1 25  ? 4.811   -5.183  -6.975  1.00 10.06 ? 48  ILE A CA  1 
ATOM   214  C C   . ILE A 1 25  ? 6.126   -4.489  -7.337  1.00 8.60  ? 48  ILE A C   1 
ATOM   215  O O   . ILE A 1 25  ? 6.978   -4.272  -6.494  1.00 8.71  ? 48  ILE A O   1 
ATOM   216  C CB  . ILE A 1 25  ? 3.962   -4.245  -6.071  1.00 9.28  ? 48  ILE A CB  1 
ATOM   217  C CG1 . ILE A 1 25  ? 2.702   -4.950  -5.560  1.00 9.81  ? 48  ILE A CG1 1 
ATOM   218  C CG2 . ILE A 1 25  ? 3.618   -2.964  -6.815  1.00 12.74 ? 48  ILE A CG2 1 
ATOM   219  C CD1 . ILE A 1 25  ? 1.902   -4.066  -4.501  1.00 9.87  ? 48  ILE A CD1 1 
ATOM   220  N N   . SER A 1 26  ? 6.299   -4.169  -8.608  1.00 8.87  ? 49  SER A N   1 
ATOM   221  C CA  . SER A 1 26  ? 7.412   -3.330  -9.065  1.00 10.01 ? 49  SER A CA  1 
ATOM   222  C C   . SER A 1 26  ? 7.182   -1.846  -8.819  1.00 10.33 ? 49  SER A C   1 
ATOM   223  O O   . SER A 1 26  ? 6.046   -1.426  -8.526  1.00 10.30 ? 49  SER A O   1 
ATOM   224  C CB  . SER A 1 26  ? 7.624   -3.552  -10.559 1.00 10.14 ? 49  SER A CB  1 
ATOM   225  O OG  . SER A 1 26  ? 6.578   -2.911  -11.288 1.00 13.60 ? 49  SER A OG  1 
ATOM   226  N N   A ARG A 1 27  ? 8.235   -1.037  -8.940  0.50 10.55 ? 50  ARG A N   1 
ATOM   227  N N   B ARG A 1 27  ? 8.250   -1.056  -8.948  0.50 10.35 ? 50  ARG A N   1 
ATOM   228  C CA  A ARG A 1 27  ? 8.086   0.396   -8.693  0.50 11.22 ? 50  ARG A CA  1 
ATOM   229  C CA  B ARG A 1 27  ? 8.164   0.386   -8.774  0.50 10.96 ? 50  ARG A CA  1 
ATOM   230  C C   A ARG A 1 27  ? 7.093   1.026   -9.694  0.50 11.96 ? 50  ARG A C   1 
ATOM   231  C C   B ARG A 1 27  ? 7.086   0.979   -9.687  0.50 11.75 ? 50  ARG A C   1 
ATOM   232  O O   A ARG A 1 27  ? 6.303   1.885   -9.302  0.50 11.71 ? 50  ARG A O   1 
ATOM   233  O O   B ARG A 1 27  ? 6.250   1.764   -9.239  0.50 11.43 ? 50  ARG A O   1 
ATOM   234  C CB  A ARG A 1 27  ? 9.454   1.098   -8.697  0.50 11.80 ? 50  ARG A CB  1 
ATOM   235  C CB  B ARG A 1 27  ? 9.525   1.025   -9.084  0.50 11.13 ? 50  ARG A CB  1 
ATOM   236  C CG  A ARG A 1 27  ? 9.435   2.567   -8.263  0.50 14.56 ? 50  ARG A CG  1 
ATOM   237  C CG  B ARG A 1 27  ? 9.510   2.537   -8.996  0.50 12.92 ? 50  ARG A CG  1 
ATOM   238  C CD  A ARG A 1 27  ? 8.998   2.758   -6.798  0.50 16.37 ? 50  ARG A CD  1 
ATOM   239  C CD  B ARG A 1 27  ? 8.884   2.992   -7.685  0.50 14.44 ? 50  ARG A CD  1 
ATOM   240  N NE  A ARG A 1 27  ? 9.124   4.161   -6.439  0.50 17.05 ? 50  ARG A NE  1 
ATOM   241  N NE  B ARG A 1 27  ? 9.070   4.418   -7.490  0.50 16.72 ? 50  ARG A NE  1 
ATOM   242  C CZ  A ARG A 1 27  ? 9.933   4.676   -5.518  0.50 16.22 ? 50  ARG A CZ  1 
ATOM   243  C CZ  B ARG A 1 27  ? 8.297   5.328   -8.053  0.50 17.23 ? 50  ARG A CZ  1 
ATOM   244  N NH1 A ARG A 1 27  ? 10.713  3.933   -4.710  0.50 2.77  ? 50  ARG A NH1 1 
ATOM   245  N NH1 B ARG A 1 27  ? 7.297   4.935   -8.833  0.50 15.65 ? 50  ARG A NH1 1 
ATOM   246  N NH2 A ARG A 1 27  ? 9.921   5.991   -5.393  0.50 21.54 ? 50  ARG A NH2 1 
ATOM   247  N NH2 B ARG A 1 27  ? 8.525   6.614   -7.846  0.50 15.09 ? 50  ARG A NH2 1 
ATOM   248  N N   . THR A 1 28  ? 7.081   0.565   -10.950 1.00 11.93 ? 51  THR A N   1 
ATOM   249  C CA  . THR A 1 28  ? 6.096   1.077   -11.912 1.00 13.63 ? 51  THR A CA  1 
ATOM   250  C C   . THR A 1 28  ? 4.673   0.650   -11.606 1.00 12.62 ? 51  THR A C   1 
ATOM   251  O O   . THR A 1 28  ? 3.744   1.476   -11.669 1.00 12.73 ? 51  THR A O   1 
ATOM   252  C CB  . THR A 1 28  ? 6.484   0.744   -13.342 1.00 13.70 ? 51  THR A CB  1 
ATOM   253  O OG1 . THR A 1 28  ? 6.705   -0.662  -13.473 1.00 16.54 ? 51  THR A OG1 1 
ATOM   254  C CG2 . THR A 1 28  ? 7.746   1.494   -13.699 1.00 17.81 ? 51  THR A CG2 1 
ATOM   255  N N   . GLU A 1 29  ? 4.509   -0.605  -11.195 1.00 11.35 ? 52  GLU A N   1 
ATOM   256  C CA  . GLU A 1 29  ? 3.183   -1.105  -10.847 1.00 10.66 ? 52  GLU A CA  1 
ATOM   257  C C   . GLU A 1 29  ? 2.666   -0.382  -9.592  1.00 10.49 ? 52  GLU A C   1 
ATOM   258  O O   . GLU A 1 29  ? 1.486   -0.098  -9.468  1.00 10.76 ? 52  GLU A O   1 
ATOM   259  C CB  . GLU A 1 29  ? 3.181   -2.616  -10.629 1.00 11.04 ? 52  GLU A CB  1 
ATOM   260  C CG  . GLU A 1 29  ? 1.770   -3.155  -10.373 1.00 14.41 ? 52  GLU A CG  1 
ATOM   261  C CD  . GLU A 1 29  ? 1.578   -4.655  -10.573 1.00 16.78 ? 52  GLU A CD  1 
ATOM   262  O OE1 . GLU A 1 29  ? 2.405   -5.362  -11.212 1.00 21.85 ? 52  GLU A OE1 1 
ATOM   263  O OE2 . GLU A 1 29  ? 0.553   -5.154  -10.125 1.00 15.97 ? 52  GLU A OE2 1 
ATOM   264  N N   . ALA A 1 30  ? 3.583   -0.054  -8.693  1.00 9.55  ? 53  ALA A N   1 
ATOM   265  C CA  . ALA A 1 30  ? 3.232   0.609   -7.443  1.00 9.74  ? 53  ALA A CA  1 
ATOM   266  C C   . ALA A 1 30  ? 2.608   1.963   -7.725  1.00 8.93  ? 53  ALA A C   1 
ATOM   267  O O   . ALA A 1 30  ? 1.559   2.309   -7.141  1.00 8.32  ? 53  ALA A O   1 
ATOM   268  C CB  . ALA A 1 30  ? 4.480   0.783   -6.570  1.00 8.99  ? 53  ALA A CB  1 
ATOM   269  N N   . ALA A 1 31  ? 3.216   2.741   -8.611  1.00 10.22 ? 54  ALA A N   1 
ATOM   270  C CA  . ALA A 1 31  ? 2.653   4.052   -8.959  1.00 9.92  ? 54  ALA A CA  1 
ATOM   271  C C   . ALA A 1 31  ? 1.267   3.906   -9.602  1.00 10.50 ? 54  ALA A C   1 
ATOM   272  O O   . ALA A 1 31  ? 0.339   4.698   -9.302  1.00 11.36 ? 54  ALA A O   1 
ATOM   273  C CB  . ALA A 1 31  ? 3.609   4.835   -9.872  1.00 11.82 ? 54  ALA A CB  1 
ATOM   274  N N   . ASP A 1 32  ? 1.114   2.893   -10.461 1.00 10.02 ? 55  ASP A N   1 
ATOM   275  C CA  . ASP A 1 32  ? -0.189  2.648   -11.132 1.00 11.30 ? 55  ASP A CA  1 
ATOM   276  C C   . ASP A 1 32  ? -1.263  2.239   -10.151 1.00 10.01 ? 55  ASP A C   1 
ATOM   277  O O   . ASP A 1 32  ? -2.427  2.674   -10.248 1.00 9.33  ? 55  ASP A O   1 
ATOM   278  C CB  . ASP A 1 32  ? -0.042  1.581   -12.221 1.00 12.65 ? 55  ASP A CB  1 
ATOM   279  C CG  . ASP A 1 32  ? 0.663   2.102   -13.460 1.00 14.70 ? 55  ASP A CG  1 
ATOM   280  O OD1 . ASP A 1 32  ? 0.831   3.342   -13.593 1.00 18.51 ? 55  ASP A OD1 1 
ATOM   281  O OD2 . ASP A 1 32  ? 1.087   1.233   -14.259 1.00 17.09 ? 55  ASP A OD2 1 
ATOM   282  N N   . LEU A 1 33  ? -0.864  1.423   -9.173  1.00 10.36 ? 56  LEU A N   1 
ATOM   283  C CA  . LEU A 1 33  ? -1.764  0.921   -8.182  1.00 9.68  ? 56  LEU A CA  1 
ATOM   284  C C   . LEU A 1 33  ? -2.228  2.086   -7.336  1.00 9.24  ? 56  LEU A C   1 
ATOM   285  O O   . LEU A 1 33  ? -3.421  2.232   -7.099  1.00 8.53  ? 56  LEU A O   1 
ATOM   286  C CB  . LEU A 1 33  ? -1.075  -0.162  -7.342  1.00 10.06 ? 56  LEU A CB  1 
ATOM   287  C CG  . LEU A 1 33  ? -1.966  -0.914  -6.363  1.00 13.04 ? 56  LEU A CG  1 
ATOM   288  C CD1 . LEU A 1 33  ? -3.317  -1.301  -7.018  1.00 15.05 ? 56  LEU A CD1 1 
ATOM   289  C CD2 . LEU A 1 33  ? -1.172  -2.146  -5.836  1.00 15.36 ? 56  LEU A CD2 1 
ATOM   290  N N   . CYS A 1 34  ? -1.305  2.946   -6.897  1.00 9.07  ? 57  CYS A N   1 
ATOM   291  C CA  . CYS A 1 34  ? -1.778  4.084   -6.107  1.00 9.61  ? 57  CYS A CA  1 
ATOM   292  C C   . CYS A 1 34  ? -2.680  4.986   -6.922  1.00 9.76  ? 57  CYS A C   1 
ATOM   293  O O   . CYS A 1 34  ? -3.695  5.433   -6.405  1.00 10.47 ? 57  CYS A O   1 
ATOM   294  C CB  . CYS A 1 34  ? -0.619  4.880   -5.526  1.00 10.37 ? 57  CYS A CB  1 
ATOM   295  S SG  . CYS A 1 34  ? 0.424   3.923   -4.299  1.00 11.34 ? 57  CYS A SG  1 
ATOM   296  N N   . GLN A 1 35  ? -2.324  5.191   -8.200  1.00 9.33  ? 58  GLN A N   1 
ATOM   297  C CA  . GLN A 1 35  ? -3.162  6.013   -9.096  1.00 11.23 ? 58  GLN A CA  1 
ATOM   298  C C   . GLN A 1 35  ? -4.613  5.468   -9.147  1.00 10.53 ? 58  GLN A C   1 
ATOM   299  O O   . GLN A 1 35  ? -5.586  6.241   -9.083  1.00 10.97 ? 58  GLN A O   1 
ATOM   300  C CB  . GLN A 1 35  ? -2.531  6.175   -10.494 1.00 11.92 ? 58  GLN A CB  1 
ATOM   301  C CG  . GLN A 1 35  ? -3.417  6.931   -11.517 1.00 17.42 ? 58  GLN A CG  1 
ATOM   302  C CD  . GLN A 1 35  ? -3.251  6.457   -12.982 1.00 26.38 ? 58  GLN A CD  1 
ATOM   303  O OE1 . GLN A 1 35  ? -2.282  5.757   -13.350 1.00 31.41 ? 58  GLN A OE1 1 
ATOM   304  N NE2 . GLN A 1 35  ? -4.213  6.826   -13.821 1.00 27.69 ? 58  GLN A NE2 1 
ATOM   305  N N   . ALA A 1 36  ? -4.758  4.146   -9.191  1.00 10.43 ? 59  ALA A N   1 
ATOM   306  C CA  . ALA A 1 36  ? -6.075  3.526   -9.160  1.00 10.19 ? 59  ALA A CA  1 
ATOM   307  C C   . ALA A 1 36  ? -6.901  3.779   -7.905  1.00 11.16 ? 59  ALA A C   1 
ATOM   308  O O   . ALA A 1 36  ? -8.143  3.776   -7.955  1.00 10.70 ? 59  ALA A O   1 
ATOM   309  C CB  . ALA A 1 36  ? -5.948  2.051   -9.460  1.00 11.76 ? 59  ALA A CB  1 
ATOM   310  N N   . PHE A 1 37  ? -6.211  4.013   -6.766  1.00 9.77  ? 60  PHE A N   1 
ATOM   311  C CA  . PHE A 1 37  ? -6.834  4.444   -5.526  1.00 10.58 ? 60  PHE A CA  1 
ATOM   312  C C   . PHE A 1 37  ? -6.948  5.973   -5.407  1.00 9.67  ? 60  PHE A C   1 
ATOM   313  O O   . PHE A 1 37  ? -7.112  6.485   -4.280  1.00 10.84 ? 60  PHE A O   1 
ATOM   314  C CB  . PHE A 1 37  ? -6.032  3.930   -4.321  1.00 10.14 ? 60  PHE A CB  1 
ATOM   315  C CG  . PHE A 1 37  ? -6.240  2.478   -4.007  1.00 10.66 ? 60  PHE A CG  1 
ATOM   316  C CD1 . PHE A 1 37  ? -7.422  2.043   -3.394  1.00 11.44 ? 60  PHE A CD1 1 
ATOM   317  C CD2 . PHE A 1 37  ? -5.231  1.543   -4.297  1.00 9.47  ? 60  PHE A CD2 1 
ATOM   318  C CE1 . PHE A 1 37  ? -7.615  0.685   -3.072  1.00 10.84 ? 60  PHE A CE1 1 
ATOM   319  C CE2 . PHE A 1 37  ? -5.405  0.190   -3.979  1.00 11.38 ? 60  PHE A CE2 1 
ATOM   320  C CZ  . PHE A 1 37  ? -6.596  -0.244  -3.382  1.00 11.75 ? 60  PHE A CZ  1 
ATOM   321  N N   . ASN A 1 38  ? -6.803  6.702   -6.515  1.00 10.79 ? 61  ASN A N   1 
ATOM   322  C CA  . ASN A 1 38  ? -6.746  8.184   -6.480  1.00 11.14 ? 61  ASN A CA  1 
ATOM   323  C C   . ASN A 1 38  ? -5.750  8.662   -5.438  1.00 11.50 ? 61  ASN A C   1 
ATOM   324  O O   . ASN A 1 38  ? -6.003  9.588   -4.660  1.00 11.76 ? 61  ASN A O   1 
ATOM   325  C CB  . ASN A 1 38  ? -8.135  8.790   -6.180  1.00 12.55 ? 61  ASN A CB  1 
ATOM   326  C CG  . ASN A 1 38  ? -9.026  8.866   -7.435  1.00 18.81 ? 61  ASN A CG  1 
ATOM   327  O OD1 . ASN A 1 38  ? -10.254 8.742   -7.349  1.00 26.74 ? 61  ASN A OD1 1 
ATOM   328  N ND2 . ASN A 1 38  ? -8.409  9.060   -8.590  1.00 21.57 ? 61  ASN A ND2 1 
ATOM   329  N N   . SER A 1 39  ? -4.611  7.988   -5.433  1.00 8.93  ? 62  SER A N   1 
ATOM   330  C CA  . SER A 1 39  ? -3.561  8.195   -4.426  1.00 9.05  ? 62  SER A CA  1 
ATOM   331  C C   . SER A 1 39  ? -2.208  8.297   -5.127  1.00 9.67  ? 62  SER A C   1 
ATOM   332  O O   . SER A 1 39  ? -2.066  7.989   -6.320  1.00 10.76 ? 62  SER A O   1 
ATOM   333  C CB  . SER A 1 39  ? -3.593  7.023   -3.463  1.00 9.07  ? 62  SER A CB  1 
ATOM   334  O OG  . SER A 1 39  ? -4.809  6.960   -2.719  1.00 10.36 ? 62  SER A OG  1 
ATOM   335  N N   . THR A 1 40  ? -1.197  8.725   -4.381  1.00 8.72  ? 63  THR A N   1 
ATOM   336  C CA  . THR A 1 40  ? 0.170   8.817   -4.896  1.00 9.64  ? 63  THR A CA  1 
ATOM   337  C C   . THR A 1 40  ? 1.087   8.018   -3.972  1.00 9.14  ? 63  THR A C   1 
ATOM   338  O O   . THR A 1 40  ? 0.691   7.644   -2.837  1.00 10.38 ? 63  THR A O   1 
ATOM   339  C CB  . THR A 1 40  ? 0.643   10.296  -4.904  1.00 10.23 ? 63  THR A CB  1 
ATOM   340  O OG1 . THR A 1 40  ? 0.348   10.919  -3.640  1.00 11.37 ? 63  THR A OG1 1 
ATOM   341  C CG2 . THR A 1 40  ? -0.063  11.100  -6.008  1.00 13.72 ? 63  THR A CG2 1 
ATOM   342  N N   . LEU A 1 41  ? 2.303   7.716   -4.420  1.00 7.90  ? 64  LEU A N   1 
ATOM   343  C CA  . LEU A 1 41  ? 3.267   7.173   -3.455  1.00 8.00  ? 64  LEU A CA  1 
ATOM   344  C C   . LEU A 1 41  ? 3.617   8.223   -2.423  1.00 7.26  ? 64  LEU A C   1 
ATOM   345  O O   . LEU A 1 41  ? 3.924   9.356   -2.779  1.00 10.04 ? 64  LEU A O   1 
ATOM   346  C CB  . LEU A 1 41  ? 4.541   6.748   -4.167  1.00 8.73  ? 64  LEU A CB  1 
ATOM   347  C CG  . LEU A 1 41  ? 4.460   5.500   -5.037  1.00 10.53 ? 64  LEU A CG  1 
ATOM   348  C CD1 . LEU A 1 41  ? 4.222   4.288   -4.239  1.00 13.97 ? 64  LEU A CD1 1 
ATOM   349  C CD2 . LEU A 1 41  ? 3.454   5.601   -6.070  1.00 19.02 ? 64  LEU A CD2 1 
ATOM   350  N N   . PRO A 1 42  ? 3.627   7.843   -1.135  1.00 7.50  ? 65  PRO A N   1 
ATOM   351  C CA  . PRO A 1 42  ? 3.868   8.842   -0.112  1.00 7.54  ? 65  PRO A CA  1 
ATOM   352  C C   . PRO A 1 42  ? 5.265   9.435   -0.210  1.00 7.99  ? 65  PRO A C   1 
ATOM   353  O O   . PRO A 1 42  ? 6.209   8.751   -0.586  1.00 7.81  ? 65  PRO A O   1 
ATOM   354  C CB  . PRO A 1 42  ? 3.749   8.059   1.201   1.00 7.27  ? 65  PRO A CB  1 
ATOM   355  C CG  . PRO A 1 42  ? 3.000   6.840   0.874   1.00 7.39  ? 65  PRO A CG  1 
ATOM   356  C CD  . PRO A 1 42  ? 3.261   6.531   -0.567  1.00 7.75  ? 65  PRO A CD  1 
ATOM   357  N N   . THR A 1 43  ? 5.396   10.690  0.164   1.00 8.61  ? 66  THR A N   1 
ATOM   358  C CA  . THR A 1 43  ? 6.739   11.203  0.471   1.00 9.11  ? 66  THR A CA  1 
ATOM   359  C C   . THR A 1 43  ? 7.217   10.705  1.830   1.00 8.59  ? 66  THR A C   1 
ATOM   360  O O   . THR A 1 43  ? 6.425   10.216  2.651   1.00 8.76  ? 66  THR A O   1 
ATOM   361  C CB  . THR A 1 43  ? 6.808   12.730  0.512   1.00 9.13  ? 66  THR A CB  1 
ATOM   362  O OG1 . THR A 1 43  ? 5.966   13.220  1.562   1.00 11.10 ? 66  THR A OG1 1 
ATOM   363  C CG2 . THR A 1 43  ? 6.389   13.305  -0.796  1.00 10.51 ? 66  THR A CG2 1 
ATOM   364  N N   . MET A 1 44  ? 8.504   10.885  2.096   1.00 9.28  ? 67  MET A N   1 
ATOM   365  C CA  . MET A 1 44  ? 9.056   10.518  3.368   1.00 8.51  ? 67  MET A CA  1 
ATOM   366  C C   . MET A 1 44  ? 8.385   11.301  4.527   1.00 8.38  ? 67  MET A C   1 
ATOM   367  O O   . MET A 1 44  ? 8.063   10.714  5.593   1.00 9.57  ? 67  MET A O   1 
ATOM   368  C CB  . MET A 1 44  ? 10.610  10.629  3.353   1.00 9.47  ? 67  MET A CB  1 
ATOM   369  C CG  . MET A 1 44  ? 11.232  10.341  4.697   1.00 12.54 ? 67  MET A CG  1 
ATOM   370  S SD  . MET A 1 44  ? 10.955  8.649   5.253   1.00 17.42 ? 67  MET A SD  1 
ATOM   371  C CE  . MET A 1 44  ? 12.092  7.823   4.194   1.00 16.87 ? 67  MET A CE  1 
ATOM   372  N N   A ASP A 1 45  ? 8.130   12.587  4.308   0.50 9.33  ? 68  ASP A N   1 
ATOM   373  N N   B ASP A 1 45  ? 8.154   12.598  4.289   0.50 9.53  ? 68  ASP A N   1 
ATOM   374  C CA  A ASP A 1 45  ? 7.463   13.404  5.318   0.50 8.84  ? 68  ASP A CA  1 
ATOM   375  C CA  B ASP A 1 45  ? 7.443   13.474  5.229   0.50 9.41  ? 68  ASP A CA  1 
ATOM   376  C C   A ASP A 1 45  ? 6.022   12.933  5.547   0.50 8.19  ? 68  ASP A C   1 
ATOM   377  C C   B ASP A 1 45  ? 6.041   12.941  5.524   0.50 8.51  ? 68  ASP A C   1 
ATOM   378  O O   A ASP A 1 45  ? 5.557   12.878  6.681   0.50 8.25  ? 68  ASP A O   1 
ATOM   379  O O   B ASP A 1 45  ? 5.620   12.864  6.675   0.50 8.65  ? 68  ASP A O   1 
ATOM   380  C CB  A ASP A 1 45  ? 7.498   14.874  4.899   0.50 9.93  ? 68  ASP A CB  1 
ATOM   381  C CB  B ASP A 1 45  ? 7.328   14.897  4.645   0.50 10.38 ? 68  ASP A CB  1 
ATOM   382  C CG  A ASP A 1 45  ? 7.120   15.831  6.032   0.50 10.93 ? 68  ASP A CG  1 
ATOM   383  C CG  B ASP A 1 45  ? 8.613   15.739  4.835   0.50 13.08 ? 68  ASP A CG  1 
ATOM   384  O OD1 A ASP A 1 45  ? 5.987   16.331  6.011   0.50 10.96 ? 68  ASP A OD1 1 
ATOM   385  O OD1 B ASP A 1 45  ? 9.501   15.337  5.628   0.50 16.48 ? 68  ASP A OD1 1 
ATOM   386  O OD2 A ASP A 1 45  ? 7.961   16.118  6.928   0.50 15.98 ? 68  ASP A OD2 1 
ATOM   387  O OD2 B ASP A 1 45  ? 8.716   16.816  4.185   0.50 14.51 ? 68  ASP A OD2 1 
ATOM   388  N N   . GLN A 1 46  ? 5.311   12.583  4.478   1.00 7.87  ? 69  GLN A N   1 
ATOM   389  C CA  . GLN A 1 46  ? 3.951   12.024  4.676   1.00 7.52  ? 69  GLN A CA  1 
ATOM   390  C C   . GLN A 1 46  ? 3.992   10.732  5.446   1.00 6.60  ? 69  GLN A C   1 
ATOM   391  O O   . GLN A 1 46  ? 3.163   10.489  6.317   1.00 6.53  ? 69  GLN A O   1 
ATOM   392  C CB  . GLN A 1 46  ? 3.243   11.822  3.330   1.00 6.67  ? 69  GLN A CB  1 
ATOM   393  C CG  . GLN A 1 46  ? 2.797   13.163  2.691   1.00 7.60  ? 69  GLN A CG  1 
ATOM   394  C CD  . GLN A 1 46  ? 2.530   13.016  1.202   1.00 9.15  ? 69  GLN A CD  1 
ATOM   395  O OE1 . GLN A 1 46  ? 2.936   12.035  0.559   1.00 10.32 ? 69  GLN A OE1 1 
ATOM   396  N NE2 . GLN A 1 46  ? 1.814   13.990  0.645   1.00 10.59 ? 69  GLN A NE2 1 
ATOM   397  N N   . MET A 1 47  ? 4.979   9.875   5.136   1.00 6.86  ? 70  MET A N   1 
ATOM   398  C CA  . MET A 1 47  ? 5.090   8.643   5.892   1.00 6.76  ? 70  MET A CA  1 
ATOM   399  C C   . MET A 1 47  ? 5.454   8.871   7.356   1.00 6.63  ? 70  MET A C   1 
ATOM   400  O O   . MET A 1 47  ? 4.950   8.207   8.245   1.00 6.93  ? 70  MET A O   1 
ATOM   401  C CB  . MET A 1 47  ? 6.163   7.736   5.226   1.00 7.12  ? 70  MET A CB  1 
ATOM   402  C CG  . MET A 1 47  ? 6.332   6.418   5.969   1.00 10.07 ? 70  MET A CG  1 
ATOM   403  S SD  . MET A 1 47  ? 4.919   5.331   6.121   1.00 8.88  ? 70  MET A SD  1 
ATOM   404  C CE  . MET A 1 47  ? 4.887   4.665   4.477   1.00 13.26 ? 70  MET A CE  1 
ATOM   405  N N   . LYS A 1 48  ? 6.320   9.846   7.634   1.00 6.85  ? 71  LYS A N   1 
ATOM   406  C CA  . LYS A 1 48  ? 6.681   10.100  9.054   1.00 7.48  ? 71  LYS A CA  1 
ATOM   407  C C   . LYS A 1 48  ? 5.468   10.630  9.842   1.00 6.62  ? 71  LYS A C   1 
ATOM   408  O O   . LYS A 1 48  ? 5.294   10.274  11.009  1.00 9.59  ? 71  LYS A O   1 
ATOM   409  C CB  . LYS A 1 48  ? 7.859   11.089  9.125   1.00 8.31  ? 71  LYS A CB  1 
ATOM   410  C CG  . LYS A 1 48  ? 9.217   10.445  8.821   1.00 8.59  ? 71  LYS A CG  1 
ATOM   411  C CD  . LYS A 1 48  ? 10.304  11.474  8.678   1.00 14.37 ? 71  LYS A CD  1 
ATOM   412  C CE  . LYS A 1 48  ? 11.645  10.733  8.512   1.00 17.30 ? 71  LYS A CE  1 
ATOM   413  N NZ  . LYS A 1 48  ? 12.808  11.666  8.313   1.00 20.18 ? 71  LYS A NZ  1 
ATOM   414  N N   . LEU A 1 49  ? 4.597   11.411  9.194   1.00 7.28  ? 72  LEU A N   1 
ATOM   415  C CA  . LEU A 1 49  ? 3.401   11.891  9.899   1.00 7.17  ? 72  LEU A CA  1 
ATOM   416  C C   . LEU A 1 49  ? 2.447   10.715  10.139  1.00 6.27  ? 72  LEU A C   1 
ATOM   417  O O   . LEU A 1 49  ? 1.878   10.581  11.227  1.00 6.36  ? 72  LEU A O   1 
ATOM   418  C CB  . LEU A 1 49  ? 2.684   13.001  9.125   1.00 8.19  ? 72  LEU A CB  1 
ATOM   419  C CG  . LEU A 1 49  ? 1.551   13.670  9.947   1.00 10.48 ? 72  LEU A CG  1 
ATOM   420  C CD1 . LEU A 1 49  ? 2.085   14.382  11.185  1.00 13.25 ? 72  LEU A CD1 1 
ATOM   421  C CD2 . LEU A 1 49  ? 0.732   14.648  9.109   1.00 13.88 ? 72  LEU A CD2 1 
ATOM   422  N N   . ALA A 1 50  ? 2.337   9.827   9.157   1.00 6.70  ? 73  ALA A N   1 
ATOM   423  C CA  . ALA A 1 50  ? 1.491   8.628   9.329   1.00 6.33  ? 73  ALA A CA  1 
ATOM   424  C C   . ALA A 1 50  ? 1.960   7.787   10.509  1.00 6.89  ? 73  ALA A C   1 
ATOM   425  O O   . ALA A 1 50  ? 1.161   7.325   11.340  1.00 6.38  ? 73  ALA A O   1 
ATOM   426  C CB  . ALA A 1 50  ? 1.444   7.786   8.045   1.00 5.82  ? 73  ALA A CB  1 
ATOM   427  N N   . LEU A 1 51  ? 3.273   7.583   10.558  1.00 7.19  ? 74  LEU A N   1 
ATOM   428  C CA  . LEU A 1 51  ? 3.881   6.868   11.678  1.00 9.31  ? 74  LEU A CA  1 
ATOM   429  C C   . LEU A 1 51  ? 3.485   7.498   13.015  1.00 10.11 ? 74  LEU A C   1 
ATOM   430  O O   . LEU A 1 51  ? 3.113   6.783   13.965  1.00 9.94  ? 74  LEU A O   1 
ATOM   431  C CB  . LEU A 1 51  ? 5.402   6.824   11.486  1.00 10.72 ? 74  LEU A CB  1 
ATOM   432  C CG  . LEU A 1 51  ? 6.194   6.350   12.719  1.00 15.33 ? 74  LEU A CG  1 
ATOM   433  C CD1 . LEU A 1 51  ? 5.986   4.923   12.851  1.00 20.01 ? 74  LEU A CD1 1 
ATOM   434  C CD2 . LEU A 1 51  ? 7.667   6.674   12.470  1.00 19.73 ? 74  LEU A CD2 1 
ATOM   435  N N   . SER A 1 52  ? 3.527   8.834   13.078  1.00 9.45  ? 75  SER A N   1 
ATOM   436  C CA  . SER A 1 52  ? 3.246   9.505   14.343  1.00 11.14 ? 75  SER A CA  1 
ATOM   437  C C   . SER A 1 52  ? 1.792   9.346   14.793  1.00 12.10 ? 75  SER A C   1 
ATOM   438  O O   . SER A 1 52  ? 1.482   9.567   15.991  1.00 14.19 ? 75  SER A O   1 
ATOM   439  C CB  . SER A 1 52  ? 3.650   10.983  14.231  1.00 10.81 ? 75  SER A CB  1 
ATOM   440  O OG  . SER A 1 52  ? 2.656   11.717  13.530  1.00 12.37 ? 75  SER A OG  1 
ATOM   441  N N   . LYS A 1 53  ? 0.907   9.006   13.840  1.00 10.60 ? 76  LYS A N   1 
ATOM   442  C CA  . LYS A 1 53  ? -0.537  8.770   14.088  1.00 10.74 ? 76  LYS A CA  1 
ATOM   443  C C   . LYS A 1 53  ? -0.845  7.322   14.387  1.00 10.03 ? 76  LYS A C   1 
ATOM   444  O O   . LYS A 1 53  ? -1.993  6.965   14.651  1.00 11.74 ? 76  LYS A O   1 
ATOM   445  C CB  . LYS A 1 53  ? -1.415  9.185   12.865  1.00 10.65 ? 76  LYS A CB  1 
ATOM   446  C CG  . LYS A 1 53  ? -1.248  10.617  12.387  1.00 15.10 ? 76  LYS A CG  1 
ATOM   447  C CD  . LYS A 1 53  ? -1.515  11.613  13.482  1.00 17.17 ? 76  LYS A CD  1 
ATOM   448  C CE  . LYS A 1 53  ? -1.390  13.064  12.917  1.00 19.81 ? 76  LYS A CE  1 
ATOM   449  N NZ  . LYS A 1 53  ? -1.694  14.052  14.004  1.00 23.33 ? 76  LYS A NZ  1 
ATOM   450  N N   . GLY A 1 54  ? 0.167   6.460   14.317  1.00 9.66  ? 77  GLY A N   1 
ATOM   451  C CA  . GLY A 1 54  ? -0.043  5.068   14.729  1.00 9.93  ? 77  GLY A CA  1 
ATOM   452  C C   . GLY A 1 54  ? 0.205   4.017   13.645  1.00 10.00 ? 77  GLY A C   1 
ATOM   453  O O   . GLY A 1 54  ? -0.060  2.826   13.862  1.00 10.91 ? 77  GLY A O   1 
ATOM   454  N N   . PHE A 1 55  ? 0.728   4.451   12.495  1.00 8.85  ? 78  PHE A N   1 
ATOM   455  C CA  . PHE A 1 55  ? 0.962   3.503   11.392  1.00 7.97  ? 78  PHE A CA  1 
ATOM   456  C C   . PHE A 1 55  ? 2.226   2.680   11.565  1.00 7.39  ? 78  PHE A C   1 
ATOM   457  O O   . PHE A 1 55  ? 3.304   3.227   11.666  1.00 8.83  ? 78  PHE A O   1 
ATOM   458  C CB  . PHE A 1 55  ? 1.070   4.264   10.078  1.00 7.85  ? 78  PHE A CB  1 
ATOM   459  C CG  . PHE A 1 55  ? 1.073   3.423   8.828   1.00 7.36  ? 78  PHE A CG  1 
ATOM   460  C CD1 . PHE A 1 55  ? 0.243   2.322   8.692   1.00 6.32  ? 78  PHE A CD1 1 
ATOM   461  C CD2 . PHE A 1 55  ? 1.890   3.794   7.748   1.00 6.21  ? 78  PHE A CD2 1 
ATOM   462  C CE1 . PHE A 1 55  ? 0.186   1.605   7.504   1.00 6.70  ? 78  PHE A CE1 1 
ATOM   463  C CE2 . PHE A 1 55  ? 1.843   3.070   6.548   1.00 6.79  ? 78  PHE A CE2 1 
ATOM   464  C CZ  . PHE A 1 55  ? 0.986   1.990   6.435   1.00 5.60  ? 78  PHE A CZ  1 
ATOM   465  N N   . GLU A 1 56  ? 2.082   1.356   11.566  1.00 7.08  ? 79  GLU A N   1 
ATOM   466  C CA  . GLU A 1 56  ? 3.254   0.497   11.403  1.00 8.08  ? 79  GLU A CA  1 
ATOM   467  C C   . GLU A 1 56  ? 2.857   -0.755  10.644  1.00 7.74  ? 79  GLU A C   1 
ATOM   468  O O   . GLU A 1 56  ? 1.680   -1.118  10.597  1.00 7.25  ? 79  GLU A O   1 
ATOM   469  C CB  . GLU A 1 56  ? 3.925   0.206   12.758  1.00 9.90  ? 79  GLU A CB  1 
ATOM   470  C CG  . GLU A 1 56  ? 3.145   -0.755  13.636  1.00 11.69 ? 79  GLU A CG  1 
ATOM   471  C CD  . GLU A 1 56  ? 3.924   -1.241  14.877  1.00 14.23 ? 79  GLU A CD  1 
ATOM   472  O OE1 . GLU A 1 56  ? 5.133   -0.974  15.073  1.00 13.75 ? 79  GLU A OE1 1 
ATOM   473  O OE2 . GLU A 1 56  ? 3.281   -1.944  15.678  1.00 18.16 ? 79  GLU A OE2 1 
ATOM   474  N N   . THR A 1 57  ? 3.839   -1.363  9.992   1.00 7.48  ? 80  THR A N   1 
ATOM   475  C CA  . THR A 1 57  ? 3.624   -2.658  9.314   1.00 7.48  ? 80  THR A CA  1 
ATOM   476  C C   . THR A 1 57  ? 4.882   -3.465  9.535   1.00 7.45  ? 80  THR A C   1 
ATOM   477  O O   . THR A 1 57  ? 5.852   -2.982  10.116  1.00 8.06  ? 80  THR A O   1 
ATOM   478  C CB  . THR A 1 57  ? 3.454   -2.565  7.763   1.00 7.83  ? 80  THR A CB  1 
ATOM   479  O OG1 . THR A 1 57  ? 4.721   -2.337  7.178   1.00 8.03  ? 80  THR A OG1 1 
ATOM   480  C CG2 . THR A 1 57  ? 2.490   -1.454  7.346   1.00 7.92  ? 80  THR A CG2 1 
ATOM   481  N N   . CYS A 1 58  ? 4.867   -4.714  9.060   1.00 7.82  ? 81  CYS A N   1 
ATOM   482  C CA  . CYS A 1 58  ? 6.076   -5.538  9.065   1.00 10.54 ? 81  CYS A CA  1 
ATOM   483  C C   . CYS A 1 58  ? 6.425   -5.914  7.626   1.00 10.64 ? 81  CYS A C   1 
ATOM   484  O O   . CYS A 1 58  ? 6.874   -7.047  7.365   1.00 10.55 ? 81  CYS A O   1 
ATOM   485  C CB  . CYS A 1 58  ? 5.835   -6.785  9.906   1.00 11.10 ? 81  CYS A CB  1 
ATOM   486  S SG  . CYS A 1 58  ? 7.335   -7.747  10.310  1.00 17.01 ? 81  CYS A SG  1 
ATOM   487  N N   . ARG A 1 59  ? 6.234   -4.976  6.692   1.00 8.85  ? 82  ARG A N   1 
ATOM   488  C CA  . ARG A 1 59  ? 6.428   -5.276  5.270   1.00 8.42  ? 82  ARG A CA  1 
ATOM   489  C C   . ARG A 1 59  ? 7.128   -4.163  4.538   1.00 7.83  ? 82  ARG A C   1 
ATOM   490  O O   . ARG A 1 59  ? 6.791   -3.001  4.700   1.00 9.20  ? 82  ARG A O   1 
ATOM   491  C CB  . ARG A 1 59  ? 5.069   -5.439  4.558   1.00 8.32  ? 82  ARG A CB  1 
ATOM   492  C CG  . ARG A 1 59  ? 4.213   -6.615  5.033   1.00 10.91 ? 82  ARG A CG  1 
ATOM   493  C CD  . ARG A 1 59  ? 4.726   -7.981  4.542   1.00 13.95 ? 82  ARG A CD  1 
ATOM   494  N NE  . ARG A 1 59  ? 4.429   -8.097  3.115   1.00 12.77 ? 82  ARG A NE  1 
ATOM   495  C CZ  . ARG A 1 59  ? 4.682   -9.174  2.385   1.00 13.64 ? 82  ARG A CZ  1 
ATOM   496  N NH1 . ARG A 1 59  ? 4.354   -9.175  1.086   1.00 13.99 ? 82  ARG A NH1 1 
ATOM   497  N NH2 . ARG A 1 59  ? 5.226   -10.241 2.973   1.00 14.18 ? 82  ARG A NH2 1 
ATOM   498  N N   . TYR A 1 60  ? 8.100   -4.533  3.707   1.00 7.21  ? 83  TYR A N   1 
ATOM   499  C CA  . TYR A 1 60  ? 8.781   -3.555  2.874   1.00 7.23  ? 83  TYR A CA  1 
ATOM   500  C C   . TYR A 1 60  ? 7.779   -3.100  1.824   1.00 6.85  ? 83  TYR A C   1 
ATOM   501  O O   . TYR A 1 60  ? 7.047   -3.900  1.202   1.00 7.83  ? 83  TYR A O   1 
ATOM   502  C CB  . TYR A 1 60  ? 9.911   -4.265  2.135   1.00 7.98  ? 83  TYR A CB  1 
ATOM   503  C CG  . TYR A 1 60  ? 11.084  -4.572  2.985   1.00 8.91  ? 83  TYR A CG  1 
ATOM   504  C CD1 . TYR A 1 60  ? 11.862  -3.551  3.493   1.00 12.61 ? 83  TYR A CD1 1 
ATOM   505  C CD2 . TYR A 1 60  ? 11.451  -5.906  3.207   1.00 14.10 ? 83  TYR A CD2 1 
ATOM   506  C CE1 . TYR A 1 60  ? 12.980  -3.827  4.270   1.00 17.42 ? 83  TYR A CE1 1 
ATOM   507  C CE2 . TYR A 1 60  ? 12.578  -6.203  3.994   1.00 18.13 ? 83  TYR A CE2 1 
ATOM   508  C CZ  . TYR A 1 60  ? 13.329  -5.140  4.503   1.00 18.99 ? 83  TYR A CZ  1 
ATOM   509  O OH  . TYR A 1 60  ? 14.443  -5.349  5.277   1.00 24.75 ? 83  TYR A OH  1 
ATOM   510  N N   . GLY A 1 61  ? 7.767   -1.792  1.612   1.00 5.82  ? 84  GLY A N   1 
ATOM   511  C CA  . GLY A 1 61  ? 6.985   -1.247  0.494   1.00 5.09  ? 84  GLY A CA  1 
ATOM   512  C C   . GLY A 1 61  ? 7.507   0.081   -0.044  1.00 6.46  ? 84  GLY A C   1 
ATOM   513  O O   . GLY A 1 61  ? 8.175   0.841   0.675   1.00 6.75  ? 84  GLY A O   1 
ATOM   514  N N   . PHE A 1 62  ? 7.159   0.359   -1.299  1.00 5.75  ? 85  PHE A N   1 
ATOM   515  C CA  . PHE A 1 62  ? 7.596   1.581   -1.947  1.00 6.69  ? 85  PHE A CA  1 
ATOM   516  C C   . PHE A 1 62  ? 6.937   2.817   -1.355  1.00 7.04  ? 85  PHE A C   1 
ATOM   517  O O   . PHE A 1 62  ? 5.732   2.851   -1.057  1.00 8.05  ? 85  PHE A O   1 
ATOM   518  C CB  . PHE A 1 62  ? 7.157   1.544   -3.418  1.00 6.51  ? 85  PHE A CB  1 
ATOM   519  C CG  . PHE A 1 62  ? 7.836   0.494   -4.196  1.00 8.80  ? 85  PHE A CG  1 
ATOM   520  C CD1 . PHE A 1 62  ? 9.180   0.597   -4.521  1.00 11.36 ? 85  PHE A CD1 1 
ATOM   521  C CD2 . PHE A 1 62  ? 7.102   -0.605  -4.618  1.00 11.00 ? 85  PHE A CD2 1 
ATOM   522  C CE1 . PHE A 1 62  ? 9.788   -0.434  -5.301  1.00 13.78 ? 85  PHE A CE1 1 
ATOM   523  C CE2 . PHE A 1 62  ? 7.692   -1.588  -5.350  1.00 12.50 ? 85  PHE A CE2 1 
ATOM   524  C CZ  . PHE A 1 62  ? 9.006   -1.523  -5.671  1.00 9.15  ? 85  PHE A CZ  1 
ATOM   525  N N   . ILE A 1 63  ? 7.758   3.841   -1.186  1.00 7.59  ? 86  ILE A N   1 
ATOM   526  C CA  . ILE A 1 63  ? 7.280   5.212   -1.104  1.00 7.13  ? 86  ILE A CA  1 
ATOM   527  C C   . ILE A 1 63  ? 7.948   5.952   -2.266  1.00 8.90  ? 86  ILE A C   1 
ATOM   528  O O   . ILE A 1 63  ? 8.615   5.298   -3.084  1.00 8.90  ? 86  ILE A O   1 
ATOM   529  C CB  . ILE A 1 63  ? 7.577   5.877   0.227   1.00 6.86  ? 86  ILE A CB  1 
ATOM   530  C CG1 . ILE A 1 63  ? 9.075   5.925   0.537   1.00 8.72  ? 86  ILE A CG1 1 
ATOM   531  C CG2 . ILE A 1 63  ? 6.840   5.111   1.338   1.00 6.90  ? 86  ILE A CG2 1 
ATOM   532  C CD1 . ILE A 1 63  ? 9.451   6.918   1.706   1.00 10.47 ? 86  ILE A CD1 1 
ATOM   533  N N   . GLU A 1 64  ? 7.798   7.277   -2.349  1.00 8.49  ? 87  GLU A N   1 
ATOM   534  C CA  . GLU A 1 64  ? 8.477   8.052   -3.397  1.00 11.85 ? 87  GLU A CA  1 
ATOM   535  C C   . GLU A 1 64  ? 9.979   8.040   -3.060  1.00 12.71 ? 87  GLU A C   1 
ATOM   536  O O   . GLU A 1 64  ? 10.388  8.563   -2.026  1.00 16.33 ? 87  GLU A O   1 
ATOM   537  C CB  . GLU A 1 64  ? 7.928   9.472   -3.465  1.00 10.80 ? 87  GLU A CB  1 
ATOM   538  C CG  . GLU A 1 64  ? 8.488   10.232  -4.663  1.00 18.48 ? 87  GLU A CG  1 
ATOM   539  C CD  . GLU A 1 64  ? 8.057   9.647   -5.999  1.00 20.77 ? 87  GLU A CD  1 
ATOM   540  O OE1 . GLU A 1 64  ? 6.853   9.396   -6.215  1.00 23.98 ? 87  GLU A OE1 1 
ATOM   541  O OE2 . GLU A 1 64  ? 8.944   9.454   -6.868  1.00 28.58 ? 87  GLU A OE2 1 
ATOM   542  N N   . GLY A 1 65  ? 10.778  7.383   -3.892  1.00 13.00 ? 88  GLY A N   1 
ATOM   543  C CA  . GLY A 1 65  ? 12.226  7.428   -3.760  1.00 12.43 ? 88  GLY A CA  1 
ATOM   544  C C   . GLY A 1 65  ? 12.901  6.306   -2.990  1.00 11.37 ? 88  GLY A C   1 
ATOM   545  O O   . GLY A 1 65  ? 14.067  6.024   -3.180  1.00 12.48 ? 88  GLY A O   1 
ATOM   546  N N   . ASN A 1 66  ? 12.185  5.628   -2.098  1.00 10.08 ? 89  ASN A N   1 
ATOM   547  C CA  . ASN A 1 66  ? 12.799  4.538   -1.311  1.00 8.16  ? 89  ASN A CA  1 
ATOM   548  C C   . ASN A 1 66  ? 11.830  3.392   -1.036  1.00 7.68  ? 89  ASN A C   1 
ATOM   549  O O   . ASN A 1 66  ? 10.657  3.498   -1.353  1.00 8.34  ? 89  ASN A O   1 
ATOM   550  C CB  . ASN A 1 66  ? 13.295  5.072   0.072   1.00 9.29  ? 89  ASN A CB  1 
ATOM   551  C CG  . ASN A 1 66  ? 14.543  5.935   -0.044  1.00 11.38 ? 89  ASN A CG  1 
ATOM   552  O OD1 . ASN A 1 66  ? 14.454  7.168   -0.075  1.00 11.69 ? 89  ASN A OD1 1 
ATOM   553  N ND2 . ASN A 1 66  ? 15.700  5.299   -0.144  1.00 11.45 ? 89  ASN A ND2 1 
ATOM   554  N N   . VAL A 1 67  ? 12.352  2.343   -0.426  1.00 6.69  ? 90  VAL A N   1 
ATOM   555  C CA  . VAL A 1 67  ? 11.551  1.186   0.060   1.00 5.72  ? 90  VAL A CA  1 
ATOM   556  C C   . VAL A 1 67  ? 11.694  1.186   1.575   1.00 6.66  ? 90  VAL A C   1 
ATOM   557  O O   . VAL A 1 67  ? 12.813  1.269   2.075   1.00 8.16  ? 90  VAL A O   1 
ATOM   558  C CB  . VAL A 1 67  ? 12.085  -0.119  -0.547  1.00 7.05  ? 90  VAL A CB  1 
ATOM   559  C CG1 . VAL A 1 67  ? 11.357  -1.313  0.054   1.00 8.56  ? 90  VAL A CG1 1 
ATOM   560  C CG2 . VAL A 1 67  ? 11.929  -0.055  -2.045  1.00 9.97  ? 90  VAL A CG2 1 
ATOM   561  N N   . VAL A 1 68  ? 10.569  1.168   2.312   1.00 6.00  ? 91  VAL A N   1 
ATOM   562  C CA  . VAL A 1 68  ? 10.612  1.385   3.760   1.00 6.71  ? 91  VAL A CA  1 
ATOM   563  C C   . VAL A 1 68  ? 9.675   0.455   4.534   1.00 7.00  ? 91  VAL A C   1 
ATOM   564  O O   . VAL A 1 68  ? 8.808   -0.203  3.963   1.00 7.94  ? 91  VAL A O   1 
ATOM   565  C CB  . VAL A 1 68  ? 10.178  2.864   4.102   1.00 5.61  ? 91  VAL A CB  1 
ATOM   566  C CG1 . VAL A 1 68  ? 11.063  3.937   3.340   1.00 6.28  ? 91  VAL A CG1 1 
ATOM   567  C CG2 . VAL A 1 68  ? 8.703   3.121   3.735   1.00 6.49  ? 91  VAL A CG2 1 
ATOM   568  N N   . ILE A 1 69  ? 9.865   0.419   5.857   1.00 7.73  ? 92  ILE A N   1 
ATOM   569  C CA  . ILE A 1 69  ? 8.919   -0.211  6.786   1.00 8.09  ? 92  ILE A CA  1 
ATOM   570  C C   . ILE A 1 69  ? 8.719   0.828   7.914   1.00 6.82  ? 92  ILE A C   1 
ATOM   571  O O   . ILE A 1 69  ? 9.678   1.156   8.636   1.00 8.10  ? 92  ILE A O   1 
ATOM   572  C CB  . ILE A 1 69  ? 9.421   -1.526  7.415   1.00 8.35  ? 92  ILE A CB  1 
ATOM   573  C CG1 . ILE A 1 69  ? 9.910   -2.481  6.316   1.00 9.77  ? 92  ILE A CG1 1 
ATOM   574  C CG2 . ILE A 1 69  ? 8.309   -2.136  8.284   1.00 10.08 ? 92  ILE A CG2 1 
ATOM   575  C CD1 . ILE A 1 69  ? 10.397  -3.862  6.854   1.00 13.00 ? 92  ILE A CD1 1 
ATOM   576  N N   . PRO A 1 70  ? 7.469   1.295   8.141   1.00 6.98  ? 93  PRO A N   1 
ATOM   577  C CA  . PRO A 1 70  ? 7.237   2.113   9.326   1.00 6.77  ? 93  PRO A CA  1 
ATOM   578  C C   . PRO A 1 70  ? 7.112   1.252   10.560  1.00 6.22  ? 93  PRO A C   1 
ATOM   579  O O   . PRO A 1 70  ? 6.338   0.273   10.551  1.00 6.54  ? 93  PRO A O   1 
ATOM   580  C CB  . PRO A 1 70  ? 5.916   2.818   8.993   1.00 6.77  ? 93  PRO A CB  1 
ATOM   581  C CG  . PRO A 1 70  ? 5.202   1.859   8.098   1.00 6.43  ? 93  PRO A CG  1 
ATOM   582  C CD  . PRO A 1 70  ? 6.246   1.104   7.334   1.00 7.96  ? 93  PRO A CD  1 
ATOM   583  N N   . ARG A 1 71  ? 7.845   1.605   11.601  1.00 7.62  ? 94  ARG A N   1 
ATOM   584  C CA  . ARG A 1 71  ? 7.839   0.778   12.841  1.00 8.28  ? 94  ARG A CA  1 
ATOM   585  C C   . ARG A 1 71  ? 7.633   1.679   14.031  1.00 9.41  ? 94  ARG A C   1 
ATOM   586  O O   . ARG A 1 71  ? 8.320   2.698   14.179  1.00 9.51  ? 94  ARG A O   1 
ATOM   587  C CB  . ARG A 1 71  ? 9.173   0.052   13.022  1.00 10.57 ? 94  ARG A CB  1 
ATOM   588  C CG  . ARG A 1 71  ? 9.472   -1.047  11.993  1.00 8.59  ? 94  ARG A CG  1 
ATOM   589  C CD  . ARG A 1 71  ? 8.418   -2.103  11.965  1.00 8.91  ? 94  ARG A CD  1 
ATOM   590  N NE  . ARG A 1 71  ? 8.234   -2.675  13.316  1.00 10.76 ? 94  ARG A NE  1 
ATOM   591  C CZ  . ARG A 1 71  ? 7.190   -3.402  13.670  1.00 12.99 ? 94  ARG A CZ  1 
ATOM   592  N NH1 . ARG A 1 71  ? 6.231   -3.673  12.792  1.00 13.73 ? 94  ARG A NH1 1 
ATOM   593  N NH2 . ARG A 1 71  ? 7.116   -3.886  14.917  1.00 16.95 ? 94  ARG A NH2 1 
ATOM   594  N N   . ILE A 1 72  ? 6.639   1.312   14.829  1.00 10.02 ? 95  ILE A N   1 
ATOM   595  C CA  . ILE A 1 72  ? 6.436   1.974   16.125  1.00 11.65 ? 95  ILE A CA  1 
ATOM   596  C C   . ILE A 1 72  ? 7.104   1.186   17.240  1.00 13.06 ? 95  ILE A C   1 
ATOM   597  O O   . ILE A 1 72  ? 7.906   1.757   17.955  1.00 13.85 ? 95  ILE A O   1 
ATOM   598  C CB  . ILE A 1 72  ? 4.952   2.220   16.407  1.00 11.93 ? 95  ILE A CB  1 
ATOM   599  C CG1 . ILE A 1 72  ? 4.442   3.228   15.359  1.00 12.85 ? 95  ILE A CG1 1 
ATOM   600  C CG2 . ILE A 1 72  ? 4.750   2.729   17.865  1.00 14.15 ? 95  ILE A CG2 1 
ATOM   601  C CD1 . ILE A 1 72  ? 2.975   3.436   15.356  1.00 12.98 ? 95  ILE A CD1 1 
ATOM   602  N N   . HIS A 1 73  ? 6.795   -0.114  17.334  1.00 14.09 ? 96  HIS A N   1 
ATOM   603  C CA  . HIS A 1 73  ? 7.349   -1.000  18.369  1.00 15.49 ? 96  HIS A CA  1 
ATOM   604  C C   . HIS A 1 73  ? 8.524   -1.802  17.831  1.00 17.15 ? 96  HIS A C   1 
ATOM   605  O O   . HIS A 1 73  ? 8.476   -2.299  16.696  1.00 17.87 ? 96  HIS A O   1 
ATOM   606  C CB  . HIS A 1 73  ? 6.250   -1.934  18.870  1.00 15.50 ? 96  HIS A CB  1 
ATOM   607  C CG  . HIS A 1 73  ? 5.077   -1.201  19.409  1.00 17.24 ? 96  HIS A CG  1 
ATOM   608  N ND1 . HIS A 1 73  ? 3.940   -0.976  18.667  1.00 21.33 ? 96  HIS A ND1 1 
ATOM   609  C CD2 . HIS A 1 73  ? 4.882   -0.588  20.600  1.00 20.61 ? 96  HIS A CD2 1 
ATOM   610  C CE1 . HIS A 1 73  ? 3.088   -0.257  19.376  1.00 24.03 ? 96  HIS A CE1 1 
ATOM   611  N NE2 . HIS A 1 73  ? 3.636   -0.006  20.551  1.00 22.27 ? 96  HIS A NE2 1 
ATOM   612  N N   . PRO A 1 74  ? 9.610   -1.909  18.610  1.00 16.54 ? 97  PRO A N   1 
ATOM   613  C CA  . PRO A 1 74  ? 10.750  -2.714  18.168  1.00 17.98 ? 97  PRO A CA  1 
ATOM   614  C C   . PRO A 1 74  ? 10.344  -4.179  18.164  1.00 19.10 ? 97  PRO A C   1 
ATOM   615  O O   . PRO A 1 74  ? 9.800   -4.689  19.163  1.00 19.92 ? 97  PRO A O   1 
ATOM   616  C CB  . PRO A 1 74  ? 11.839  -2.440  19.235  1.00 18.54 ? 97  PRO A CB  1 
ATOM   617  C CG  . PRO A 1 74  ? 11.154  -1.754  20.328  1.00 17.92 ? 97  PRO A CG  1 
ATOM   618  C CD  . PRO A 1 74  ? 9.914   -1.127  19.827  1.00 18.00 ? 97  PRO A CD  1 
ATOM   619  N N   . ASN A 1 75  ? 10.554  -4.830  17.019  1.00 20.30 ? 98  ASN A N   1 
ATOM   620  C CA  . ASN A 1 75  ? 10.322  -6.261  16.876  1.00 20.97 ? 98  ASN A CA  1 
ATOM   621  C C   . ASN A 1 75  ? 11.497  -6.846  16.115  1.00 21.59 ? 98  ASN A C   1 
ATOM   622  O O   . ASN A 1 75  ? 11.903  -6.316  15.075  1.00 21.38 ? 98  ASN A O   1 
ATOM   623  C CB  . ASN A 1 75  ? 8.991   -6.538  16.161  1.00 21.51 ? 98  ASN A CB  1 
ATOM   624  C CG  . ASN A 1 75  ? 8.657   -8.020  16.100  1.00 23.87 ? 98  ASN A CG  1 
ATOM   625  O OD1 . ASN A 1 75  ? 9.494   -8.839  15.751  1.00 28.20 ? 98  ASN A OD1 1 
ATOM   626  N ND2 . ASN A 1 75  ? 7.428   -8.363  16.432  1.00 27.18 ? 98  ASN A ND2 1 
ATOM   627  N N   . ALA A 1 76  ? 12.059  -7.927  16.649  1.00 22.40 ? 99  ALA A N   1 
ATOM   628  C CA  . ALA A 1 76  ? 13.282  -8.499  16.095  1.00 23.37 ? 99  ALA A CA  1 
ATOM   629  C C   . ALA A 1 76  ? 13.127  -9.012  14.665  1.00 23.30 ? 99  ALA A C   1 
ATOM   630  O O   . ALA A 1 76  ? 14.089  -9.001  13.902  1.00 24.35 ? 99  ALA A O   1 
ATOM   631  C CB  . ALA A 1 76  ? 13.800  -9.605  17.003  1.00 23.65 ? 99  ALA A CB  1 
ATOM   632  N N   . ILE A 1 77  ? 11.926  -9.459  14.323  1.00 23.91 ? 100 ILE A N   1 
ATOM   633  C CA  . ILE A 1 77  ? 11.637  -9.992  12.988  1.00 23.95 ? 100 ILE A CA  1 
ATOM   634  C C   . ILE A 1 77  ? 11.053  -8.947  12.015  1.00 23.33 ? 100 ILE A C   1 
ATOM   635  O O   . ILE A 1 77  ? 10.702  -9.279  10.885  1.00 24.31 ? 100 ILE A O   1 
ATOM   636  C CB  . ILE A 1 77  ? 10.729  -11.261 13.058  1.00 24.71 ? 100 ILE A CB  1 
ATOM   637  C CG1 . ILE A 1 77  ? 9.295   -10.910 13.457  1.00 26.60 ? 100 ILE A CG1 1 
ATOM   638  C CG2 . ILE A 1 77  ? 11.328  -12.284 14.028  1.00 26.54 ? 100 ILE A CG2 1 
ATOM   639  C CD1 . ILE A 1 77  ? 8.251   -12.013 13.166  1.00 28.63 ? 100 ILE A CD1 1 
ATOM   640  N N   . CYS A 1 78  ? 10.946  -7.694  12.461  1.00 21.41 ? 101 CYS A N   1 
ATOM   641  C CA  . CYS A 1 78  ? 10.447  -6.602  11.617  1.00 20.51 ? 101 CYS A CA  1 
ATOM   642  C C   . CYS A 1 78  ? 11.444  -5.456  11.570  1.00 20.67 ? 101 CYS A C   1 
ATOM   643  O O   . CYS A 1 78  ? 11.614  -4.716  12.557  1.00 20.14 ? 101 CYS A O   1 
ATOM   644  C CB  . CYS A 1 78  ? 9.099   -6.071  12.131  1.00 19.62 ? 101 CYS A CB  1 
ATOM   645  S SG  . CYS A 1 78  ? 7.786   -7.289  12.267  1.00 18.86 ? 101 CYS A SG  1 
ATOM   646  N N   . ALA A 1 79  ? 12.117  -5.305  10.432  1.00 20.53 ? 102 ALA A N   1 
ATOM   647  C CA  . ALA A 1 79  ? 13.100  -4.231  10.257  1.00 21.52 ? 102 ALA A CA  1 
ATOM   648  C C   . ALA A 1 79  ? 14.210  -4.302  11.319  1.00 22.61 ? 102 ALA A C   1 
ATOM   649  O O   . ALA A 1 79  ? 14.747  -3.280  11.740  1.00 23.11 ? 102 ALA A O   1 
ATOM   650  C CB  . ALA A 1 79  ? 12.397  -2.860  10.273  1.00 20.80 ? 102 ALA A CB  1 
ATOM   651  N N   . ALA A 1 80  ? 14.533  -5.526  11.750  1.00 23.94 ? 103 ALA A N   1 
ATOM   652  C CA  . ALA A 1 80  ? 15.674  -5.791  12.642  1.00 24.81 ? 103 ALA A CA  1 
ATOM   653  C C   . ALA A 1 80  ? 15.654  -4.941  13.927  1.00 24.45 ? 103 ALA A C   1 
ATOM   654  O O   . ALA A 1 80  ? 16.661  -4.328  14.277  1.00 24.71 ? 103 ALA A O   1 
ATOM   655  C CB  . ALA A 1 80  ? 17.016  -5.607  11.874  1.00 25.12 ? 103 ALA A CB  1 
ATOM   656  N N   . ASN A 1 81  ? 14.496  -4.897  14.592  1.00 24.13 ? 104 ASN A N   1 
ATOM   657  C CA  . ASN A 1 81  ? 14.285  -4.166  15.853  1.00 23.44 ? 104 ASN A CA  1 
ATOM   658  C C   . ASN A 1 81  ? 14.313  -2.633  15.776  1.00 22.62 ? 104 ASN A C   1 
ATOM   659  O O   . ASN A 1 81  ? 14.331  -1.965  16.806  1.00 22.92 ? 104 ASN A O   1 
ATOM   660  C CB  . ASN A 1 81  ? 15.274  -4.610  16.942  1.00 24.04 ? 104 ASN A CB  1 
ATOM   661  C CG  . ASN A 1 81  ? 14.638  -5.454  18.013  1.00 25.04 ? 104 ASN A CG  1 
ATOM   662  O OD1 . ASN A 1 81  ? 13.435  -5.423  18.231  1.00 24.50 ? 104 ASN A OD1 1 
ATOM   663  N ND2 . ASN A 1 81  ? 15.476  -6.240  18.715  1.00 30.62 ? 104 ASN A ND2 1 
ATOM   664  N N   . HIS A 1 82  ? 14.299  -2.074  14.568  1.00 20.62 ? 105 HIS A N   1 
ATOM   665  C CA  . HIS A 1 82  ? 14.316  -0.630  14.427  1.00 19.19 ? 105 HIS A CA  1 
ATOM   666  C C   . HIS A 1 82  ? 12.933  -0.043  14.714  1.00 16.95 ? 105 HIS A C   1 
ATOM   667  O O   . HIS A 1 82  ? 11.921  -0.730  14.616  1.00 16.71 ? 105 HIS A O   1 
ATOM   668  C CB  . HIS A 1 82  ? 14.770  -0.216  13.020  1.00 20.73 ? 105 HIS A CB  1 
ATOM   669  C CG  . HIS A 1 82  ? 16.258  -0.211  12.829  1.00 24.40 ? 105 HIS A CG  1 
ATOM   670  N ND1 . HIS A 1 82  ? 16.967  -1.328  12.436  1.00 27.46 ? 105 HIS A ND1 1 
ATOM   671  C CD2 . HIS A 1 82  ? 17.161  0.793   12.912  1.00 27.81 ? 105 HIS A CD2 1 
ATOM   672  C CE1 . HIS A 1 82  ? 18.245  -1.020  12.313  1.00 27.45 ? 105 HIS A CE1 1 
ATOM   673  N NE2 . HIS A 1 82  ? 18.392  0.261   12.602  1.00 30.54 ? 105 HIS A NE2 1 
ATOM   674  N N   . THR A 1 83  ? 12.928  1.212   15.135  1.00 15.81 ? 106 THR A N   1 
ATOM   675  C CA  . THR A 1 83  ? 11.709  2.038   15.165  1.00 16.04 ? 106 THR A CA  1 
ATOM   676  C C   . THR A 1 83  ? 11.907  3.233   14.248  1.00 15.33 ? 106 THR A C   1 
ATOM   677  O O   . THR A 1 83  ? 13.039  3.598   13.909  1.00 15.82 ? 106 THR A O   1 
ATOM   678  C CB  . THR A 1 83  ? 11.397  2.564   16.583  1.00 16.82 ? 106 THR A CB  1 
ATOM   679  O OG1 . THR A 1 83  ? 12.458  3.438   16.992  1.00 18.48 ? 106 THR A OG1 1 
ATOM   680  C CG2 . THR A 1 83  ? 11.258  1.403   17.585  1.00 17.78 ? 106 THR A CG2 1 
ATOM   681  N N   . GLY A 1 84  ? 10.805  3.873   13.853  1.00 12.66 ? 107 GLY A N   1 
ATOM   682  C CA  . GLY A 1 84  ? 10.860  4.997   12.925  1.00 11.55 ? 107 GLY A CA  1 
ATOM   683  C C   . GLY A 1 84  ? 10.591  4.457   11.539  1.00 9.70  ? 107 GLY A C   1 
ATOM   684  O O   . GLY A 1 84  ? 10.206  3.279   11.399  1.00 10.56 ? 107 GLY A O   1 
ATOM   685  N N   . VAL A 1 85  ? 10.778  5.295   10.536  1.00 10.14 ? 108 VAL A N   1 
ATOM   686  C CA  . VAL A 1 85  ? 10.657  4.837   9.178   1.00 10.43 ? 108 VAL A CA  1 
ATOM   687  C C   . VAL A 1 85  ? 11.975  4.146   8.788   1.00 10.60 ? 108 VAL A C   1 
ATOM   688  O O   . VAL A 1 85  ? 12.975  4.840   8.538   1.00 12.47 ? 108 VAL A O   1 
ATOM   689  C CB  . VAL A 1 85  ? 10.328  5.989   8.232   1.00 8.95  ? 108 VAL A CB  1 
ATOM   690  C CG1 . VAL A 1 85  ? 10.260  5.464   6.785   1.00 11.44 ? 108 VAL A CG1 1 
ATOM   691  C CG2 . VAL A 1 85  ? 9.020   6.686   8.650   1.00 10.51 ? 108 VAL A CG2 1 
ATOM   692  N N   . TYR A 1 86  ? 11.962  2.813   8.719   1.00 9.85  ? 109 TYR A N   1 
ATOM   693  C CA  . TYR A 1 86  ? 13.184  2.055   8.418   1.00 9.21  ? 109 TYR A CA  1 
ATOM   694  C C   . TYR A 1 86  ? 13.373  2.076   6.913   1.00 9.76  ? 109 TYR A C   1 
ATOM   695  O O   . TYR A 1 86  ? 12.454  1.741   6.188   1.00 9.87  ? 109 TYR A O   1 
ATOM   696  C CB  . TYR A 1 86  ? 13.060  0.599   8.903   1.00 10.44 ? 109 TYR A CB  1 
ATOM   697  C CG  . TYR A 1 86  ? 14.213  -0.293  8.544   1.00 12.94 ? 109 TYR A CG  1 
ATOM   698  C CD1 . TYR A 1 86  ? 15.375  -0.301  9.299   1.00 16.07 ? 109 TYR A CD1 1 
ATOM   699  C CD2 . TYR A 1 86  ? 14.124  -1.127  7.444   1.00 17.37 ? 109 TYR A CD2 1 
ATOM   700  C CE1 . TYR A 1 86  ? 16.468  -1.126  8.938   1.00 20.73 ? 109 TYR A CE1 1 
ATOM   701  C CE2 . TYR A 1 86  ? 15.190  -1.946  7.071   1.00 22.26 ? 109 TYR A CE2 1 
ATOM   702  C CZ  . TYR A 1 86  ? 16.343  -1.950  7.826   1.00 23.55 ? 109 TYR A CZ  1 
ATOM   703  O OH  . TYR A 1 86  ? 17.383  -2.773  7.454   1.00 27.27 ? 109 TYR A OH  1 
ATOM   704  N N   . ILE A 1 87  ? 14.582  2.377   6.443   1.00 9.28  ? 110 ILE A N   1 
ATOM   705  C CA  . ILE A 1 87  ? 14.826  2.468   5.009   1.00 9.47  ? 110 ILE A CA  1 
ATOM   706  C C   . ILE A 1 87  ? 15.650  1.255   4.605   1.00 10.35 ? 110 ILE A C   1 
ATOM   707  O O   . ILE A 1 87  ? 16.708  0.983   5.201   1.00 10.96 ? 110 ILE A O   1 
ATOM   708  C CB  . ILE A 1 87  ? 15.541  3.781   4.616   1.00 9.48  ? 110 ILE A CB  1 
ATOM   709  C CG1 . ILE A 1 87  ? 14.698  5.018   4.967   1.00 11.49 ? 110 ILE A CG1 1 
ATOM   710  C CG2 . ILE A 1 87  ? 15.832  3.851   3.062   1.00 11.71 ? 110 ILE A CG2 1 
ATOM   711  C CD1 . ILE A 1 87  ? 15.510  6.348   4.909   1.00 14.71 ? 110 ILE A CD1 1 
ATOM   712  N N   . LEU A 1 88  ? 15.149  0.511   3.613   1.00 9.12  ? 111 LEU A N   1 
ATOM   713  C CA  . LEU A 1 88  ? 15.910  -0.604  3.047   1.00 8.81  ? 111 LEU A CA  1 
ATOM   714  C C   . LEU A 1 88  ? 17.104  -0.058  2.272   1.00 10.01 ? 111 LEU A C   1 
ATOM   715  O O   . LEU A 1 88  ? 16.960  0.745   1.344   1.00 10.78 ? 111 LEU A O   1 
ATOM   716  C CB  . LEU A 1 88  ? 14.995  -1.402  2.106   1.00 8.97  ? 111 LEU A CB  1 
ATOM   717  C CG  . LEU A 1 88  ? 15.687  -2.536  1.339   1.00 10.75 ? 111 LEU A CG  1 
ATOM   718  C CD1 . LEU A 1 88  ? 16.151  -3.614  2.291   1.00 11.06 ? 111 LEU A CD1 1 
ATOM   719  C CD2 . LEU A 1 88  ? 14.600  -3.123  0.369   1.00 12.84 ? 111 LEU A CD2 1 
ATOM   720  N N   . VAL A 1 89  ? 18.293  -0.485  2.691   1.00 10.38 ? 112 VAL A N   1 
ATOM   721  C CA  . VAL A 1 89  ? 19.509  0.007   2.047   1.00 10.38 ? 112 VAL A CA  1 
ATOM   722  C C   . VAL A 1 89  ? 20.022  -0.959  0.985   1.00 9.74  ? 112 VAL A C   1 
ATOM   723  O O   . VAL A 1 89  ? 20.271  -0.552  -0.128  1.00 10.87 ? 112 VAL A O   1 
ATOM   724  C CB  . VAL A 1 89  ? 20.628  0.280   3.087   1.00 9.87  ? 112 VAL A CB  1 
ATOM   725  C CG1 . VAL A 1 89  ? 21.916  0.689   2.388   1.00 11.45 ? 112 VAL A CG1 1 
ATOM   726  C CG2 . VAL A 1 89  ? 20.188  1.442   4.028   1.00 10.50 ? 112 VAL A CG2 1 
ATOM   727  N N   . THR A 1 90  ? 20.083  -2.247  1.305   1.00 9.84  ? 113 THR A N   1 
ATOM   728  C CA  . THR A 1 90  ? 20.760  -3.199  0.418   1.00 9.96  ? 113 THR A CA  1 
ATOM   729  C C   . THR A 1 90  ? 19.815  -4.354  0.134   1.00 7.54  ? 113 THR A C   1 
ATOM   730  O O   . THR A 1 90  ? 19.368  -5.058  1.061   1.00 9.28  ? 113 THR A O   1 
ATOM   731  C CB  . THR A 1 90  ? 22.018  -3.802  1.099   1.00 9.65  ? 113 THR A CB  1 
ATOM   732  O OG1 . THR A 1 90  ? 22.924  -2.769  1.478   1.00 12.38 ? 113 THR A OG1 1 
ATOM   733  C CG2 . THR A 1 90  ? 22.747  -4.725  0.137   1.00 12.62 ? 113 THR A CG2 1 
ATOM   734  N N   . SER A 1 91  ? 19.498  -4.539  -1.149  1.00 6.41  ? 114 SER A N   1 
ATOM   735  C CA  . SER A 1 91  ? 18.679  -5.674  -1.578  1.00 5.35  ? 114 SER A CA  1 
ATOM   736  C C   . SER A 1 91  ? 19.032  -5.999  -3.002  1.00 6.06  ? 114 SER A C   1 
ATOM   737  O O   . SER A 1 91  ? 19.364  -5.100  -3.799  1.00 8.10  ? 114 SER A O   1 
ATOM   738  C CB  . SER A 1 91  ? 17.189  -5.299  -1.492  1.00 8.06  ? 114 SER A CB  1 
ATOM   739  O OG  . SER A 1 91  ? 16.374  -6.341  -2.009  1.00 8.41  ? 114 SER A OG  1 
ATOM   740  N N   . ASN A 1 92  ? 18.961  -7.290  -3.333  1.00 6.12  ? 115 ASN A N   1 
ATOM   741  C CA  . ASN A 1 92  ? 19.194  -7.683  -4.716  1.00 5.86  ? 115 ASN A CA  1 
ATOM   742  C C   . ASN A 1 92  ? 17.993  -7.400  -5.597  1.00 6.10  ? 115 ASN A C   1 
ATOM   743  O O   . ASN A 1 92  ? 18.132  -7.367  -6.807  1.00 7.94  ? 115 ASN A O   1 
ATOM   744  C CB  . ASN A 1 92  ? 19.422  -9.208  -4.824  1.00 5.84  ? 115 ASN A CB  1 
ATOM   745  C CG  . ASN A 1 92  ? 20.821  -9.662  -4.465  1.00 7.11  ? 115 ASN A CG  1 
ATOM   746  O OD1 . ASN A 1 92  ? 21.776  -8.879  -4.362  1.00 7.48  ? 115 ASN A OD1 1 
ATOM   747  N ND2 . ASN A 1 92  ? 20.946  -10.976 -4.253  1.00 6.30  ? 115 ASN A ND2 1 
ATOM   748  N N   . THR A 1 93  ? 16.806  -7.298  -4.994  1.00 6.31  ? 116 THR A N   1 
ATOM   749  C CA  . THR A 1 93  ? 15.557  -7.543  -5.744  1.00 6.72  ? 116 THR A CA  1 
ATOM   750  C C   . THR A 1 93  ? 14.667  -6.312  -5.800  1.00 6.96  ? 116 THR A C   1 
ATOM   751  O O   . THR A 1 93  ? 14.911  -5.328  -5.089  1.00 7.83  ? 116 THR A O   1 
ATOM   752  C CB  . THR A 1 93  ? 14.766  -8.669  -5.079  1.00 6.07  ? 116 THR A CB  1 
ATOM   753  O OG1 . THR A 1 93  ? 14.575  -8.342  -3.700  1.00 7.95  ? 116 THR A OG1 1 
ATOM   754  C CG2 . THR A 1 93  ? 15.560  -10.003 -5.148  1.00 9.23  ? 116 THR A CG2 1 
ATOM   755  N N   . SER A 1 94  ? 13.673  -6.385  -6.690  1.00 8.17  ? 117 SER A N   1 
ATOM   756  C CA  . SER A 1 94  ? 12.976  -5.191  -7.137  1.00 8.24  ? 117 SER A CA  1 
ATOM   757  C C   . SER A 1 94  ? 11.502  -5.131  -6.799  1.00 8.43  ? 117 SER A C   1 
ATOM   758  O O   . SER A 1 94  ? 10.847  -4.115  -7.139  1.00 10.11 ? 117 SER A O   1 
ATOM   759  C CB  . SER A 1 94  ? 13.118  -5.091  -8.657  1.00 8.49  ? 117 SER A CB  1 
ATOM   760  O OG  . SER A 1 94  ? 12.554  -6.242  -9.271  1.00 10.13 ? 117 SER A OG  1 
ATOM   761  N N   . HIS A 1 95  ? 10.972  -6.211  -6.226  1.00 8.25  ? 118 HIS A N   1 
ATOM   762  C CA  . HIS A 1 95  ? 9.513   -6.322  -6.022  1.00 7.54  ? 118 HIS A CA  1 
ATOM   763  C C   . HIS A 1 95  ? 9.146   -6.324  -4.552  1.00 7.12  ? 118 HIS A C   1 
ATOM   764  O O   . HIS A 1 95  ? 9.676   -7.100  -3.752  1.00 8.53  ? 118 HIS A O   1 
ATOM   765  C CB  . HIS A 1 95  ? 8.989   -7.568  -6.735  1.00 8.64  ? 118 HIS A CB  1 
ATOM   766  C CG  . HIS A 1 95  ? 8.807   -7.362  -8.209  1.00 7.89  ? 118 HIS A CG  1 
ATOM   767  N ND1 . HIS A 1 95  ? 9.796   -6.821  -9.005  1.00 9.03  ? 118 HIS A ND1 1 
ATOM   768  C CD2 . HIS A 1 95  ? 7.767   -7.630  -9.036  1.00 13.37 ? 118 HIS A CD2 1 
ATOM   769  C CE1 . HIS A 1 95  ? 9.376   -6.765  -10.256 1.00 9.25  ? 118 HIS A CE1 1 
ATOM   770  N NE2 . HIS A 1 95  ? 8.138   -7.212  -10.294 1.00 12.10 ? 118 HIS A NE2 1 
ATOM   771  N N   . TYR A 1 96  ? 8.203   -5.442  -4.170  1.00 6.16  ? 119 TYR A N   1 
ATOM   772  C CA  . TYR A 1 96  ? 7.851   -5.314  -2.753  1.00 6.84  ? 119 TYR A CA  1 
ATOM   773  C C   . TYR A 1 96  ? 6.345   -5.115  -2.666  1.00 6.59  ? 119 TYR A C   1 
ATOM   774  O O   . TYR A 1 96  ? 5.624   -5.405  -3.628  1.00 7.44  ? 119 TYR A O   1 
ATOM   775  C CB  . TYR A 1 96  ? 8.612   -4.093  -2.149  1.00 6.38  ? 119 TYR A CB  1 
ATOM   776  C CG  . TYR A 1 96  ? 10.107  -4.246  -2.236  1.00 5.85  ? 119 TYR A CG  1 
ATOM   777  C CD1 . TYR A 1 96  ? 10.798  -5.037  -1.301  1.00 6.90  ? 119 TYR A CD1 1 
ATOM   778  C CD2 . TYR A 1 96  ? 10.839  -3.613  -3.259  1.00 6.70  ? 119 TYR A CD2 1 
ATOM   779  C CE1 . TYR A 1 96  ? 12.182  -5.227  -1.377  1.00 6.02  ? 119 TYR A CE1 1 
ATOM   780  C CE2 . TYR A 1 96  ? 12.277  -3.808  -3.374  1.00 4.76  ? 119 TYR A CE2 1 
ATOM   781  C CZ  . TYR A 1 96  ? 12.897  -4.590  -2.397  1.00 6.76  ? 119 TYR A CZ  1 
ATOM   782  O OH  . TYR A 1 96  ? 14.266  -4.807  -2.418  1.00 8.29  ? 119 TYR A OH  1 
ATOM   783  N N   . ASP A 1 97  ? 5.874   -4.676  -1.510  1.00 6.74  ? 120 ASP A N   1 
ATOM   784  C CA  . ASP A 1 97  ? 4.488   -4.141  -1.397  1.00 5.62  ? 120 ASP A CA  1 
ATOM   785  C C   . ASP A 1 97  ? 4.547   -2.665  -1.761  1.00 6.10  ? 120 ASP A C   1 
ATOM   786  O O   . ASP A 1 97  ? 5.586   -2.168  -2.194  1.00 6.29  ? 120 ASP A O   1 
ATOM   787  C CB  . ASP A 1 97  ? 3.993   -4.315  0.037   1.00 6.55  ? 120 ASP A CB  1 
ATOM   788  C CG  . ASP A 1 97  ? 3.831   -5.791  0.450   1.00 7.84  ? 120 ASP A CG  1 
ATOM   789  O OD1 . ASP A 1 97  ? 3.874   -6.706  -0.416  1.00 9.24  ? 120 ASP A OD1 1 
ATOM   790  O OD2 . ASP A 1 97  ? 3.661   -5.986  1.673   1.00 9.36  ? 120 ASP A OD2 1 
ATOM   791  N N   . THR A 1 98  ? 3.426   -1.948  -1.615  1.00 5.79  ? 121 THR A N   1 
ATOM   792  C CA  . THR A 1 98  ? 3.513   -0.496  -1.786  1.00 6.12  ? 121 THR A CA  1 
ATOM   793  C C   . THR A 1 98  ? 2.773   0.205   -0.682  1.00 6.16  ? 121 THR A C   1 
ATOM   794  O O   . THR A 1 98  ? 1.857   -0.347  -0.033  1.00 7.18  ? 121 THR A O   1 
ATOM   795  C CB  . THR A 1 98  ? 2.979   0.040   -3.158  1.00 6.60  ? 121 THR A CB  1 
ATOM   796  O OG1 . THR A 1 98  ? 3.420   1.406   -3.328  1.00 8.23  ? 121 THR A OG1 1 
ATOM   797  C CG2 . THR A 1 98  ? 1.486   -0.042  -3.254  1.00 7.44  ? 121 THR A CG2 1 
ATOM   798  N N   . TYR A 1 99  ? 3.214   1.423   -0.426  1.00 4.92  ? 122 TYR A N   1 
ATOM   799  C CA  . TYR A 1 99  ? 2.388   2.368   0.358   1.00 5.47  ? 122 TYR A CA  1 
ATOM   800  C C   . TYR A 1 99  ? 1.749   3.327   -0.611  1.00 6.15  ? 122 TYR A C   1 
ATOM   801  O O   . TYR A 1 99  ? 2.286   3.629   -1.674  1.00 7.02  ? 122 TYR A O   1 
ATOM   802  C CB  . TYR A 1 99  ? 3.239   3.125   1.414   1.00 4.11  ? 122 TYR A CB  1 
ATOM   803  C CG  . TYR A 1 99  ? 3.835   2.160   2.369   1.00 6.46  ? 122 TYR A CG  1 
ATOM   804  C CD1 . TYR A 1 99  ? 3.060   1.645   3.419   1.00 4.98  ? 122 TYR A CD1 1 
ATOM   805  C CD2 . TYR A 1 99  ? 5.131   1.682   2.192   1.00 6.64  ? 122 TYR A CD2 1 
ATOM   806  C CE1 . TYR A 1 99  ? 3.572   0.694   4.299   1.00 5.11  ? 122 TYR A CE1 1 
ATOM   807  C CE2 . TYR A 1 99  ? 5.678   0.707   3.075   1.00 5.91  ? 122 TYR A CE2 1 
ATOM   808  C CZ  . TYR A 1 99  ? 4.871   0.207   4.102   1.00 6.47  ? 122 TYR A CZ  1 
ATOM   809  O OH  . TYR A 1 99  ? 5.353   -0.756  4.937   1.00 8.55  ? 122 TYR A OH  1 
ATOM   810  N N   . CYS A 1 100 ? 0.587   3.862   -0.210  1.00 6.33  ? 123 CYS A N   1 
ATOM   811  C CA  . CYS A 1 100 ? -0.122  4.871   -0.983  1.00 7.47  ? 123 CYS A CA  1 
ATOM   812  C C   . CYS A 1 100 ? -0.636  5.954   -0.050  1.00 6.40  ? 123 CYS A C   1 
ATOM   813  O O   . CYS A 1 100 ? -0.823  5.722   1.141   1.00 6.88  ? 123 CYS A O   1 
ATOM   814  C CB  . CYS A 1 100 ? -1.323  4.252   -1.685  1.00 7.80  ? 123 CYS A CB  1 
ATOM   815  S SG  . CYS A 1 100 ? -0.911  2.994   -2.934  1.00 12.53 ? 123 CYS A SG  1 
ATOM   816  N N   . PHE A 1 101 ? -0.827  7.145   -0.611  1.00 6.87  ? 124 PHE A N   1 
ATOM   817  C CA  . PHE A 1 101 ? -1.296  8.307   0.109   1.00 7.15  ? 124 PHE A CA  1 
ATOM   818  C C   . PHE A 1 101 ? -2.470  8.924   -0.591  1.00 7.21  ? 124 PHE A C   1 
ATOM   819  O O   . PHE A 1 101 ? -2.336  9.322   -1.743  1.00 7.43  ? 124 PHE A O   1 
ATOM   820  C CB  . PHE A 1 101 ? -0.174  9.356   0.226   1.00 6.84  ? 124 PHE A CB  1 
ATOM   821  C CG  . PHE A 1 101 ? -0.689  10.668  0.688   1.00 7.07  ? 124 PHE A CG  1 
ATOM   822  C CD1 . PHE A 1 101 ? -1.166  10.808  1.979   1.00 6.44  ? 124 PHE A CD1 1 
ATOM   823  C CD2 . PHE A 1 101 ? -0.749  11.731  -0.184  1.00 9.49  ? 124 PHE A CD2 1 
ATOM   824  C CE1 . PHE A 1 101 ? -1.731  12.040  2.416   1.00 6.84  ? 124 PHE A CE1 1 
ATOM   825  C CE2 . PHE A 1 101 ? -1.318  12.978  0.222   1.00 10.47 ? 124 PHE A CE2 1 
ATOM   826  C CZ  . PHE A 1 101 ? -1.789  13.146  1.513   1.00 8.33  ? 124 PHE A CZ  1 
ATOM   827  N N   . ASN A 1 102 ? -3.601  9.011   0.132   1.00 8.05  ? 125 ASN A N   1 
ATOM   828  C CA  . ASN A 1 102 ? -4.827  9.641   -0.334  1.00 8.54  ? 125 ASN A CA  1 
ATOM   829  C C   . ASN A 1 102 ? -5.114  10.884  0.501   1.00 8.43  ? 125 ASN A C   1 
ATOM   830  O O   . ASN A 1 102 ? -5.429  10.788  1.743   1.00 7.37  ? 125 ASN A O   1 
ATOM   831  C CB  . ASN A 1 102 ? -6.023  8.653   -0.263  1.00 9.02  ? 125 ASN A CB  1 
ATOM   832  C CG  . ASN A 1 102 ? -7.220  9.189   -1.055  1.00 14.90 ? 125 ASN A CG  1 
ATOM   833  O OD1 . ASN A 1 102 ? -7.625  10.320  -0.852  1.00 16.27 ? 125 ASN A OD1 1 
ATOM   834  N ND2 . ASN A 1 102 ? -7.756  8.405   -1.974  1.00 18.20 ? 125 ASN A ND2 1 
ATOM   835  N N   . ALA A 1 103 ? -5.029  12.031  -0.177  1.00 9.66  ? 126 ALA A N   1 
ATOM   836  C CA  . ALA A 1 103 ? -5.170  13.302  0.529   1.00 10.36 ? 126 ALA A CA  1 
ATOM   837  C C   . ALA A 1 103 ? -6.566  13.549  1.090   1.00 11.30 ? 126 ALA A C   1 
ATOM   838  O O   . ALA A 1 103 ? -6.711  14.350  2.011   1.00 12.78 ? 126 ALA A O   1 
ATOM   839  C CB  . ALA A 1 103 ? -4.748  14.474  -0.374  1.00 10.74 ? 126 ALA A CB  1 
ATOM   840  N N   A SER A 1 104 ? -7.566  12.857  0.551   0.50 11.05 ? 127 SER A N   1 
ATOM   841  N N   B SER A 1 104 ? -7.582  12.884  0.545   0.50 11.22 ? 127 SER A N   1 
ATOM   842  C CA  A SER A 1 104 ? -8.964  13.066  0.957   0.50 11.18 ? 127 SER A CA  1 
ATOM   843  C CA  B SER A 1 104 ? -8.969  13.115  0.995   0.50 11.44 ? 127 SER A CA  1 
ATOM   844  C C   A SER A 1 104 ? -9.399  12.158  2.112   0.50 11.47 ? 127 SER A C   1 
ATOM   845  C C   B SER A 1 104 ? -9.360  12.255  2.205   0.50 11.60 ? 127 SER A C   1 
ATOM   846  O O   A SER A 1 104 ? -10.549 12.182  2.545   0.50 11.74 ? 127 SER A O   1 
ATOM   847  O O   B SER A 1 104 ? -10.447 12.399  2.765   0.50 11.58 ? 127 SER A O   1 
ATOM   848  C CB  A SER A 1 104 ? -9.886  12.929  -0.259  0.50 12.03 ? 127 SER A CB  1 
ATOM   849  C CB  B SER A 1 104 ? -9.960  12.933  -0.161  0.50 12.42 ? 127 SER A CB  1 
ATOM   850  O OG  A SER A 1 104 ? -9.420  13.769  -1.294  0.50 12.39 ? 127 SER A OG  1 
ATOM   851  O OG  B SER A 1 104 ? -10.006 11.581  -0.558  0.50 13.81 ? 127 SER A OG  1 
ATOM   852  N N   . ALA A 1 105 ? -8.456  11.373  2.629   1.00 10.49 ? 128 ALA A N   1 
ATOM   853  C CA  . ALA A 1 105 ? -8.679  10.556  3.807   1.00 10.19 ? 128 ALA A CA  1 
ATOM   854  C C   . ALA A 1 105 ? -8.725  11.410  5.095   1.00 9.67  ? 128 ALA A C   1 
ATOM   855  O O   . ALA A 1 105 ? -8.281  12.536  5.087   1.00 10.47 ? 128 ALA A O   1 
ATOM   856  C CB  . ALA A 1 105 ? -7.588  9.455   3.916   1.00 10.58 ? 128 ALA A CB  1 
ATOM   857  N N   . PRO A 1 106 ? -9.228  10.875  6.204   1.00 10.02 ? 129 PRO A N   1 
ATOM   858  C CA  . PRO A 1 106 ? -9.188  11.582  7.503   1.00 9.19  ? 129 PRO A CA  1 
ATOM   859  C C   . PRO A 1 106 ? -7.775  11.878  8.006   1.00 9.41  ? 129 PRO A C   1 
ATOM   860  O O   . PRO A 1 106 ? -6.829  11.250  7.570   1.00 9.20  ? 129 PRO A O   1 
ATOM   861  C CB  . PRO A 1 106 ? -9.893  10.611  8.451   1.00 10.33 ? 129 PRO A CB  1 
ATOM   862  C CG  . PRO A 1 106 ? -10.837 9.879   7.565   1.00 11.22 ? 129 PRO A CG  1 
ATOM   863  C CD  . PRO A 1 106 ? -9.989  9.613   6.312   1.00 9.89  ? 129 PRO A CD  1 
ATOM   864  N N   . PRO A 1 107 ? -7.614  12.843  8.904   1.00 8.68  ? 130 PRO A N   1 
ATOM   865  C CA  . PRO A 1 107 ? -6.260  13.289  9.286   1.00 9.20  ? 130 PRO A CA  1 
ATOM   866  C C   . PRO A 1 107 ? -5.495  12.330  10.174  1.00 9.18  ? 130 PRO A C   1 
ATOM   867  O O   . PRO A 1 107 ? -4.264  12.381  10.217  1.00 8.57  ? 130 PRO A O   1 
ATOM   868  C CB  . PRO A 1 107 ? -6.503  14.626  10.024  1.00 10.08 ? 130 PRO A CB  1 
ATOM   869  C CG  . PRO A 1 107 ? -7.964  14.531  10.502  1.00 8.74  ? 130 PRO A CG  1 
ATOM   870  C CD  . PRO A 1 107 ? -8.667  13.755  9.392   1.00 9.48  ? 130 PRO A CD  1 
ATOM   871  N N   . GLU A 1 108 ? -6.210  11.466  10.888  1.00 9.31  ? 131 GLU A N   1 
ATOM   872  C CA  . GLU A 1 108 ? -5.564  10.574  11.844  1.00 10.16 ? 131 GLU A CA  1 
ATOM   873  C C   . GLU A 1 108 ? -5.821  9.121   11.449  1.00 9.45  ? 131 GLU A C   1 
ATOM   874  O O   . GLU A 1 108 ? -5.701  8.814   10.252  1.00 8.88  ? 131 GLU A O   1 
ATOM   875  C CB  . GLU A 1 108 ? -5.945  10.981  13.274  1.00 12.30 ? 131 GLU A CB  1 
ATOM   876  C CG  . GLU A 1 108 ? -5.449  12.424  13.484  1.00 15.77 ? 131 GLU A CG  1 
ATOM   877  C CD  . GLU A 1 108 ? -5.454  12.886  14.887  1.00 22.70 ? 131 GLU A CD  1 
ATOM   878  O OE1 . GLU A 1 108 ? -6.567  12.936  15.448  1.00 24.58 ? 131 GLU A OE1 1 
ATOM   879  O OE2 . GLU A 1 108 ? -4.346  13.245  15.385  1.00 25.62 ? 131 GLU A OE2 1 
ATOM   880  N N   . GLU A 1 109 ? -6.199  8.231   12.379  1.00 10.65 ? 132 GLU A N   1 
ATOM   881  C CA  . GLU A 1 109 ? -6.462  6.838   12.018  1.00 12.35 ? 132 GLU A CA  1 
ATOM   882  C C   . GLU A 1 109 ? -7.856  6.676   11.436  1.00 11.18 ? 132 GLU A C   1 
ATOM   883  O O   . GLU A 1 109 ? -8.840  7.178   12.010  1.00 13.20 ? 132 GLU A O   1 
ATOM   884  C CB  . GLU A 1 109 ? -6.273  5.911   13.221  1.00 12.89 ? 132 GLU A CB  1 
ATOM   885  C CG  . GLU A 1 109 ? -6.570  4.416   12.971  1.00 15.22 ? 132 GLU A CG  1 
ATOM   886  C CD  . GLU A 1 109 ? -6.465  3.626   14.281  1.00 20.15 ? 132 GLU A CD  1 
ATOM   887  O OE1 . GLU A 1 109 ? -5.458  2.928   14.477  1.00 22.76 ? 132 GLU A OE1 1 
ATOM   888  O OE2 . GLU A 1 109 ? -7.370  3.750   15.126  1.00 24.54 ? 132 GLU A OE2 1 
ATOM   889  N N   . ASP A 1 110 ? -7.929  6.032   10.282  1.00 9.46  ? 133 ASP A N   1 
ATOM   890  C CA  . ASP A 1 110 ? -9.195  5.653   9.658   1.00 9.85  ? 133 ASP A CA  1 
ATOM   891  C C   . ASP A 1 110 ? -9.171  4.158   9.396   1.00 10.91 ? 133 ASP A C   1 
ATOM   892  O O   . ASP A 1 110 ? -8.531  3.660   8.467   1.00 9.18  ? 133 ASP A O   1 
ATOM   893  C CB  . ASP A 1 110 ? -9.455  6.481   8.379   1.00 9.76  ? 133 ASP A CB  1 
ATOM   894  C CG  . ASP A 1 110 ? -10.708 6.055   7.669   1.00 10.19 ? 133 ASP A CG  1 
ATOM   895  O OD1 . ASP A 1 110 ? -11.537 5.375   8.329   1.00 11.86 ? 133 ASP A OD1 1 
ATOM   896  O OD2 . ASP A 1 110 ? -10.884 6.390   6.484   1.00 11.66 ? 133 ASP A OD2 1 
ATOM   897  N N   . CYS A 1 111 ? -9.867  3.415   10.259  1.00 12.08 ? 134 CYS A N   1 
ATOM   898  C CA  . CYS A 1 111 ? -9.943  1.961   10.106  1.00 13.86 ? 134 CYS A CA  1 
ATOM   899  C C   . CYS A 1 111 ? -11.270 1.483   9.536   1.00 14.27 ? 134 CYS A C   1 
ATOM   900  O O   . CYS A 1 111 ? -11.649 0.293   9.656   1.00 14.33 ? 134 CYS A O   1 
ATOM   901  C CB  . CYS A 1 111 ? -9.593  1.273   11.423  1.00 14.99 ? 134 CYS A CB  1 
ATOM   902  S SG  . CYS A 1 111 ? -7.840  1.244   11.782  1.00 18.15 ? 134 CYS A SG  1 
ATOM   903  N N   . THR A 1 112 ? -11.973 2.371   8.856   1.00 12.88 ? 135 THR A N   1 
ATOM   904  C CA  . THR A 1 112 ? -13.132 1.943   8.115   1.00 13.34 ? 135 THR A CA  1 
ATOM   905  C C   . THR A 1 112 ? -12.654 1.178   6.907   1.00 13.88 ? 135 THR A C   1 
ATOM   906  O O   . THR A 1 112 ? -11.482 1.307   6.485   1.00 14.71 ? 135 THR A O   1 
ATOM   907  C CB  . THR A 1 112 ? -14.047 3.083   7.737   1.00 12.92 ? 135 THR A CB  1 
ATOM   908  O OG1 . THR A 1 112 ? -13.318 4.031   6.953   1.00 14.38 ? 135 THR A OG1 1 
ATOM   909  C CG2 . THR A 1 112 ? -14.584 3.779   9.017   1.00 14.65 ? 135 THR A CG2 1 
ATOM   910  N N   A SER A 1 113 ? -13.555 0.370   6.365   0.50 13.34 ? 136 SER A N   1 
ATOM   911  N N   B SER A 1 113 ? -13.547 0.361   6.360   0.50 12.89 ? 136 SER A N   1 
ATOM   912  C CA  A SER A 1 113 ? -13.248 -0.396  5.172   0.50 13.63 ? 136 SER A CA  1 
ATOM   913  C CA  B SER A 1 113 ? -13.209 -0.470  5.207   0.50 12.60 ? 136 SER A CA  1 
ATOM   914  C C   A SER A 1 113 ? -13.045 0.478   3.951   0.50 13.65 ? 136 SER A C   1 
ATOM   915  C C   B SER A 1 113 ? -13.238 0.272   3.874   0.50 13.30 ? 136 SER A C   1 
ATOM   916  O O   A SER A 1 113 ? -13.568 1.590   3.851   0.50 13.20 ? 136 SER A O   1 
ATOM   917  O O   B SER A 1 113 ? -14.130 1.082   3.610   0.50 12.59 ? 136 SER A O   1 
ATOM   918  C CB  A SER A 1 113 ? -14.332 -1.427  4.899   0.50 14.06 ? 136 SER A CB  1 
ATOM   919  C CB  B SER A 1 113 ? -14.113 -1.693  5.142   0.50 13.04 ? 136 SER A CB  1 
ATOM   920  O OG  A SER A 1 113 ? -14.262 -2.443  5.877   0.50 16.80 ? 136 SER A OG  1 
ATOM   921  O OG  B SER A 1 113 ? -15.469 -1.336  5.304   0.50 11.28 ? 136 SER A OG  1 
ATOM   922  N N   . VAL A 1 114 ? -12.255 -0.057  3.026   1.00 12.90 ? 137 VAL A N   1 
ATOM   923  C CA  . VAL A 1 114 ? -12.138 0.487   1.669   1.00 14.45 ? 137 VAL A CA  1 
ATOM   924  C C   . VAL A 1 114 ? -13.085 -0.303  0.766   1.00 16.71 ? 137 VAL A C   1 
ATOM   925  O O   . VAL A 1 114 ? -13.037 -1.539  0.704   1.00 16.11 ? 137 VAL A O   1 
ATOM   926  C CB  . VAL A 1 114 ? -10.680 0.386   1.153   1.00 14.41 ? 137 VAL A CB  1 
ATOM   927  C CG1 . VAL A 1 114 ? -10.586 0.929   -0.276  1.00 13.77 ? 137 VAL A CG1 1 
ATOM   928  C CG2 . VAL A 1 114 ? -9.722  1.165   2.058   1.00 13.14 ? 137 VAL A CG2 1 
ATOM   929  N N   . THR A 1 115 ? -13.971 0.407   0.075   1.00 19.77 ? 138 THR A N   1 
ATOM   930  C CA  . THR A 1 115 ? -15.028 -0.264  -0.683  1.00 22.79 ? 138 THR A CA  1 
ATOM   931  C C   . THR A 1 115 ? -15.088 0.147   -2.157  1.00 23.23 ? 138 THR A C   1 
ATOM   932  O O   . THR A 1 115 ? -16.128 0.015   -2.792  1.00 24.23 ? 138 THR A O   1 
ATOM   933  C CB  . THR A 1 115 ? -16.433 -0.044  -0.048  1.00 23.21 ? 138 THR A CB  1 
ATOM   934  O OG1 . THR A 1 115 ? -16.538 1.312   0.383   1.00 26.68 ? 138 THR A OG1 1 
ATOM   935  C CG2 . THR A 1 115 ? -16.671 -0.989  1.151   1.00 26.73 ? 138 THR A CG2 1 
ATOM   936  N N   . ASP A 1 116 ? -13.989 0.672   -2.684  1.00 23.34 ? 139 ASP A N   1 
ATOM   937  C CA  . ASP A 1 116 ? -13.894 0.913   -4.123  1.00 24.49 ? 139 ASP A CA  1 
ATOM   938  C C   . ASP A 1 116 ? -12.459 1.156   -4.559  1.00 23.73 ? 139 ASP A C   1 
ATOM   939  O O   . ASP A 1 116 ? -11.590 1.524   -3.763  1.00 22.53 ? 139 ASP A O   1 
ATOM   940  C CB  . ASP A 1 116 ? -14.816 2.076   -4.574  1.00 26.04 ? 139 ASP A CB  1 
ATOM   941  C CG  . ASP A 1 116 ? -14.972 2.191   -6.142  1.00 28.82 ? 139 ASP A CG  1 
ATOM   942  O OD1 . ASP A 1 116 ? -14.700 1.231   -6.925  1.00 30.33 ? 139 ASP A OD1 1 
ATOM   943  O OD2 . ASP A 1 116 ? -15.390 3.280   -6.586  1.00 32.34 ? 139 ASP A OD2 1 
ATOM   944  N N   . LEU A 1 117 ? -12.230 0.950   -5.853  1.00 23.08 ? 140 LEU A N   1 
ATOM   945  C CA  . LEU A 1 117 ? -10.958 1.221   -6.481  1.00 21.76 ? 140 LEU A CA  1 
ATOM   946  C C   . LEU A 1 117 ? -11.335 2.277   -7.519  1.00 21.33 ? 140 LEU A C   1 
ATOM   947  O O   . LEU A 1 117 ? -11.540 1.948   -8.708  1.00 21.24 ? 140 LEU A O   1 
ATOM   948  C CB  . LEU A 1 117 ? -10.426 -0.071  -7.110  1.00 21.79 ? 140 LEU A CB  1 
ATOM   949  C CG  . LEU A 1 117 ? -9.047  -0.035  -7.782  1.00 20.53 ? 140 LEU A CG  1 
ATOM   950  C CD1 . LEU A 1 117 ? -7.960  0.288   -6.768  1.00 19.85 ? 140 LEU A CD1 1 
ATOM   951  C CD2 . LEU A 1 117 ? -8.658  -1.295  -8.529  1.00 20.57 ? 140 LEU A CD2 1 
ATOM   952  N N   . PRO A 1 118 ? -11.494 3.544   -7.064  1.00 20.10 ? 141 PRO A N   1 
ATOM   953  C CA  . PRO A 1 118 ? -12.258 4.570   -7.785  1.00 19.61 ? 141 PRO A CA  1 
ATOM   954  C C   . PRO A 1 118 ? -11.703 4.930   -9.151  1.00 18.46 ? 141 PRO A C   1 
ATOM   955  O O   . PRO A 1 118 ? -12.440 5.420   -10.004 1.00 19.11 ? 141 PRO A O   1 
ATOM   956  C CB  . PRO A 1 118 ? -12.178 5.794   -6.861  1.00 20.34 ? 141 PRO A CB  1 
ATOM   957  C CG  . PRO A 1 118 ? -10.993 5.516   -5.980  1.00 19.85 ? 141 PRO A CG  1 
ATOM   958  C CD  . PRO A 1 118 ? -10.937 4.063   -5.795  1.00 19.90 ? 141 PRO A CD  1 
ATOM   959  N N   . ASN A 1 119 ? -10.415 4.710   -9.366  1.00 15.69 ? 142 ASN A N   1 
ATOM   960  C CA  . ASN A 1 119 ? -9.782  5.204   -10.569 1.00 15.90 ? 142 ASN A CA  1 
ATOM   961  C C   . ASN A 1 119 ? -9.130  4.104   -11.403 1.00 14.32 ? 142 ASN A C   1 
ATOM   962  O O   . ASN A 1 119 ? -8.236  4.376   -12.217 1.00 15.54 ? 142 ASN A O   1 
ATOM   963  C CB  . ASN A 1 119 ? -8.780  6.286   -10.187 1.00 16.69 ? 142 ASN A CB  1 
ATOM   964  C CG  . ASN A 1 119 ? -8.411  7.162   -11.332 1.00 19.22 ? 142 ASN A CG  1 
ATOM   965  O OD1 . ASN A 1 119 ? -9.252  7.492   -12.193 1.00 21.04 ? 142 ASN A OD1 1 
ATOM   966  N ND2 . ASN A 1 119 ? -7.157  7.567   -11.371 1.00 20.10 ? 142 ASN A ND2 1 
ATOM   967  N N   . SER A 1 120 ? -9.606  2.870   -11.212 1.00 14.72 ? 143 SER A N   1 
ATOM   968  C CA  . SER A 1 120 ? -9.245  1.751   -12.114 1.00 14.98 ? 143 SER A CA  1 
ATOM   969  C C   . SER A 1 120 ? -9.908  1.988   -13.462 1.00 15.15 ? 143 SER A C   1 
ATOM   970  O O   . SER A 1 120 ? -10.910 2.709   -13.561 1.00 15.24 ? 143 SER A O   1 
ATOM   971  C CB  . SER A 1 120 ? -9.705  0.411   -11.517 1.00 14.94 ? 143 SER A CB  1 
ATOM   972  O OG  . SER A 1 120 ? -11.111 0.328   -11.461 1.00 17.72 ? 143 SER A OG  1 
ATOM   973  N N   . PHE A 1 121 ? -9.323  1.425   -14.498 1.00 13.12 ? 144 PHE A N   1 
ATOM   974  C CA  . PHE A 1 121 ? -9.883  1.647   -15.825 1.00 13.67 ? 144 PHE A CA  1 
ATOM   975  C C   . PHE A 1 121 ? -10.457 0.356   -16.367 1.00 14.27 ? 144 PHE A C   1 
ATOM   976  O O   . PHE A 1 121 ? -10.403 -0.698  -15.719 1.00 14.13 ? 144 PHE A O   1 
ATOM   977  C CB  . PHE A 1 121 ? -8.886  2.357   -16.761 1.00 15.18 ? 144 PHE A CB  1 
ATOM   978  C CG  . PHE A 1 121 ? -7.508  1.734   -16.823 1.00 15.69 ? 144 PHE A CG  1 
ATOM   979  C CD1 . PHE A 1 121 ? -7.235  0.692   -17.713 1.00 18.02 ? 144 PHE A CD1 1 
ATOM   980  C CD2 . PHE A 1 121 ? -6.478  2.213   -16.021 1.00 16.93 ? 144 PHE A CD2 1 
ATOM   981  C CE1 . PHE A 1 121 ? -5.936  0.125   -17.785 1.00 19.17 ? 144 PHE A CE1 1 
ATOM   982  C CE2 . PHE A 1 121 ? -5.188  1.664   -16.093 1.00 18.16 ? 144 PHE A CE2 1 
ATOM   983  C CZ  . PHE A 1 121 ? -4.921  0.621   -16.958 1.00 18.94 ? 144 PHE A CZ  1 
ATOM   984  N N   . ASP A 1 122 ? -11.088 0.441   -17.534 1.00 13.20 ? 145 ASP A N   1 
ATOM   985  C CA  . ASP A 1 122 ? -11.752 -0.724  -18.099 1.00 13.47 ? 145 ASP A CA  1 
ATOM   986  C C   . ASP A 1 122 ? -10.710 -1.857  -18.301 1.00 12.00 ? 145 ASP A C   1 
ATOM   987  O O   . ASP A 1 122 ? -9.577  -1.622  -18.710 1.00 12.85 ? 145 ASP A O   1 
ATOM   988  C CB  . ASP A 1 122 ? -12.345 -0.355  -19.472 1.00 13.46 ? 145 ASP A CB  1 
ATOM   989  C CG  . ASP A 1 122 ? -13.052 -1.532  -20.146 1.00 15.92 ? 145 ASP A CG  1 
ATOM   990  O OD1 . ASP A 1 122 ? -14.225 -1.798  -19.799 1.00 17.37 ? 145 ASP A OD1 1 
ATOM   991  O OD2 . ASP A 1 122 ? -12.446 -2.186  -21.027 1.00 17.97 ? 145 ASP A OD2 1 
ATOM   992  N N   . GLY A 1 123 ? -11.127 -3.091  -18.028 1.00 12.93 ? 146 GLY A N   1 
ATOM   993  C CA  . GLY A 1 123 ? -10.221 -4.219  -18.179 1.00 14.04 ? 146 GLY A CA  1 
ATOM   994  C C   . GLY A 1 123 ? -10.848 -5.547  -17.835 1.00 14.63 ? 146 GLY A C   1 
ATOM   995  O O   . GLY A 1 123 ? -11.979 -5.601  -17.366 1.00 13.32 ? 146 GLY A O   1 
ATOM   996  N N   . PRO A 1 124 ? -10.082 -6.633  -18.029 1.00 15.70 ? 147 PRO A N   1 
ATOM   997  C CA  . PRO A 1 124 ? -10.571 -7.995  -17.904 1.00 16.88 ? 147 PRO A CA  1 
ATOM   998  C C   . PRO A 1 124 ? -10.331 -8.658  -16.542 1.00 16.76 ? 147 PRO A C   1 
ATOM   999  O O   . PRO A 1 124 ? -10.822 -9.772  -16.315 1.00 18.19 ? 147 PRO A O   1 
ATOM   1000 C CB  . PRO A 1 124 ? -9.742  -8.739  -18.952 1.00 18.12 ? 147 PRO A CB  1 
ATOM   1001 C CG  . PRO A 1 124 ? -8.439  -8.031  -18.952 1.00 17.53 ? 147 PRO A CG  1 
ATOM   1002 C CD  . PRO A 1 124 ? -8.709  -6.577  -18.566 1.00 16.47 ? 147 PRO A CD  1 
ATOM   1003 N N   . VAL A 1 125 ? -9.600  -7.985  -15.661 1.00 15.83 ? 148 VAL A N   1 
ATOM   1004 C CA  . VAL A 1 125 ? -9.172  -8.599  -14.396 1.00 15.48 ? 148 VAL A CA  1 
ATOM   1005 C C   . VAL A 1 125 ? -10.239 -8.427  -13.342 1.00 14.55 ? 148 VAL A C   1 
ATOM   1006 O O   . VAL A 1 125 ? -10.782 -7.342  -13.161 1.00 14.43 ? 148 VAL A O   1 
ATOM   1007 C CB  . VAL A 1 125 ? -7.866  -7.966  -13.885 1.00 15.67 ? 148 VAL A CB  1 
ATOM   1008 C CG1 . VAL A 1 125 ? -7.352  -8.714  -12.640 1.00 15.85 ? 148 VAL A CG1 1 
ATOM   1009 C CG2 . VAL A 1 125 ? -6.791  -7.949  -14.974 1.00 17.74 ? 148 VAL A CG2 1 
ATOM   1010 N N   . THR A 1 126 ? -10.533 -9.498  -12.623 1.00 14.77 ? 149 THR A N   1 
ATOM   1011 C CA  . THR A 1 126 ? -11.345 -9.388  -11.421 1.00 14.97 ? 149 THR A CA  1 
ATOM   1012 C C   . THR A 1 126 ? -10.439 -8.913  -10.273 1.00 14.33 ? 149 THR A C   1 
ATOM   1013 O O   . THR A 1 126 ? -9.552  -9.635  -9.836  1.00 13.44 ? 149 THR A O   1 
ATOM   1014 C CB  . THR A 1 126 ? -12.027 -10.720 -11.049 1.00 16.17 ? 149 THR A CB  1 
ATOM   1015 O OG1 . THR A 1 126 ? -13.003 -11.041 -12.068 1.00 18.81 ? 149 THR A OG1 1 
ATOM   1016 C CG2 . THR A 1 126 ? -12.743 -10.600 -9.699  1.00 18.21 ? 149 THR A CG2 1 
ATOM   1017 N N   . ILE A 1 127 ? -10.671 -7.684  -9.823  1.00 12.57 ? 150 ILE A N   1 
ATOM   1018 C CA  . ILE A 1 127 ? -9.830  -7.071  -8.786  1.00 11.83 ? 150 ILE A CA  1 
ATOM   1019 C C   . ILE A 1 127 ? -10.612 -7.027  -7.496  1.00 12.14 ? 150 ILE A C   1 
ATOM   1020 O O   . ILE A 1 127 ? -11.679 -6.412  -7.445  1.00 12.96 ? 150 ILE A O   1 
ATOM   1021 C CB  . ILE A 1 127 ? -9.433  -5.645  -9.172  1.00 10.60 ? 150 ILE A CB  1 
ATOM   1022 C CG1 . ILE A 1 127 ? -8.652  -5.662  -10.478 1.00 12.81 ? 150 ILE A CG1 1 
ATOM   1023 C CG2 . ILE A 1 127 ? -8.555  -4.995  -8.058  1.00 11.03 ? 150 ILE A CG2 1 
ATOM   1024 C CD1 . ILE A 1 127 ? -8.507  -4.278  -11.136 1.00 16.70 ? 150 ILE A CD1 1 
ATOM   1025 N N   . THR A 1 128 ? -10.053 -7.599  -6.426  1.00 10.43 ? 151 THR A N   1 
ATOM   1026 C CA  . THR A 1 128 ? -10.759 -7.649  -5.172  1.00 10.69 ? 151 THR A CA  1 
ATOM   1027 C C   . THR A 1 128 ? -9.973  -6.889  -4.110  1.00 8.88  ? 151 THR A C   1 
ATOM   1028 O O   . THR A 1 128 ? -8.818  -7.248  -3.817  1.00 11.04 ? 151 THR A O   1 
ATOM   1029 C CB  . THR A 1 128 ? -10.987 -9.127  -4.716  1.00 11.91 ? 151 THR A CB  1 
ATOM   1030 O OG1 . THR A 1 128 ? -11.748 -9.814  -5.721  1.00 13.64 ? 151 THR A OG1 1 
ATOM   1031 C CG2 . THR A 1 128 ? -11.765 -9.199  -3.415  1.00 12.71 ? 151 THR A CG2 1 
ATOM   1032 N N   A ILE A 1 129 ? -10.612 -5.852  -3.558  0.50 9.67  ? 152 ILE A N   1 
ATOM   1033 N N   B ILE A 1 129 ? -10.593 -5.847  -3.545  0.50 9.53  ? 152 ILE A N   1 
ATOM   1034 C CA  A ILE A 1 129 ? -10.147 -5.176  -2.346  0.50 9.13  ? 152 ILE A CA  1 
ATOM   1035 C CA  B ILE A 1 129 ? -10.056 -5.176  -2.351  0.50 8.87  ? 152 ILE A CA  1 
ATOM   1036 C C   A ILE A 1 129 ? -10.468 -6.078  -1.166  0.50 9.12  ? 152 ILE A C   1 
ATOM   1037 C C   B ILE A 1 129 ? -10.455 -5.962  -1.120  0.50 8.93  ? 152 ILE A C   1 
ATOM   1038 O O   A ILE A 1 129 ? -11.628 -6.490  -0.971  0.50 8.78  ? 152 ILE A O   1 
ATOM   1039 O O   B ILE A 1 129 ? -11.653 -6.162  -0.839  0.50 8.69  ? 152 ILE A O   1 
ATOM   1040 C CB  A ILE A 1 129 ? -10.869 -3.825  -2.141  0.50 10.23 ? 152 ILE A CB  1 
ATOM   1041 C CB  B ILE A 1 129 ? -10.581 -3.751  -2.182  0.50 9.64  ? 152 ILE A CB  1 
ATOM   1042 C CG1 A ILE A 1 129 ? -10.810 -2.990  -3.424  0.50 10.62 ? 152 ILE A CG1 1 
ATOM   1043 C CG1 B ILE A 1 129 ? -10.089 -2.862  -3.320  0.50 10.18 ? 152 ILE A CG1 1 
ATOM   1044 C CG2 A ILE A 1 129 ? -10.280 -3.062  -0.969  0.50 10.55 ? 152 ILE A CG2 1 
ATOM   1045 C CG2 B ILE A 1 129 ? -10.155 -3.165  -0.835  0.50 10.41 ? 152 ILE A CG2 1 
ATOM   1046 C CD1 A ILE A 1 129 ? -9.497  -3.164  -4.183  0.50 14.24 ? 152 ILE A CD1 1 
ATOM   1047 C CD1 B ILE A 1 129 ? -10.817 -1.594  -3.396  0.50 9.36  ? 152 ILE A CD1 1 
ATOM   1048 N N   . VAL A 1 130 ? -9.441  -6.403  -0.385  1.00 8.05  ? 153 VAL A N   1 
ATOM   1049 C CA  . VAL A 1 130 ? -9.636  -7.162  0.846   1.00 7.75  ? 153 VAL A CA  1 
ATOM   1050 C C   . VAL A 1 130 ? -9.206  -6.332  2.047   1.00 8.36  ? 153 VAL A C   1 
ATOM   1051 O O   . VAL A 1 130 ? -8.030  -5.955  2.175   1.00 7.92  ? 153 VAL A O   1 
ATOM   1052 C CB  . VAL A 1 130 ? -8.828  -8.477  0.808   1.00 6.82  ? 153 VAL A CB  1 
ATOM   1053 C CG1 . VAL A 1 130 ? -9.221  -9.311  2.023   1.00 8.60  ? 153 VAL A CG1 1 
ATOM   1054 C CG2 . VAL A 1 130 ? -9.100  -9.289  -0.504  1.00 8.78  ? 153 VAL A CG2 1 
ATOM   1055 N N   . ASN A 1 131 ? -10.142 -6.057  2.958   1.00 7.51  ? 154 ASN A N   1 
ATOM   1056 C CA  . ASN A 1 131 ? -9.827  -5.340  4.170   1.00 7.27  ? 154 ASN A CA  1 
ATOM   1057 C C   . ASN A 1 131 ? -9.399  -6.298  5.256   1.00 7.11  ? 154 ASN A C   1 
ATOM   1058 O O   . ASN A 1 131 ? -9.645  -7.500  5.158   1.00 7.97  ? 154 ASN A O   1 
ATOM   1059 C CB  . ASN A 1 131 ? -11.092 -4.567  4.581   1.00 7.30  ? 154 ASN A CB  1 
ATOM   1060 C CG  . ASN A 1 131 ? -11.398 -3.467  3.611   1.00 9.38  ? 154 ASN A CG  1 
ATOM   1061 O OD1 . ASN A 1 131 ? -10.809 -2.382  3.703   1.00 10.40 ? 154 ASN A OD1 1 
ATOM   1062 N ND2 . ASN A 1 131 ? -12.306 -3.726  2.664   1.00 9.40  ? 154 ASN A ND2 1 
ATOM   1063 N N   A ARG A 1 132 ? -8.754  -5.781  6.300   0.50 7.32  ? 155 ARG A N   1 
ATOM   1064 N N   B ARG A 1 132 ? -8.764  -5.772  6.298   0.50 7.46  ? 155 ARG A N   1 
ATOM   1065 C CA  A ARG A 1 132 ? -8.246  -6.629  7.372   0.50 8.08  ? 155 ARG A CA  1 
ATOM   1066 C CA  B ARG A 1 132 ? -8.251  -6.609  7.369   0.50 8.32  ? 155 ARG A CA  1 
ATOM   1067 C C   A ARG A 1 132 ? -9.370  -7.359  8.133   0.50 7.71  ? 155 ARG A C   1 
ATOM   1068 C C   B ARG A 1 132 ? -9.369  -7.355  8.122   0.50 7.85  ? 155 ARG A C   1 
ATOM   1069 O O   A ARG A 1 132 ? -9.166  -8.478  8.620   0.50 8.11  ? 155 ARG A O   1 
ATOM   1070 O O   B ARG A 1 132 ? -9.160  -8.479  8.596   0.50 8.20  ? 155 ARG A O   1 
ATOM   1071 C CB  A ARG A 1 132 ? -7.327  -5.841  8.313   0.50 8.30  ? 155 ARG A CB  1 
ATOM   1072 C CB  B ARG A 1 132 ? -7.371  -5.793  8.315   0.50 8.73  ? 155 ARG A CB  1 
ATOM   1073 C CG  A ARG A 1 132 ? -6.706  -6.671  9.444   0.50 8.71  ? 155 ARG A CG  1 
ATOM   1074 C CG  B ARG A 1 132 ? -6.427  -6.636  9.148   0.50 9.86  ? 155 ARG A CG  1 
ATOM   1075 C CD  A ARG A 1 132 ? -5.705  -7.711  8.930   0.50 10.45 ? 155 ARG A CD  1 
ATOM   1076 C CD  B ARG A 1 132 ? -6.022  -5.902  10.412  0.50 12.56 ? 155 ARG A CD  1 
ATOM   1077 N NE  A ARG A 1 132 ? -6.375  -8.894  8.386   0.50 10.42 ? 155 ARG A NE  1 
ATOM   1078 N NE  B ARG A 1 132 ? -5.485  -6.823  11.415  0.50 14.25 ? 155 ARG A NE  1 
ATOM   1079 C CZ  A ARG A 1 132 ? -5.800  -10.079 8.192   0.50 8.13  ? 155 ARG A CZ  1 
ATOM   1080 C CZ  B ARG A 1 132 ? -4.213  -7.185  11.518  0.50 14.94 ? 155 ARG A CZ  1 
ATOM   1081 N NH1 A ARG A 1 132 ? -4.514  -10.270 8.495   0.50 9.98  ? 155 ARG A NH1 1 
ATOM   1082 N NH1 B ARG A 1 132 ? -3.291  -6.706  10.681  0.50 15.13 ? 155 ARG A NH1 1 
ATOM   1083 N NH2 A ARG A 1 132 ? -6.513  -11.067 7.674   0.50 10.90 ? 155 ARG A NH2 1 
ATOM   1084 N NH2 B ARG A 1 132 ? -3.861  -8.019  12.476  0.50 15.92 ? 155 ARG A NH2 1 
ATOM   1085 N N   . ASP A 1 133 ? -10.559 -6.737  8.197   1.00 7.55  ? 156 ASP A N   1 
ATOM   1086 C CA  . ASP A 1 133 ? -11.732 -7.383  8.809   1.00 7.84  ? 156 ASP A CA  1 
ATOM   1087 C C   . ASP A 1 133 ? -12.453 -8.329  7.860   1.00 8.72  ? 156 ASP A C   1 
ATOM   1088 O O   . ASP A 1 133 ? -13.509 -8.898  8.249   1.00 8.26  ? 156 ASP A O   1 
ATOM   1089 C CB  . ASP A 1 133 ? -12.716 -6.335  9.386   1.00 8.74  ? 156 ASP A CB  1 
ATOM   1090 C CG  . ASP A 1 133 ? -13.428 -5.524  8.300   1.00 7.79  ? 156 ASP A CG  1 
ATOM   1091 O OD1 . ASP A 1 133 ? -13.211 -5.754  7.093   1.00 9.99  ? 156 ASP A OD1 1 
ATOM   1092 O OD2 . ASP A 1 133 ? -14.203 -4.589  8.684   1.00 9.56  ? 156 ASP A OD2 1 
ATOM   1093 N N   . GLY A 1 134 ? -11.900 -8.527  6.665   1.00 8.26  ? 157 GLY A N   1 
ATOM   1094 C CA  . GLY A 1 134 ? -12.427 -9.540  5.755   1.00 8.47  ? 157 GLY A CA  1 
ATOM   1095 C C   . GLY A 1 134 ? -13.411 -8.993  4.752   1.00 8.13  ? 157 GLY A C   1 
ATOM   1096 O O   . GLY A 1 134 ? -13.721 -9.650  3.773   1.00 8.93  ? 157 GLY A O   1 
ATOM   1097 N N   A THR A 1 135 ? -13.951 -7.806  4.984   0.50 7.69  ? 158 THR A N   1 
ATOM   1098 N N   B THR A 1 135 ? -13.879 -7.764  4.979   0.50 8.00  ? 158 THR A N   1 
ATOM   1099 C CA  A THR A 1 135 ? -14.932 -7.329  4.032   0.50 7.73  ? 158 THR A CA  1 
ATOM   1100 C CA  B THR A 1 135 ? -14.797 -7.121  4.045   0.50 8.57  ? 158 THR A CA  1 
ATOM   1101 C C   A THR A 1 135 ? -14.228 -7.107  2.699   0.50 8.08  ? 158 THR A C   1 
ATOM   1102 C C   B THR A 1 135 ? -14.188 -7.008  2.646   0.50 8.55  ? 158 THR A C   1 
ATOM   1103 O O   A THR A 1 135 ? -13.049 -6.725  2.654   0.50 7.44  ? 158 THR A O   1 
ATOM   1104 O O   B THR A 1 135 ? -13.036 -6.570  2.488   0.50 7.78  ? 158 THR A O   1 
ATOM   1105 C CB  A THR A 1 135 ? -15.611 -6.059  4.529   0.50 7.22  ? 158 THR A CB  1 
ATOM   1106 C CB  B THR A 1 135 ? -15.189 -5.705  4.540   0.50 8.03  ? 158 THR A CB  1 
ATOM   1107 O OG1 A THR A 1 135 ? -14.611 -5.064  4.716   0.50 6.75  ? 158 THR A OG1 1 
ATOM   1108 O OG1 B THR A 1 135 ? -15.637 -5.751  5.902   0.50 10.12 ? 158 THR A OG1 1 
ATOM   1109 C CG2 A THR A 1 135 ? -16.344 -6.319  5.862   0.50 8.50  ? 158 THR A CG2 1 
ATOM   1110 C CG2 B THR A 1 135 ? -16.281 -5.154  3.683   0.50 8.69  ? 158 THR A CG2 1 
ATOM   1111 N N   . ARG A 1 136 ? -14.949 -7.386  1.630   1.00 8.80  ? 159 ARG A N   1 
ATOM   1112 C CA  . ARG A 1 136 ? -14.427 -7.366  0.267   1.00 10.08 ? 159 ARG A CA  1 
ATOM   1113 C C   . ARG A 1 136 ? -15.284 -6.619  -0.710  1.00 12.95 ? 159 ARG A C   1 
ATOM   1114 O O   . ARG A 1 136 ? -16.532 -6.567  -0.573  1.00 13.45 ? 159 ARG A O   1 
ATOM   1115 C CB  . ARG A 1 136 ? -14.322 -8.775  -0.296  1.00 11.60 ? 159 ARG A CB  1 
ATOM   1116 C CG  . ARG A 1 136 ? -13.116 -9.514  0.195   1.00 12.84 ? 159 ARG A CG  1 
ATOM   1117 C CD  . ARG A 1 136 ? -13.126 -10.995 -0.355  1.00 14.41 ? 159 ARG A CD  1 
ATOM   1118 N NE  . ARG A 1 136 ? -12.093 -11.745 0.327   1.00 13.25 ? 159 ARG A NE  1 
ATOM   1119 C CZ  . ARG A 1 136 ? -11.045 -12.353 -0.176  1.00 20.03 ? 159 ARG A CZ  1 
ATOM   1120 N NH1 . ARG A 1 136 ? -10.782 -12.420 -1.510  1.00 21.76 ? 159 ARG A NH1 1 
ATOM   1121 N NH2 . ARG A 1 136 ? -10.280 -12.954 0.731   1.00 16.45 ? 159 ARG A NH2 1 
ATOM   1122 N N   . TYR A 1 137 ? -14.602 -6.103  -1.720  1.00 14.16 ? 160 TYR A N   1 
ATOM   1123 C CA  . TYR A 1 137 ? -15.241 -5.415  -2.826  1.00 16.72 ? 160 TYR A CA  1 
ATOM   1124 C C   . TYR A 1 137 ? -14.528 -5.826  -4.095  1.00 16.95 ? 160 TYR A C   1 
ATOM   1125 O O   . TYR A 1 137 ? -13.299 -5.752  -4.169  1.00 16.59 ? 160 TYR A O   1 
ATOM   1126 C CB  . TYR A 1 137 ? -15.161 -3.894  -2.618  1.00 16.44 ? 160 TYR A CB  1 
ATOM   1127 C CG  . TYR A 1 137 ? -15.498 -3.099  -3.866  1.00 23.10 ? 160 TYR A CG  1 
ATOM   1128 C CD1 . TYR A 1 137 ? -16.832 -2.868  -4.227  1.00 26.56 ? 160 TYR A CD1 1 
ATOM   1129 C CD2 . TYR A 1 137 ? -14.487 -2.578  -4.684  1.00 25.67 ? 160 TYR A CD2 1 
ATOM   1130 C CE1 . TYR A 1 137 ? -17.151 -2.137  -5.380  1.00 27.30 ? 160 TYR A CE1 1 
ATOM   1131 C CE2 . TYR A 1 137 ? -14.803 -1.847  -5.842  1.00 27.26 ? 160 TYR A CE2 1 
ATOM   1132 C CZ  . TYR A 1 137 ? -16.139 -1.623  -6.176  1.00 28.03 ? 160 TYR A CZ  1 
ATOM   1133 O OH  . TYR A 1 137 ? -16.474 -0.893  -7.309  1.00 28.53 ? 160 TYR A OH  1 
ATOM   1134 N N   . SER A 1 138 ? -15.287 -6.279  -5.081  1.00 17.91 ? 161 SER A N   1 
ATOM   1135 C CA  . SER A 1 138 ? -14.689 -6.712  -6.329  1.00 18.59 ? 161 SER A CA  1 
ATOM   1136 C C   . SER A 1 138 ? -15.233 -5.878  -7.471  1.00 19.22 ? 161 SER A C   1 
ATOM   1137 O O   . SER A 1 138 ? -16.380 -5.395  -7.427  1.00 19.91 ? 161 SER A O   1 
ATOM   1138 C CB  . SER A 1 138 ? -14.981 -8.199  -6.595  1.00 19.21 ? 161 SER A CB  1 
ATOM   1139 O OG  . SER A 1 138 ? -14.368 -9.041  -5.631  1.00 21.91 ? 161 SER A OG  1 
ATOM   1140 N N   . LYS A 1 139 ? -14.402 -5.705  -8.483  1.00 18.57 ? 162 LYS A N   1 
ATOM   1141 C CA  . LYS A 1 139 ? -14.823 -5.108  -9.731  1.00 18.31 ? 162 LYS A CA  1 
ATOM   1142 C C   . LYS A 1 139 ? -13.935 -5.657  -10.827 1.00 18.30 ? 162 LYS A C   1 
ATOM   1143 O O   . LYS A 1 139 ? -12.795 -6.099  -10.577 1.00 17.69 ? 162 LYS A O   1 
ATOM   1144 C CB  . LYS A 1 139 ? -14.738 -3.570  -9.693  1.00 18.26 ? 162 LYS A CB  1 
ATOM   1145 C CG  . LYS A 1 139 ? -13.348 -3.000  -9.451  1.00 19.72 ? 162 LYS A CG  1 
ATOM   1146 C CD  . LYS A 1 139 ? -13.410 -1.502  -9.165  1.00 20.85 ? 162 LYS A CD  1 
ATOM   1147 C CE  . LYS A 1 139 ? -13.753 -0.653  -10.394 1.00 21.63 ? 162 LYS A CE  1 
ATOM   1148 N NZ  . LYS A 1 139 ? -13.653 0.843   -10.151 1.00 24.61 ? 162 LYS A NZ  1 
ATOM   1149 N N   . LYS A 1 140 ? -14.447 -5.618  -12.050 1.00 17.27 ? 163 LYS A N   1 
ATOM   1150 C CA  . LYS A 1 140 ? -13.676 -5.982  -13.218 1.00 17.44 ? 163 LYS A CA  1 
ATOM   1151 C C   . LYS A 1 140 ? -12.976 -4.710  -13.708 1.00 15.84 ? 163 LYS A C   1 
ATOM   1152 O O   . LYS A 1 140 ? -13.592 -3.637  -13.838 1.00 16.70 ? 163 LYS A O   1 
ATOM   1153 C CB  . LYS A 1 140 ? -14.602 -6.543  -14.310 1.00 18.73 ? 163 LYS A CB  1 
ATOM   1154 C CG  . LYS A 1 140 ? -13.878 -7.285  -15.421 1.00 22.59 ? 163 LYS A CG  1 
ATOM   1155 C CD  . LYS A 1 140 ? -14.819 -7.686  -16.587 1.00 28.65 ? 163 LYS A CD  1 
ATOM   1156 C CE  . LYS A 1 140 ? -15.449 -6.469  -17.328 1.00 31.43 ? 163 LYS A CE  1 
ATOM   1157 N NZ  . LYS A 1 140 ? -14.574 -5.808  -18.353 1.00 32.70 ? 163 LYS A NZ  1 
ATOM   1158 N N   . GLY A 1 141 ? -11.673 -4.802  -13.935 1.00 14.76 ? 164 GLY A N   1 
ATOM   1159 C CA  . GLY A 1 141 ? -10.967 -3.660  -14.495 1.00 13.10 ? 164 GLY A CA  1 
ATOM   1160 C C   . GLY A 1 141 ? -9.502  -3.940  -14.713 1.00 13.16 ? 164 GLY A C   1 
ATOM   1161 O O   . GLY A 1 141 ? -9.103  -5.100  -14.903 1.00 13.24 ? 164 GLY A O   1 
ATOM   1162 N N   . GLU A 1 142 ? -8.702  -2.876  -14.718 1.00 12.94 ? 165 GLU A N   1 
ATOM   1163 C CA  . GLU A 1 142 ? -7.250  -2.997  -14.832 1.00 13.27 ? 165 GLU A CA  1 
ATOM   1164 C C   . GLU A 1 142 ? -6.695  -1.726  -14.208 1.00 13.28 ? 165 GLU A C   1 
ATOM   1165 O O   . GLU A 1 142 ? -7.421  -0.729  -14.095 1.00 12.88 ? 165 GLU A O   1 
ATOM   1166 C CB  . GLU A 1 142 ? -6.835  -3.107  -16.311 1.00 13.84 ? 165 GLU A CB  1 
ATOM   1167 C CG  . GLU A 1 142 ? -5.323  -3.232  -16.612 1.00 15.33 ? 165 GLU A CG  1 
ATOM   1168 C CD  . GLU A 1 142 ? -4.624  -4.367  -15.835 1.00 16.57 ? 165 GLU A CD  1 
ATOM   1169 O OE1 . GLU A 1 142 ? -4.559  -5.519  -16.348 1.00 18.64 ? 165 GLU A OE1 1 
ATOM   1170 O OE2 . GLU A 1 142 ? -4.123  -4.100  -14.715 1.00 14.66 ? 165 GLU A OE2 1 
ATOM   1171 N N   . TYR A 1 143 ? -5.439  -1.763  -13.765 1.00 12.83 ? 166 TYR A N   1 
ATOM   1172 C CA  . TYR A 1 143 ? -4.748  -0.549  -13.307 1.00 12.44 ? 166 TYR A CA  1 
ATOM   1173 C C   . TYR A 1 143 ? -3.305  -0.470  -13.793 1.00 12.24 ? 166 TYR A C   1 
ATOM   1174 O O   . TYR A 1 143 ? -2.695  0.569   -13.696 1.00 12.35 ? 166 TYR A O   1 
ATOM   1175 C CB  . TYR A 1 143 ? -4.766  -0.443  -11.772 1.00 12.11 ? 166 TYR A CB  1 
ATOM   1176 C CG  . TYR A 1 143 ? -4.043  -1.604  -11.115 1.00 11.03 ? 166 TYR A CG  1 
ATOM   1177 C CD1 . TYR A 1 143 ? -2.677  -1.540  -10.877 1.00 13.64 ? 166 TYR A CD1 1 
ATOM   1178 C CD2 . TYR A 1 143 ? -4.737  -2.765  -10.753 1.00 12.68 ? 166 TYR A CD2 1 
ATOM   1179 C CE1 . TYR A 1 143 ? -1.981  -2.619  -10.275 1.00 12.64 ? 166 TYR A CE1 1 
ATOM   1180 C CE2 . TYR A 1 143 ? -4.052  -3.857  -10.168 1.00 15.88 ? 166 TYR A CE2 1 
ATOM   1181 C CZ  . TYR A 1 143 ? -2.684  -3.769  -9.942  1.00 13.93 ? 166 TYR A CZ  1 
ATOM   1182 O OH  . TYR A 1 143 ? -2.020  -4.868  -9.362  1.00 17.80 ? 166 TYR A OH  1 
ATOM   1183 N N   . ARG A 1 144 ? -2.782  -1.550  -14.377 1.00 13.64 ? 167 ARG A N   1 
ATOM   1184 C CA  . ARG A 1 144 ? -1.372  -1.576  -14.850 1.00 14.31 ? 167 ARG A CA  1 
ATOM   1185 C C   . ARG A 1 144 ? -1.269  -0.949  -16.236 1.00 15.51 ? 167 ARG A C   1 
ATOM   1186 O O   . ARG A 1 144 ? -2.014  -1.343  -17.140 1.00 17.04 ? 167 ARG A O   1 
ATOM   1187 C CB  . ARG A 1 144 ? -0.813  -3.018  -14.853 1.00 14.82 ? 167 ARG A CB  1 
ATOM   1188 C CG  . ARG A 1 144 ? -0.795  -3.666  -13.486 1.00 13.98 ? 167 ARG A CG  1 
ATOM   1189 C CD  . ARG A 1 144 ? -0.701  -5.179  -13.579 1.00 16.22 ? 167 ARG A CD  1 
ATOM   1190 N NE  . ARG A 1 144 ? -1.899  -5.769  -14.190 1.00 15.49 ? 167 ARG A NE  1 
ATOM   1191 C CZ  . ARG A 1 144 ? -2.040  -7.076  -14.409 1.00 18.25 ? 167 ARG A CZ  1 
ATOM   1192 N NH1 . ARG A 1 144 ? -1.072  -7.923  -14.036 1.00 16.73 ? 167 ARG A NH1 1 
ATOM   1193 N NH2 . ARG A 1 144 ? -3.143  -7.549  -14.969 1.00 19.63 ? 167 ARG A NH2 1 
ATOM   1194 N N   . THR A 1 145 ? -0.379  0.029   -16.371 1.00 16.22 ? 168 THR A N   1 
ATOM   1195 C CA  . THR A 1 145 ? -0.206  0.739   -17.631 1.00 19.35 ? 168 THR A CA  1 
ATOM   1196 C C   . THR A 1 145 ? 1.100   0.371   -18.313 1.00 20.85 ? 168 THR A C   1 
ATOM   1197 O O   . THR A 1 145 ? 1.298   0.746   -19.468 1.00 22.32 ? 168 THR A O   1 
ATOM   1198 C CB  . THR A 1 145 ? -0.205  2.271   -17.460 1.00 19.91 ? 168 THR A CB  1 
ATOM   1199 O OG1 . THR A 1 145 ? 0.989   2.687   -16.773 1.00 20.14 ? 168 THR A OG1 1 
ATOM   1200 C CG2 . THR A 1 145 ? -1.440  2.744   -16.719 1.00 20.25 ? 168 THR A CG2 1 
ATOM   1201 N N   . HIS A 1 146 ? 2.002   -0.319  -17.609 1.00 22.12 ? 169 HIS A N   1 
ATOM   1202 C CA  . HIS A 1 146 ? 3.305   -0.725  -18.175 1.00 24.15 ? 169 HIS A CA  1 
ATOM   1203 C C   . HIS A 1 146 ? 3.258   -2.184  -18.595 1.00 25.12 ? 169 HIS A C   1 
ATOM   1204 O O   . HIS A 1 146 ? 2.967   -3.059  -17.778 1.00 25.57 ? 169 HIS A O   1 
ATOM   1205 C CB  . HIS A 1 146 ? 4.448   -0.507  -17.171 1.00 24.13 ? 169 HIS A CB  1 
ATOM   1206 C CG  . HIS A 1 146 ? 4.631   0.924   -16.761 1.00 25.07 ? 169 HIS A CG  1 
ATOM   1207 N ND1 . HIS A 1 146 ? 3.882   1.515   -15.761 1.00 26.31 ? 169 HIS A ND1 1 
ATOM   1208 C CD2 . HIS A 1 146 ? 5.472   1.883   -17.219 1.00 26.76 ? 169 HIS A CD2 1 
ATOM   1209 C CE1 . HIS A 1 146 ? 4.260   2.773   -15.618 1.00 27.53 ? 169 HIS A CE1 1 
ATOM   1210 N NE2 . HIS A 1 146 ? 5.226   3.019   -16.483 1.00 26.79 ? 169 HIS A NE2 1 
ATOM   1211 N N   . GLN A 1 147 ? 3.532   -2.453  -19.875 1.00 27.47 ? 170 GLN A N   1 
ATOM   1212 C CA  . GLN A 1 147 ? 3.544   -3.835  -20.405 1.00 29.14 ? 170 GLN A CA  1 
ATOM   1213 C C   . GLN A 1 147 ? 4.440   -4.804  -19.609 1.00 29.55 ? 170 GLN A C   1 
ATOM   1214 O O   . GLN A 1 147 ? 4.049   -5.953  -19.340 1.00 30.00 ? 170 GLN A O   1 
ATOM   1215 C CB  . GLN A 1 147 ? 3.946   -3.840  -21.893 1.00 29.92 ? 170 GLN A CB  1 
ATOM   1216 C CG  . GLN A 1 147 ? 3.836   -5.214  -22.569 1.00 31.73 ? 170 GLN A CG  1 
ATOM   1217 C CD  . GLN A 1 147 ? 2.404   -5.697  -22.703 1.00 34.51 ? 170 GLN A CD  1 
ATOM   1218 O OE1 . GLN A 1 147 ? 1.962   -6.586  -21.965 1.00 36.76 ? 170 GLN A OE1 1 
ATOM   1219 N NE2 . GLN A 1 147 ? 1.673   -5.131  -23.663 1.00 36.12 ? 170 GLN A NE2 1 
ATOM   1220 N N   . GLU A 1 148 ? 5.630   -4.331  -19.237 1.00 29.98 ? 171 GLU A N   1 
ATOM   1221 C CA  . GLU A 1 148 ? 6.565   -5.084  -18.395 1.00 30.01 ? 171 GLU A CA  1 
ATOM   1222 C C   . GLU A 1 148 ? 5.900   -5.661  -17.142 1.00 29.33 ? 171 GLU A C   1 
ATOM   1223 O O   . GLU A 1 148 ? 6.373   -6.653  -16.600 1.00 28.64 ? 171 GLU A O   1 
ATOM   1224 C CB  . GLU A 1 148 ? 7.726   -4.194  -17.971 1.00 31.26 ? 171 GLU A CB  1 
ATOM   1225 C CG  . GLU A 1 148 ? 7.270   -2.940  -17.219 1.00 34.59 ? 171 GLU A CG  1 
ATOM   1226 C CD  . GLU A 1 148 ? 8.294   -1.828  -17.246 1.00 37.73 ? 171 GLU A CD  1 
ATOM   1227 O OE1 . GLU A 1 148 ? 8.508   -1.256  -18.334 1.00 38.85 ? 171 GLU A OE1 1 
ATOM   1228 O OE2 . GLU A 1 148 ? 8.876   -1.530  -16.175 1.00 39.34 ? 171 GLU A OE2 1 
ATOM   1229 N N   . ASP A 1 149 ? 4.810   -5.039  -16.689 1.00 27.81 ? 172 ASP A N   1 
ATOM   1230 C CA  . ASP A 1 149 ? 4.139   -5.474  -15.468 1.00 27.66 ? 172 ASP A CA  1 
ATOM   1231 C C   . ASP A 1 149 ? 3.023   -6.491  -15.658 1.00 28.90 ? 172 ASP A C   1 
ATOM   1232 O O   . ASP A 1 149 ? 2.610   -7.140  -14.688 1.00 29.90 ? 172 ASP A O   1 
ATOM   1233 C CB  . ASP A 1 149 ? 3.615   -4.268  -14.665 1.00 25.33 ? 172 ASP A CB  1 
ATOM   1234 C CG  . ASP A 1 149 ? 4.735   -3.429  -14.083 1.00 23.13 ? 172 ASP A CG  1 
ATOM   1235 O OD1 . ASP A 1 149 ? 5.749   -4.011  -13.618 1.00 19.70 ? 172 ASP A OD1 1 
ATOM   1236 O OD2 . ASP A 1 149 ? 4.597   -2.186  -14.086 1.00 19.31 ? 172 ASP A OD2 1 
ATOM   1237 N N   . ILE A 1 150 ? 2.538   -6.646  -16.885 1.00 29.97 ? 173 ILE A N   1 
ATOM   1238 C CA  . ILE A 1 150 ? 1.385   -7.519  -17.100 1.00 30.70 ? 173 ILE A CA  1 
ATOM   1239 C C   . ILE A 1 150 ? 1.766   -8.953  -17.483 1.00 31.16 ? 173 ILE A C   1 
ATOM   1240 O O   . ILE A 1 150 ? 1.643   -9.860  -16.649 1.00 32.25 ? 173 ILE A O   1 
ATOM   1241 C CB  . ILE A 1 150 ? 0.367   -6.917  -18.083 1.00 30.88 ? 173 ILE A CB  1 
ATOM   1242 C CG1 . ILE A 1 150 ? -0.070  -5.525  -17.597 1.00 29.26 ? 173 ILE A CG1 1 
ATOM   1243 C CG2 . ILE A 1 150 ? -0.848  -7.857  -18.206 1.00 31.16 ? 173 ILE A CG2 1 
ATOM   1244 C CD1 . ILE A 1 150 ? -0.813  -4.706  -18.628 1.00 29.21 ? 173 ILE A CD1 1 
HETATM 1245 S S   . DMS B 2 .   ? -10.789 -2.504  7.775   1.00 21.26 ? 201 DMS A S   1 
HETATM 1246 O O   . DMS B 2 .   ? -10.233 -4.031  8.293   1.00 16.85 ? 201 DMS A O   1 
HETATM 1247 C C1  . DMS B 2 .   ? -12.371 -2.187  8.593   1.00 15.30 ? 201 DMS A C1  1 
HETATM 1248 C C2  . DMS B 2 .   ? -9.636  -1.504  8.746   1.00 18.52 ? 201 DMS A C2  1 
HETATM 1249 C C1  . GOL C 3 .   ? 10.662  -8.729  5.487   1.00 30.51 ? 202 GOL A C1  1 
HETATM 1250 O O1  . GOL C 3 .   ? 9.460   -9.199  4.940   1.00 23.64 ? 202 GOL A O1  1 
HETATM 1251 C C2  . GOL C 3 .   ? 10.451  -8.668  6.986   1.00 30.75 ? 202 GOL A C2  1 
HETATM 1252 O O2  . GOL C 3 .   ? 9.091   -8.948  7.183   1.00 32.71 ? 202 GOL A O2  1 
HETATM 1253 C C3  . GOL C 3 .   ? 10.699  -7.232  7.404   1.00 31.75 ? 202 GOL A C3  1 
HETATM 1254 O O3  . GOL C 3 .   ? 11.784  -7.175  8.290   1.00 29.55 ? 202 GOL A O3  1 
HETATM 1255 C CAE . 2CK D 4 .   ? -1.321  -7.823  6.312   1.00 25.68 ? 203 2CK A CAE 1 
HETATM 1256 C CAF . 2CK D 4 .   ? -2.347  -6.722  5.953   1.00 25.35 ? 203 2CK A CAF 1 
HETATM 1257 C CAI . 2CK D 4 .   ? -3.566  -7.232  5.441   1.00 21.59 ? 203 2CK A CAI 1 
HETATM 1258 C CAC . 2CK D 4 .   ? -4.571  -6.318  5.169   1.00 20.34 ? 203 2CK A CAC 1 
HETATM 1259 C CAA . 2CK D 4 .   ? -5.809  -6.718  4.664   1.00 13.47 ? 203 2CK A CAA 1 
HETATM 1260 C CAB . 2CK D 4 .   ? -6.050  -8.074  4.415   1.00 15.92 ? 203 2CK A CAB 1 
HETATM 1261 C CAD . 2CK D 4 .   ? -5.049  -9.017  4.699   1.00 18.90 ? 203 2CK A CAD 1 
HETATM 1262 C CAJ . 2CK D 4 .   ? -3.798  -8.601  5.203   1.00 21.37 ? 203 2CK A CAJ 1 
HETATM 1263 C CAG . 2CK D 4 .   ? -2.798  -9.565  5.486   1.00 22.85 ? 203 2CK A CAG 1 
HETATM 1264 N NAH . 2CK D 4 .   ? -1.430  -9.008  5.452   1.00 25.72 ? 203 2CK A NAH 1 
HETATM 1265 S S   . SO4 E 5 .   ? -8.216  5.026   0.237   1.00 43.15 ? 204 SO4 A S   1 
HETATM 1266 O O1  . SO4 E 5 .   ? -9.683  5.057   0.151   1.00 46.71 ? 204 SO4 A O1  1 
HETATM 1267 O O2  . SO4 E 5 .   ? -7.806  5.975   1.277   1.00 44.77 ? 204 SO4 A O2  1 
HETATM 1268 O O3  . SO4 E 5 .   ? -7.785  3.669   0.581   1.00 46.55 ? 204 SO4 A O3  1 
HETATM 1269 O O4  . SO4 E 5 .   ? -7.695  5.397   -1.080  1.00 43.64 ? 204 SO4 A O4  1 
HETATM 1270 O O   . HOH F 6 .   ? 2.634   -7.266  -2.783  1.00 8.41  ? 301 HOH A O   1 
HETATM 1271 O O   . HOH F 6 .   ? -6.250  8.530   7.359   1.00 8.31  ? 302 HOH A O   1 
HETATM 1272 O O   . HOH F 6 .   ? 20.772  -3.944  -5.842  1.00 11.61 ? 303 HOH A O   1 
HETATM 1273 O O   . HOH F 6 .   ? -16.279 -3.279  7.279   1.00 9.47  ? 304 HOH A O   1 
HETATM 1274 O O   . HOH F 6 .   ? 2.579   11.709  -2.213  1.00 14.02 ? 305 HOH A O   1 
HETATM 1275 O O   . HOH F 6 .   ? 15.480  2.301   -0.251  1.00 10.68 ? 306 HOH A O   1 
HETATM 1276 O O   . HOH F 6 .   ? 11.948  -8.089  -4.109  1.00 12.56 ? 307 HOH A O   1 
HETATM 1277 O O   . HOH F 6 .   ? -9.053  11.249  11.601  1.00 15.15 ? 308 HOH A O   1 
HETATM 1278 O O   . HOH F 6 .   ? -2.914  14.383  8.915   1.00 10.96 ? 309 HOH A O   1 
HETATM 1279 O O   . HOH F 6 .   ? 2.100   -1.143  -14.526 1.00 17.73 ? 310 HOH A O   1 
HETATM 1280 O O   . HOH F 6 .   ? 10.890  -3.247  14.639  1.00 14.09 ? 311 HOH A O   1 
HETATM 1281 O O   . HOH F 6 .   ? -9.600  6.643   4.232   1.00 14.52 ? 312 HOH A O   1 
HETATM 1282 O O   . HOH F 6 .   ? 0.329   -4.433  7.019   1.00 15.91 ? 313 HOH A O   1 
HETATM 1283 O O   . HOH F 6 .   ? -6.689  -3.193  11.222  1.00 19.04 ? 314 HOH A O   1 
HETATM 1284 O O   . HOH F 6 .   ? -1.956  -4.800  3.496   1.00 15.74 ? 315 HOH A O   1 
HETATM 1285 O O   . HOH F 6 .   ? 16.661  3.410   8.349   1.00 17.31 ? 316 HOH A O   1 
HETATM 1286 O O   . HOH F 6 .   ? 5.861   15.969  1.555   1.00 21.36 ? 317 HOH A O   1 
HETATM 1287 O O   . HOH F 6 .   ? -0.790  0.470   12.353  1.00 16.43 ? 318 HOH A O   1 
HETATM 1288 O O   . HOH F 6 .   ? 4.391   16.760  3.580   1.00 21.27 ? 319 HOH A O   1 
HETATM 1289 O O   . HOH F 6 .   ? -2.649  15.781  11.668  1.00 19.06 ? 320 HOH A O   1 
HETATM 1290 O O   . HOH F 6 .   ? -8.228  -3.009  6.250   1.00 16.34 ? 321 HOH A O   1 
HETATM 1291 O O   . HOH F 6 .   ? 11.499  7.924   11.281  1.00 18.49 ? 322 HOH A O   1 
HETATM 1292 O O   . HOH F 6 .   ? -12.589 -11.912 2.808   1.00 21.02 ? 323 HOH A O   1 
HETATM 1293 O O   . HOH F 6 .   ? 9.510   14.162  2.175   1.00 19.81 ? 324 HOH A O   1 
HETATM 1294 O O   . HOH F 6 .   ? -3.773  -12.401 0.505   1.00 22.24 ? 325 HOH A O   1 
HETATM 1295 O O   . HOH F 6 .   ? 2.874   8.428   -7.195  1.00 17.66 ? 326 HOH A O   1 
HETATM 1296 O O   . HOH F 6 .   ? -6.357  -11.661 1.307   1.00 21.61 ? 327 HOH A O   1 
HETATM 1297 O O   . HOH F 6 .   ? 18.546  3.384   0.694   1.00 17.30 ? 328 HOH A O   1 
HETATM 1298 O O   . HOH F 6 .   ? -3.626  3.028   -12.708 1.00 16.04 ? 329 HOH A O   1 
HETATM 1299 O O   . HOH F 6 .   ? 2.691   -9.203  -9.714  1.00 22.01 ? 330 HOH A O   1 
HETATM 1300 O O   . HOH F 6 .   ? 12.323  8.723   0.366   1.00 17.50 ? 331 HOH A O   1 
HETATM 1301 O O   . HOH F 6 .   ? -4.948  -2.334  9.166   1.00 16.63 ? 332 HOH A O   1 
HETATM 1302 O O   . HOH F 6 .   ? 2.356   -5.873  8.131   1.00 15.78 ? 333 HOH A O   1 
HETATM 1303 O O   . HOH F 6 .   ? -0.998  13.483  -3.470  1.00 25.08 ? 334 HOH A O   1 
HETATM 1304 O O   . HOH F 6 .   ? -13.881 -3.203  -16.676 1.00 19.17 ? 335 HOH A O   1 
HETATM 1305 O O   . HOH F 6 .   ? 20.245  2.041   -0.804  1.00 18.51 ? 336 HOH A O   1 
HETATM 1306 O O   . HOH F 6 .   ? 7.416   10.523  12.904  1.00 18.64 ? 337 HOH A O   1 
HETATM 1307 O O   . HOH F 6 .   ? 11.112  -2.075  -8.914  1.00 19.91 ? 338 HOH A O   1 
HETATM 1308 O O   . HOH F 6 .   ? 12.801  -6.735  -11.904 1.00 21.10 ? 339 HOH A O   1 
HETATM 1309 O O   . HOH F 6 .   ? 16.426  8.724   1.403   1.00 24.83 ? 340 HOH A O   1 
HETATM 1310 O O   . HOH F 6 .   ? 1.245   -11.280 -7.148  1.00 24.26 ? 341 HOH A O   1 
HETATM 1311 O O   . HOH F 6 .   ? -9.411  -0.695  5.439   1.00 21.67 ? 342 HOH A O   1 
HETATM 1312 O O   . HOH F 6 .   ? 6.035   -12.327 0.422   1.00 27.20 ? 343 HOH A O   1 
HETATM 1313 O O   . HOH F 6 .   ? 5.898   -10.976 5.745   1.00 27.23 ? 344 HOH A O   1 
HETATM 1314 O O   . HOH F 6 .   ? -11.578 4.405   12.317  1.00 21.36 ? 345 HOH A O   1 
HETATM 1315 O O   . HOH F 6 .   ? 4.793   -5.865  -10.438 1.00 21.76 ? 346 HOH A O   1 
HETATM 1316 O O   . HOH F 6 .   ? -3.954  8.727   15.477  1.00 24.32 ? 347 HOH A O   1 
HETATM 1317 O O   . HOH F 6 .   ? 4.781   10.715  -5.032  1.00 21.82 ? 348 HOH A O   1 
HETATM 1318 O O   . HOH F 6 .   ? 19.502  5.092   2.659   1.00 25.03 ? 349 HOH A O   1 
HETATM 1319 O O   . HOH F 6 .   ? -12.386 -0.625  -13.604 1.00 18.67 ? 350 HOH A O   1 
HETATM 1320 O O   . HOH F 6 .   ? -0.336  -1.938  13.404  1.00 27.13 ? 351 HOH A O   1 
HETATM 1321 O O   . HOH F 6 .   ? 18.536  2.287   6.788   1.00 20.52 ? 352 HOH A O   1 
HETATM 1322 O O   . HOH F 6 .   ? 10.065  11.518  -0.388  1.00 26.64 ? 353 HOH A O   1 
HETATM 1323 O O   . HOH F 6 .   ? 3.510   -4.725  12.981  1.00 30.57 ? 354 HOH A O   1 
HETATM 1324 O O   . HOH F 6 .   ? 23.046  -2.548  4.127   1.00 28.32 ? 355 HOH A O   1 
HETATM 1325 O O   . HOH F 6 .   ? 20.599  -7.251  -8.247  1.00 20.50 ? 356 HOH A O   1 
HETATM 1326 O O   . HOH F 6 .   ? 15.735  2.368   15.362  1.00 23.97 ? 357 HOH A O   1 
HETATM 1327 O O   . HOH F 6 .   ? -8.238  -14.855 -0.760  1.00 22.65 ? 358 HOH A O   1 
HETATM 1328 O O   . HOH F 6 .   ? -9.160  12.067  14.165  1.00 33.42 ? 359 HOH A O   1 
HETATM 1329 O O   . HOH F 6 .   ? 4.502   6.886   16.638  1.00 22.46 ? 360 HOH A O   1 
# 
